data_6C08
#
_entry.id   6C08
#
_cell.length_a   136.613
_cell.length_b   82.808
_cell.length_c   158.922
_cell.angle_alpha   90.000
_cell.angle_beta   100.020
_cell.angle_gamma   90.000
#
_symmetry.space_group_name_H-M   'P 1 21 1'
#
loop_
_entity.id
_entity.type
_entity.pdbx_description
1 polymer 'antibody Fab Heavy Chain'
2 polymer 'antibody Fab light chain'
3 polymer 'Sodium-coupled neutral amino acid transporter 9'
4 non-polymer ARGININE
#
loop_
_entity_poly.entity_id
_entity_poly.type
_entity_poly.pdbx_seq_one_letter_code
_entity_poly.pdbx_strand_id
1 'polypeptide(L)'
;QIQLVQSGPKLSKPGGTDKISSKASGYSFTDYVMNWVKAGPGKGLEWNGSINTSNGYTTYISAFKGRGSFSVDSSASTAA
QQLSVLKAAATAVYFNARNFRGNGAMDYWGQGTSVTVSSAKTTAPSVYPLEVS(UNK)(UNK)(UNK)(UNK)TGSSVTL
GCLVKGYFPEPVTLTWNSGSLSSGVHTFPAVLASDLYTLSSSVTVTSSTWPSQSITCNVAHPASSTKVDKKIEP
;
A,D
2 'polypeptide(L)'
;DILMTQSPSSLSVVVGFYVTITSQASNNITTYSSFIFWYQQKPGQAPKLLIYDSSTLESGIPGRFSGSGSGRDFSLTIGP
NQPADGATYEDLQYNGEVRTFGGGTKLEIKRADAAPTVSIFPPSSEQLTSGGAEVVCFLNNFYPKNINVAWKIDGGERQN
GVLNSWTDQDSADSTYSMSSTLTLTKDEYERHASYTCEATHQTSTSPIVKSFNRN
;
B,E
3 'polypeptide(L)'
;LAPPDHVIPSHEDIYIYSPLGTAFKVQGGDSPIKNPSIVTIFAIWNTMMGTSILSIPWGIKQAGFTLGIIIIVLMGLLTL
YCCYRVLKSTKSIPYVDTSDWEFPDVCKYYFGGFGKWSSLVFSLVSLIGAMVVYWVLMSNFLFNTGKFIFNYVHNVQTSD
AFGTQGTERVICPYPDVDPHGQSSTSLYSGSDQSTGLEFDHWWSKTNTIPFYLILLLLPLLNFRSASFFARFTFLGTISV
IYLIFLVTYKAIQLGFHLEFHWFDSSMFFVPEFRTLFPQLSGVLTLAFFIHNCIITLMKNNKHQENNVRDLSLAYLLVGL
TYLYVGVLIFAAFPSPPLSKECIEPNFLDNFPSSDILVFVARTFLLFQMTTVYPLLGYLVRVQLMGQIFGNHYPGFLHVF
VLNVFVVGAGVLMARFYPNIGSIIRYSGALCGLALVFVLPSLIHMVSLKRRGELRWTSTLFHGFLILLGVANLLGQFFM
;
C,F
#
# COMPACT_ATOMS: atom_id res chain seq x y z
N GLN A 1 -14.04 0.48 35.91
CA GLN A 1 -12.77 0.14 35.27
C GLN A 1 -12.94 0.10 33.76
N ILE A 2 -12.70 1.24 33.10
CA ILE A 2 -12.86 1.33 31.66
C ILE A 2 -11.89 0.36 31.00
N GLN A 3 -12.35 -0.28 29.93
CA GLN A 3 -11.58 -1.35 29.33
C GLN A 3 -12.00 -1.53 27.88
N LEU A 4 -11.02 -1.45 26.98
CA LEU A 4 -11.19 -1.84 25.58
C LEU A 4 -10.29 -3.05 25.35
N VAL A 5 -10.90 -4.18 24.98
CA VAL A 5 -10.17 -5.41 24.74
C VAL A 5 -10.37 -5.79 23.29
N GLN A 6 -9.27 -6.04 22.59
CA GLN A 6 -9.28 -6.26 21.15
C GLN A 6 -9.17 -7.75 20.83
N SER A 7 -9.41 -8.06 19.57
CA SER A 7 -9.33 -9.43 19.07
C SER A 7 -7.86 -9.88 19.10
N GLY A 8 -7.64 -11.14 18.72
CA GLY A 8 -6.33 -11.73 18.79
C GLY A 8 -5.49 -11.39 17.58
N PRO A 9 -4.23 -11.82 17.62
CA PRO A 9 -3.33 -11.59 16.48
C PRO A 9 -3.83 -12.31 15.24
N LYS A 10 -3.73 -11.63 14.10
CA LYS A 10 -4.23 -12.15 12.83
C LYS A 10 -3.10 -12.35 11.83
N LEU A 11 -3.17 -13.46 11.10
CA LEU A 11 -2.28 -13.73 9.98
C LEU A 11 -3.12 -13.63 8.71
N SER A 12 -2.84 -12.63 7.89
CA SER A 12 -3.60 -12.39 6.67
C SER A 12 -2.76 -12.78 5.46
N LYS A 13 -3.41 -13.34 4.46
CA LYS A 13 -2.73 -13.62 3.21
C LYS A 13 -2.70 -12.36 2.34
N PRO A 14 -1.68 -12.21 1.50
CA PRO A 14 -1.67 -11.07 0.57
C PRO A 14 -2.91 -11.08 -0.29
N GLY A 15 -3.60 -9.93 -0.35
CA GLY A 15 -4.89 -9.85 -0.97
C GLY A 15 -6.04 -10.23 -0.05
N GLY A 16 -5.76 -11.00 1.00
CA GLY A 16 -6.80 -11.42 1.92
C GLY A 16 -7.42 -10.27 2.68
N THR A 17 -8.39 -10.57 3.53
CA THR A 17 -9.11 -9.57 4.30
C THR A 17 -9.23 -10.05 5.73
N ASP A 18 -9.57 -9.13 6.63
CA ASP A 18 -9.75 -9.46 8.05
C ASP A 18 -10.57 -8.36 8.70
N LYS A 19 -11.09 -8.67 9.89
CA LYS A 19 -11.93 -7.75 10.63
C LYS A 19 -11.47 -7.71 12.07
N ILE A 20 -11.22 -6.50 12.57
CA ILE A 20 -10.63 -6.28 13.89
C ILE A 20 -11.69 -5.65 14.78
N SER A 21 -11.81 -6.14 16.00
CA SER A 21 -12.87 -5.74 16.92
C SER A 21 -12.27 -5.14 18.19
N SER A 22 -13.09 -4.36 18.89
CA SER A 22 -12.71 -3.76 20.17
C SER A 22 -13.94 -3.64 21.04
N LYS A 23 -13.90 -4.29 22.20
CA LYS A 23 -15.08 -4.47 23.05
C LYS A 23 -15.00 -3.51 24.23
N ALA A 24 -15.92 -2.54 24.26
CA ALA A 24 -15.92 -1.52 25.30
C ALA A 24 -16.74 -1.96 26.50
N SER A 25 -16.29 -1.59 27.69
CA SER A 25 -17.00 -1.91 28.92
C SER A 25 -16.52 -1.00 30.03
N GLY A 26 -17.46 -0.37 30.73
CA GLY A 26 -17.11 0.49 31.86
C GLY A 26 -17.59 1.91 31.66
N TYR A 27 -18.34 2.16 30.60
CA TYR A 27 -18.78 3.49 30.25
C TYR A 27 -19.89 3.37 29.22
N SER A 28 -20.73 4.41 29.15
CA SER A 28 -21.79 4.44 28.15
C SER A 28 -21.16 4.54 26.76
N PHE A 29 -21.46 3.54 25.92
CA PHE A 29 -20.76 3.41 24.65
C PHE A 29 -21.02 4.57 23.72
N THR A 30 -22.23 5.14 23.75
CA THR A 30 -22.64 6.16 22.79
C THR A 30 -22.26 7.58 23.20
N ASP A 31 -21.77 7.78 24.42
CA ASP A 31 -21.38 9.11 24.88
C ASP A 31 -19.96 9.47 24.48
N TYR A 32 -19.23 8.54 23.85
CA TYR A 32 -17.84 8.73 23.47
C TYR A 32 -17.65 8.31 22.01
N VAL A 33 -16.48 8.65 21.48
CA VAL A 33 -16.14 8.44 20.08
C VAL A 33 -15.02 7.40 20.01
N MET A 34 -15.10 6.53 19.01
CA MET A 34 -14.13 5.44 18.85
C MET A 34 -13.19 5.77 17.70
N ASN A 35 -11.90 5.68 17.95
CA ASN A 35 -10.85 6.03 16.99
C ASN A 35 -9.92 4.84 16.80
N TRP A 36 -9.26 4.81 15.64
CA TRP A 36 -8.32 3.74 15.31
C TRP A 36 -6.98 4.34 14.88
N VAL A 37 -5.89 3.65 15.26
CA VAL A 37 -4.55 4.15 15.06
C VAL A 37 -3.66 3.00 14.60
N LYS A 38 -2.64 3.32 13.80
CA LYS A 38 -1.72 2.36 13.22
C LYS A 38 -0.29 2.66 13.66
N ALA A 39 0.48 1.61 13.91
CA ALA A 39 1.85 1.74 14.38
C ALA A 39 2.77 0.86 13.52
N GLY A 40 3.39 1.46 12.51
CA GLY A 40 4.37 0.77 11.71
C GLY A 40 5.71 0.66 12.42
N PRO A 41 6.59 -0.16 11.86
CA PRO A 41 7.89 -0.39 12.51
C PRO A 41 8.73 0.88 12.50
N GLY A 42 9.14 1.31 13.70
CA GLY A 42 9.95 2.51 13.82
C GLY A 42 9.18 3.78 13.51
N LYS A 43 8.43 3.76 12.41
CA LYS A 43 7.59 4.88 12.04
C LYS A 43 6.59 5.19 13.16
N GLY A 44 6.11 6.43 13.17
CA GLY A 44 5.23 6.86 14.23
C GLY A 44 3.85 6.25 14.13
N LEU A 45 2.91 6.86 14.83
CA LEU A 45 1.51 6.45 14.79
C LEU A 45 0.79 7.17 13.66
N GLU A 46 -0.24 6.53 13.13
CA GLU A 46 -1.03 7.12 12.04
C GLU A 46 -2.51 6.97 12.37
N TRP A 47 -3.17 8.10 12.58
CA TRP A 47 -4.62 8.11 12.67
C TRP A 47 -5.20 7.63 11.33
N ASN A 48 -6.08 6.62 11.37
CA ASN A 48 -6.63 6.03 10.16
C ASN A 48 -8.15 6.16 10.10
N GLY A 49 -8.73 7.02 10.93
CA GLY A 49 -10.17 7.20 10.93
C GLY A 49 -10.86 7.01 12.27
N SER A 50 -12.10 7.52 12.37
CA SER A 50 -12.82 7.55 13.63
C SER A 50 -14.31 7.61 13.33
N ILE A 51 -15.12 7.23 14.33
CA ILE A 51 -16.55 7.05 14.13
C ILE A 51 -17.29 7.52 15.37
N ASN A 52 -18.31 8.36 15.19
CA ASN A 52 -19.26 8.63 16.27
C ASN A 52 -20.31 7.52 16.28
N THR A 53 -20.78 7.19 17.47
CA THR A 53 -21.66 6.06 17.66
C THR A 53 -23.14 6.44 17.80
N SER A 54 -23.43 7.59 18.42
CA SER A 54 -24.82 8.01 18.57
C SER A 54 -25.48 8.30 17.23
N ASN A 55 -24.69 8.72 16.23
CA ASN A 55 -25.22 9.08 14.93
C ASN A 55 -24.52 8.36 13.79
N GLY A 56 -23.56 7.49 14.07
CA GLY A 56 -23.05 6.59 13.05
C GLY A 56 -22.16 7.22 12.01
N TYR A 57 -21.67 8.43 12.25
CA TYR A 57 -20.88 9.15 11.26
C TYR A 57 -19.40 8.83 11.45
N THR A 58 -18.72 8.51 10.35
CA THR A 58 -17.30 8.21 10.35
C THR A 58 -16.54 9.30 9.60
N THR A 59 -15.24 9.40 9.90
CA THR A 59 -14.33 10.25 9.15
C THR A 59 -13.02 9.51 8.99
N TYR A 60 -12.54 9.44 7.75
CA TYR A 60 -11.29 8.77 7.45
C TYR A 60 -10.22 9.81 7.14
N ILE A 61 -9.00 9.30 6.97
CA ILE A 61 -7.89 10.06 6.42
C ILE A 61 -7.64 9.51 5.02
N SER A 62 -7.54 10.40 4.04
CA SER A 62 -7.56 9.98 2.63
C SER A 62 -6.57 8.87 2.35
N ALA A 63 -5.46 8.81 3.09
CA ALA A 63 -4.47 7.77 2.90
C ALA A 63 -5.05 6.39 3.17
N PHE A 64 -6.17 6.30 3.90
CA PHE A 64 -6.79 5.03 4.25
C PHE A 64 -8.17 4.82 3.65
N LYS A 65 -8.74 5.82 2.97
CA LYS A 65 -10.00 5.61 2.26
C LYS A 65 -9.83 4.48 1.24
N GLY A 66 -10.39 3.32 1.53
CA GLY A 66 -10.24 2.16 0.67
C GLY A 66 -9.60 0.96 1.33
N ARG A 67 -9.13 1.07 2.57
CA ARG A 67 -8.68 -0.07 3.35
C ARG A 67 -9.47 -0.23 4.63
N GLY A 68 -9.56 0.82 5.46
CA GLY A 68 -10.35 0.75 6.67
C GLY A 68 -11.82 0.95 6.35
N SER A 69 -12.66 0.09 6.93
CA SER A 69 -14.11 0.25 6.88
C SER A 69 -14.62 0.09 8.31
N PHE A 70 -15.47 1.01 8.74
CA PHE A 70 -15.85 1.10 10.14
C PHE A 70 -17.25 0.55 10.38
N SER A 71 -17.39 -0.15 11.49
CA SER A 71 -18.67 -0.64 11.96
C SER A 71 -18.79 -0.32 13.44
N VAL A 72 -20.00 -0.44 13.95
CA VAL A 72 -20.28 -0.39 15.39
C VAL A 72 -21.46 -1.30 15.65
N ASP A 73 -21.35 -2.14 16.66
CA ASP A 73 -22.44 -3.03 17.07
C ASP A 73 -22.98 -2.40 18.35
N SER A 74 -23.99 -1.54 18.19
CA SER A 74 -24.43 -0.67 19.28
C SER A 74 -24.88 -1.45 20.50
N SER A 75 -25.34 -2.69 20.31
CA SER A 75 -25.80 -3.50 21.43
C SER A 75 -24.65 -4.17 22.15
N ALA A 76 -23.75 -4.80 21.39
CA ALA A 76 -22.60 -5.47 21.98
C ALA A 76 -21.58 -4.49 22.56
N SER A 77 -21.77 -3.20 22.35
CA SER A 77 -20.84 -2.17 22.83
C SER A 77 -19.42 -2.39 22.30
N THR A 78 -19.29 -2.98 21.12
CA THR A 78 -18.01 -3.16 20.47
C THR A 78 -17.96 -2.36 19.17
N ALA A 79 -16.73 -2.04 18.75
CA ALA A 79 -16.49 -1.30 17.53
C ALA A 79 -15.52 -2.11 16.69
N ALA A 80 -15.83 -2.28 15.42
CA ALA A 80 -15.02 -3.12 14.54
C ALA A 80 -14.36 -2.26 13.49
N GLN A 81 -13.33 -2.83 12.86
CA GLN A 81 -12.65 -2.20 11.73
C GLN A 81 -12.25 -3.29 10.75
N GLN A 82 -12.59 -3.08 9.49
CA GLN A 82 -12.32 -4.03 8.43
C GLN A 82 -11.21 -3.47 7.54
N LEU A 83 -10.15 -4.24 7.37
CA LEU A 83 -9.07 -3.95 6.43
C LEU A 83 -9.18 -4.93 5.28
N SER A 84 -9.26 -4.41 4.06
CA SER A 84 -9.53 -5.24 2.89
C SER A 84 -8.37 -5.18 1.91
N VAL A 85 -8.06 -6.33 1.31
CA VAL A 85 -6.94 -6.55 0.40
C VAL A 85 -5.67 -5.96 1.01
N LEU A 86 -4.95 -6.79 1.75
CA LEU A 86 -3.75 -6.37 2.46
C LEU A 86 -2.53 -6.70 1.62
N LYS A 87 -1.48 -5.91 1.82
CA LYS A 87 -0.17 -6.16 1.24
C LYS A 87 0.85 -6.12 2.38
N ALA A 88 2.09 -6.44 2.04
CA ALA A 88 3.14 -6.50 3.06
C ALA A 88 3.24 -5.21 3.87
N ALA A 89 2.88 -4.07 3.26
CA ALA A 89 3.04 -2.78 3.92
C ALA A 89 2.02 -2.56 5.04
N ALA A 90 0.92 -3.29 5.05
CA ALA A 90 -0.12 -3.09 6.07
C ALA A 90 0.15 -3.89 7.33
N THR A 91 1.28 -4.59 7.38
CA THR A 91 1.68 -5.34 8.57
C THR A 91 2.09 -4.37 9.66
N ALA A 92 1.32 -4.31 10.74
CA ALA A 92 1.62 -3.41 11.85
C ALA A 92 0.80 -3.82 13.06
N VAL A 93 0.78 -2.95 14.07
CA VAL A 93 -0.08 -3.09 15.25
C VAL A 93 -1.15 -2.02 15.15
N TYR A 94 -2.41 -2.43 15.29
CA TYR A 94 -3.54 -1.54 15.14
C TYR A 94 -4.17 -1.30 16.50
N PHE A 95 -4.13 -0.04 16.95
CA PHE A 95 -4.71 0.34 18.23
C PHE A 95 -6.05 1.00 17.99
N ASN A 96 -6.94 0.85 18.96
CA ASN A 96 -8.21 1.54 18.98
C ASN A 96 -8.33 2.26 20.31
N ALA A 97 -8.99 3.41 20.31
CA ALA A 97 -8.91 4.28 21.48
C ALA A 97 -10.15 5.16 21.57
N ARG A 98 -10.48 5.52 22.80
CA ARG A 98 -11.64 6.33 23.12
C ARG A 98 -11.33 7.81 22.94
N ASN A 99 -12.37 8.60 22.68
CA ASN A 99 -12.20 10.04 22.58
C ASN A 99 -13.53 10.72 22.86
N PHE A 100 -13.53 11.67 23.79
CA PHE A 100 -14.66 12.57 24.00
C PHE A 100 -14.33 13.89 23.33
N ARG A 101 -15.34 14.52 22.73
CA ARG A 101 -15.09 15.67 21.87
C ARG A 101 -14.59 16.86 22.66
N GLY A 102 -13.59 17.54 22.11
CA GLY A 102 -13.06 18.73 22.74
C GLY A 102 -12.29 18.43 24.00
N ASN A 103 -12.96 18.56 25.14
CA ASN A 103 -12.38 18.31 26.46
C ASN A 103 -11.75 16.93 26.56
N GLY A 104 -10.85 16.60 25.63
CA GLY A 104 -10.32 15.26 25.60
C GLY A 104 -9.41 14.94 24.43
N ALA A 105 -8.31 14.28 24.75
CA ALA A 105 -7.56 13.51 23.77
C ALA A 105 -8.04 12.07 23.87
N MET A 106 -7.25 11.12 23.35
CA MET A 106 -7.57 9.71 23.47
C MET A 106 -7.08 9.22 24.82
N ASP A 107 -8.01 9.01 25.75
CA ASP A 107 -7.67 8.78 27.14
C ASP A 107 -7.57 7.30 27.50
N TYR A 108 -8.24 6.43 26.76
CA TYR A 108 -8.19 4.99 27.04
C TYR A 108 -7.98 4.23 25.74
N TRP A 109 -7.02 3.32 25.74
CA TRP A 109 -6.60 2.59 24.56
C TRP A 109 -6.76 1.09 24.76
N GLY A 110 -6.88 0.38 23.64
CA GLY A 110 -6.88 -1.06 23.70
C GLY A 110 -5.47 -1.61 23.70
N GLN A 111 -5.35 -2.88 24.07
CA GLN A 111 -4.04 -3.49 24.24
C GLN A 111 -3.30 -3.69 22.93
N GLY A 112 -3.95 -3.52 21.78
CA GLY A 112 -3.24 -3.63 20.53
C GLY A 112 -3.52 -4.95 19.83
N THR A 113 -3.53 -4.90 18.50
CA THR A 113 -3.77 -6.07 17.66
C THR A 113 -2.68 -6.14 16.61
N SER A 114 -1.90 -7.22 16.65
CA SER A 114 -0.79 -7.39 15.72
C SER A 114 -1.26 -8.12 14.48
N VAL A 115 -1.05 -7.52 13.31
CA VAL A 115 -1.45 -8.10 12.03
C VAL A 115 -0.19 -8.38 11.23
N THR A 116 -0.05 -9.61 10.75
CA THR A 116 1.09 -10.04 9.96
C THR A 116 0.58 -10.43 8.57
N VAL A 117 1.13 -9.82 7.53
CA VAL A 117 0.74 -10.10 6.16
C VAL A 117 1.87 -10.88 5.52
N SER A 118 1.65 -12.18 5.34
CA SER A 118 2.66 -13.05 4.72
C SER A 118 1.97 -14.29 4.20
N SER A 119 2.56 -14.85 3.14
CA SER A 119 2.09 -16.07 2.51
C SER A 119 2.69 -17.32 3.13
N ALA A 120 3.53 -17.16 4.15
CA ALA A 120 4.23 -18.30 4.74
C ALA A 120 3.24 -19.22 5.44
N LYS A 121 3.73 -20.42 5.79
CA LYS A 121 2.92 -21.44 6.42
C LYS A 121 3.22 -21.46 7.91
N THR A 122 2.16 -21.63 8.72
CA THR A 122 2.35 -21.66 10.15
C THR A 122 3.05 -22.96 10.55
N THR A 123 4.16 -22.85 11.25
CA THR A 123 4.86 -24.01 11.76
C THR A 123 4.88 -23.96 13.28
N ALA A 124 4.95 -25.10 13.86
CA ALA A 124 4.95 -25.15 15.31
C ALA A 124 6.39 -25.02 15.81
N PRO A 125 6.59 -24.52 17.02
CA PRO A 125 7.95 -24.31 17.51
C PRO A 125 8.58 -25.58 18.05
N SER A 126 9.91 -25.63 17.97
CA SER A 126 10.68 -26.70 18.59
C SER A 126 11.43 -26.09 19.77
N VAL A 127 11.17 -26.63 20.97
CA VAL A 127 11.70 -26.09 22.22
C VAL A 127 12.87 -26.94 22.68
N TYR A 128 13.96 -26.28 23.07
CA TYR A 128 15.17 -26.96 23.52
C TYR A 128 15.60 -26.30 24.82
N PRO A 129 15.75 -27.06 25.91
CA PRO A 129 16.17 -26.44 27.18
C PRO A 129 17.67 -26.25 27.22
N LEU A 130 18.09 -25.10 27.75
CA LEU A 130 19.50 -24.72 27.77
C LEU A 130 20.09 -25.14 29.11
N GLU A 131 20.73 -26.30 29.11
CA GLU A 131 21.42 -26.79 30.30
C GLU A 131 22.65 -25.94 30.60
N VAL A 132 23.00 -25.87 31.89
CA VAL A 132 24.25 -25.24 32.30
C VAL A 132 25.40 -26.20 31.99
N SER A 133 26.54 -25.64 31.64
CA SER A 133 27.71 -26.45 31.32
C SER A 133 28.15 -27.27 32.53
N THR A 138 30.47 -21.34 38.71
CA THR A 138 30.13 -22.54 39.45
C THR A 138 30.19 -22.29 40.96
N GLY A 139 29.49 -21.26 41.43
CA GLY A 139 29.46 -20.96 42.85
C GLY A 139 28.65 -19.71 43.18
N SER A 140 28.70 -18.74 42.28
CA SER A 140 27.87 -17.53 42.34
C SER A 140 26.39 -17.91 42.22
N SER A 141 25.70 -17.28 41.29
CA SER A 141 24.34 -17.64 40.94
C SER A 141 24.35 -18.25 39.54
N VAL A 142 23.33 -19.06 39.26
CA VAL A 142 23.28 -19.78 37.98
C VAL A 142 22.14 -19.23 37.14
N THR A 143 22.33 -19.29 35.82
CA THR A 143 21.37 -18.80 34.86
C THR A 143 20.96 -19.95 33.95
N LEU A 144 19.65 -20.11 33.75
CA LEU A 144 19.11 -21.14 32.88
C LEU A 144 18.60 -20.50 31.60
N GLY A 145 18.10 -21.33 30.69
CA GLY A 145 17.62 -20.80 29.43
C GLY A 145 16.64 -21.74 28.78
N CYS A 146 15.91 -21.19 27.81
CA CYS A 146 14.96 -21.94 27.00
C CYS A 146 15.02 -21.36 25.61
N LEU A 147 15.17 -22.23 24.60
CA LEU A 147 15.36 -21.80 23.23
C LEU A 147 14.18 -22.28 22.39
N VAL A 148 13.51 -21.33 21.74
CA VAL A 148 12.37 -21.60 20.87
C VAL A 148 12.83 -21.32 19.45
N LYS A 149 12.72 -22.32 18.57
CA LYS A 149 13.31 -22.22 17.25
C LYS A 149 12.35 -22.71 16.18
N GLY A 150 12.29 -21.97 15.07
CA GLY A 150 11.59 -22.40 13.88
C GLY A 150 10.08 -22.37 13.99
N TYR A 151 9.50 -21.20 14.24
CA TYR A 151 8.04 -21.10 14.36
C TYR A 151 7.56 -19.86 13.60
N PHE A 152 6.25 -19.84 13.35
CA PHE A 152 5.56 -18.78 12.61
C PHE A 152 4.06 -18.98 12.77
N PRO A 153 3.25 -17.92 12.94
CA PRO A 153 3.54 -16.49 13.04
C PRO A 153 3.97 -16.04 14.43
N GLU A 154 3.77 -14.76 14.77
CA GLU A 154 4.45 -14.21 15.93
C GLU A 154 3.51 -13.83 17.08
N PRO A 155 2.95 -14.80 17.81
CA PRO A 155 2.57 -14.51 19.20
C PRO A 155 3.58 -15.17 20.14
N VAL A 156 3.34 -16.43 20.49
CA VAL A 156 4.14 -17.25 21.40
C VAL A 156 4.26 -16.58 22.77
N THR A 157 3.97 -17.35 23.81
CA THR A 157 4.00 -16.87 25.18
C THR A 157 4.89 -17.81 25.97
N LEU A 158 5.83 -17.25 26.72
CA LEU A 158 6.87 -18.03 27.38
C LEU A 158 6.90 -17.65 28.85
N THR A 159 6.65 -18.63 29.71
CA THR A 159 6.70 -18.46 31.15
C THR A 159 7.55 -19.56 31.76
N TRP A 160 7.98 -19.32 32.99
CA TRP A 160 8.79 -20.27 33.74
C TRP A 160 7.98 -20.78 34.93
N ASN A 161 7.89 -22.10 35.05
CA ASN A 161 7.15 -22.74 36.14
C ASN A 161 5.75 -22.16 36.27
N SER A 162 5.06 -22.06 35.13
CA SER A 162 3.66 -21.66 35.05
C SER A 162 3.41 -20.24 35.55
N GLY A 163 4.43 -19.39 35.57
CA GLY A 163 4.28 -18.01 36.00
C GLY A 163 4.72 -17.75 37.42
N SER A 164 4.95 -18.79 38.21
CA SER A 164 5.41 -18.64 39.59
C SER A 164 6.88 -18.27 39.67
N LEU A 165 7.48 -17.85 38.57
CA LEU A 165 8.89 -17.47 38.51
C LEU A 165 8.97 -16.26 37.57
N SER A 166 8.81 -15.07 38.14
CA SER A 166 8.73 -13.83 37.37
C SER A 166 9.98 -12.96 37.43
N SER A 167 10.71 -12.97 38.54
CA SER A 167 11.87 -12.11 38.71
C SER A 167 13.13 -12.77 38.16
N GLY A 168 14.04 -11.95 37.67
CA GLY A 168 15.27 -12.47 37.09
C GLY A 168 15.11 -13.06 35.71
N VAL A 169 14.02 -12.73 35.02
CA VAL A 169 13.70 -13.33 33.72
C VAL A 169 13.94 -12.30 32.63
N HIS A 170 14.44 -12.77 31.49
CA HIS A 170 14.65 -11.96 30.31
C HIS A 170 14.05 -12.70 29.13
N THR A 171 12.96 -12.19 28.59
CA THR A 171 12.30 -12.80 27.44
C THR A 171 12.69 -11.97 26.23
N PHE A 172 13.43 -12.56 25.37
CA PHE A 172 13.96 -11.77 24.27
C PHE A 172 12.97 -11.70 23.12
N PRO A 173 13.03 -10.64 22.32
CA PRO A 173 12.09 -10.52 21.20
C PRO A 173 12.50 -11.45 20.06
N ALA A 174 11.49 -11.95 19.36
CA ALA A 174 11.74 -12.88 18.27
C ALA A 174 12.52 -12.16 17.17
N VAL A 175 13.29 -12.95 16.41
CA VAL A 175 14.01 -12.45 15.25
C VAL A 175 13.64 -13.34 14.07
N LEU A 176 13.42 -12.71 12.92
CA LEU A 176 13.01 -13.45 11.73
C LEU A 176 14.23 -13.79 10.89
N ALA A 177 14.33 -15.05 10.49
CA ALA A 177 15.40 -15.52 9.64
C ALA A 177 14.81 -16.57 8.70
N SER A 178 14.69 -16.21 7.42
CA SER A 178 14.19 -17.11 6.38
C SER A 178 12.81 -17.66 6.72
N ASP A 179 11.87 -16.73 6.93
CA ASP A 179 10.45 -17.05 7.15
C ASP A 179 10.25 -18.00 8.32
N LEU A 180 11.06 -17.84 9.37
CA LEU A 180 10.89 -18.57 10.62
C LEU A 180 11.44 -17.72 11.75
N TYR A 181 10.76 -17.76 12.89
CA TYR A 181 11.17 -16.99 14.06
C TYR A 181 11.96 -17.87 15.02
N THR A 182 12.82 -17.25 15.81
CA THR A 182 13.57 -17.93 16.86
C THR A 182 13.62 -17.02 18.07
N LEU A 183 13.34 -17.58 19.24
CA LEU A 183 13.17 -16.82 20.47
C LEU A 183 13.96 -17.50 21.58
N SER A 184 14.35 -16.72 22.59
CA SER A 184 15.15 -17.25 23.69
C SER A 184 14.85 -16.45 24.96
N SER A 185 14.97 -17.13 26.10
CA SER A 185 14.69 -16.51 27.38
C SER A 185 15.61 -17.11 28.44
N SER A 186 15.88 -16.33 29.48
CA SER A 186 16.78 -16.75 30.54
C SER A 186 16.20 -16.36 31.89
N VAL A 187 16.46 -17.21 32.89
CA VAL A 187 16.23 -16.91 34.28
C VAL A 187 17.55 -17.11 35.01
N THR A 188 17.79 -16.29 36.03
CA THR A 188 18.95 -16.43 36.90
C THR A 188 18.43 -16.60 38.32
N VAL A 189 18.59 -17.81 38.87
CA VAL A 189 18.16 -18.10 40.23
C VAL A 189 19.39 -18.43 41.06
N THR A 190 19.20 -18.68 42.35
CA THR A 190 20.32 -18.89 43.25
C THR A 190 20.90 -20.28 43.09
N SER A 191 22.16 -20.44 43.47
CA SER A 191 22.81 -21.74 43.39
C SER A 191 22.14 -22.74 44.33
N SER A 192 21.58 -22.25 45.43
CA SER A 192 20.85 -23.12 46.37
C SER A 192 19.47 -23.50 45.89
N THR A 193 18.97 -22.86 44.83
CA THR A 193 17.62 -23.15 44.32
C THR A 193 17.65 -24.25 43.26
N TRP A 194 18.71 -24.30 42.46
CA TRP A 194 18.79 -25.23 41.34
C TRP A 194 20.05 -26.07 41.46
N PRO A 195 19.99 -27.37 41.11
CA PRO A 195 18.82 -28.10 40.61
C PRO A 195 17.99 -28.72 41.71
N SER A 196 18.08 -28.19 42.93
CA SER A 196 17.30 -28.73 44.05
C SER A 196 15.80 -28.67 43.75
N GLN A 197 15.31 -27.49 43.36
CA GLN A 197 13.94 -27.38 42.88
C GLN A 197 13.88 -27.77 41.41
N SER A 198 12.68 -27.76 40.85
CA SER A 198 12.45 -28.09 39.45
C SER A 198 12.02 -26.82 38.73
N ILE A 199 12.76 -26.46 37.68
CA ILE A 199 12.47 -25.28 36.88
C ILE A 199 12.18 -25.74 35.47
N THR A 200 10.97 -25.46 34.97
CA THR A 200 10.55 -25.89 33.65
C THR A 200 10.18 -24.68 32.80
N CYS A 201 10.25 -24.87 31.49
CA CYS A 201 9.99 -23.83 30.51
C CYS A 201 8.64 -24.09 29.85
N ASN A 202 7.77 -23.09 29.87
CA ASN A 202 6.39 -23.21 29.36
C ASN A 202 6.27 -22.37 28.09
N VAL A 203 6.20 -23.05 26.95
CA VAL A 203 6.09 -22.39 25.65
C VAL A 203 4.71 -22.71 25.07
N ALA A 204 4.04 -21.68 24.54
CA ALA A 204 2.73 -21.82 23.94
C ALA A 204 2.72 -21.11 22.60
N HIS A 205 2.12 -21.74 21.59
CA HIS A 205 2.03 -21.20 20.24
C HIS A 205 0.61 -21.44 19.73
N PRO A 206 -0.32 -20.54 20.06
CA PRO A 206 -1.75 -20.86 19.86
C PRO A 206 -2.16 -21.07 18.41
N ALA A 207 -1.40 -20.56 17.45
CA ALA A 207 -1.78 -20.74 16.05
C ALA A 207 -1.65 -22.20 15.62
N SER A 208 -0.64 -22.90 16.14
CA SER A 208 -0.40 -24.29 15.80
C SER A 208 -0.94 -25.25 16.87
N SER A 209 -1.75 -24.76 17.81
CA SER A 209 -2.34 -25.58 18.86
C SER A 209 -1.25 -26.36 19.60
N THR A 210 -0.18 -25.66 19.95
CA THR A 210 1.00 -26.27 20.55
C THR A 210 1.17 -25.75 21.96
N LYS A 211 1.28 -26.66 22.92
CA LYS A 211 1.67 -26.34 24.30
C LYS A 211 2.74 -27.32 24.73
N VAL A 212 3.88 -26.80 25.17
CA VAL A 212 5.05 -27.61 25.47
C VAL A 212 5.54 -27.23 26.86
N ASP A 213 5.93 -28.24 27.63
CA ASP A 213 6.64 -28.04 28.88
C ASP A 213 7.99 -28.73 28.75
N LYS A 214 9.04 -28.05 29.23
CA LYS A 214 10.41 -28.50 29.02
C LYS A 214 11.18 -28.26 30.30
N LYS A 215 11.53 -29.33 31.00
CA LYS A 215 12.21 -29.23 32.27
C LYS A 215 13.72 -29.15 32.04
N ILE A 216 14.36 -28.17 32.67
CA ILE A 216 15.81 -28.01 32.53
C ILE A 216 16.49 -28.97 33.51
N GLU A 217 17.30 -29.88 32.97
CA GLU A 217 18.07 -30.81 33.77
C GLU A 217 19.55 -30.69 33.42
N PRO A 218 20.45 -31.04 34.36
CA PRO A 218 21.89 -30.94 34.11
C PRO A 218 22.37 -31.93 33.05
N ASP B 1 -3.70 19.00 6.23
CA ASP B 1 -2.74 18.08 6.83
C ASP B 1 -1.63 18.84 7.54
N ILE B 2 -1.54 18.67 8.86
CA ILE B 2 -0.61 19.42 9.70
C ILE B 2 0.59 18.54 9.99
N LEU B 3 1.79 19.09 9.80
CA LEU B 3 3.01 18.38 10.12
C LEU B 3 3.47 18.73 11.53
N MET B 4 3.76 17.72 12.32
CA MET B 4 4.24 17.90 13.69
C MET B 4 5.72 17.50 13.70
N THR B 5 6.60 18.49 13.71
CA THR B 5 8.03 18.24 13.77
C THR B 5 8.44 18.19 15.23
N GLN B 6 8.92 17.02 15.65
CA GLN B 6 9.25 16.75 17.04
C GLN B 6 10.75 16.62 17.17
N SER B 7 11.31 17.27 18.19
CA SER B 7 12.75 17.31 18.38
C SER B 7 13.04 17.35 19.87
N PRO B 8 14.07 16.63 20.34
CA PRO B 8 14.99 15.82 19.54
C PRO B 8 14.41 14.44 19.17
N SER B 9 15.01 13.76 18.21
CA SER B 9 14.51 12.43 17.85
C SER B 9 14.92 11.39 18.90
N SER B 10 16.17 11.45 19.36
CA SER B 10 16.62 10.67 20.50
C SER B 10 17.11 11.61 21.58
N LEU B 11 17.19 11.09 22.81
CA LEU B 11 17.53 11.92 23.96
C LEU B 11 17.86 11.06 25.17
N SER B 12 19.02 11.31 25.80
CA SER B 12 19.45 10.60 26.98
C SER B 12 19.54 11.58 28.14
N VAL B 13 19.09 11.15 29.32
CA VAL B 13 19.09 11.96 30.53
C VAL B 13 19.44 11.08 31.72
N VAL B 14 20.20 11.64 32.65
CA VAL B 14 20.54 10.95 33.89
C VAL B 14 19.39 11.10 34.88
N VAL B 15 19.31 10.14 35.82
CA VAL B 15 18.21 10.14 36.77
C VAL B 15 18.25 11.38 37.65
N GLY B 16 17.07 11.96 37.90
CA GLY B 16 16.99 13.17 38.69
C GLY B 16 17.08 14.46 37.90
N PHE B 17 16.72 14.45 36.62
CA PHE B 17 17.03 15.58 35.75
C PHE B 17 15.88 15.87 34.78
N TYR B 18 15.83 17.12 34.36
CA TYR B 18 14.89 17.54 33.32
C TYR B 18 15.10 16.73 32.04
N VAL B 19 14.03 16.59 31.28
CA VAL B 19 14.12 16.34 29.86
C VAL B 19 13.17 17.34 29.24
N THR B 20 13.57 17.95 28.13
CA THR B 20 12.75 18.95 27.47
C THR B 20 12.49 18.44 26.07
N ILE B 21 11.33 17.83 25.87
CA ILE B 21 10.89 17.37 24.56
C ILE B 21 10.01 18.46 23.99
N THR B 22 10.17 18.73 22.70
CA THR B 22 9.55 19.90 22.08
C THR B 22 8.78 19.48 20.85
N SER B 23 7.70 20.20 20.57
CA SER B 23 6.89 19.98 19.39
C SER B 23 6.65 21.31 18.69
N GLN B 24 6.65 21.27 17.36
CA GLN B 24 6.51 22.47 16.54
C GLN B 24 5.52 22.17 15.43
N ALA B 25 4.41 22.88 15.44
CA ALA B 25 3.32 22.60 14.51
C ALA B 25 3.43 23.48 13.28
N SER B 26 3.02 22.94 12.13
CA SER B 26 3.14 23.65 10.87
C SER B 26 2.09 24.75 10.76
N ASN B 27 0.83 24.40 10.96
CA ASN B 27 -0.21 25.42 11.11
C ASN B 27 -0.38 25.71 12.59
N ASN B 28 -1.57 26.16 12.99
CA ASN B 28 -1.85 26.48 14.38
C ASN B 28 -2.94 25.56 14.86
N ILE B 29 -2.66 24.83 15.94
CA ILE B 29 -3.61 23.87 16.49
C ILE B 29 -4.36 24.47 17.68
N THR B 30 -4.36 25.78 17.80
CA THR B 30 -5.14 26.46 18.83
C THR B 30 -6.50 26.81 18.23
N THR B 31 -7.56 26.53 18.98
CA THR B 31 -8.89 26.90 18.57
C THR B 31 -9.59 27.77 19.61
N TYR B 32 -9.39 27.45 20.89
CA TYR B 32 -9.68 28.35 22.01
C TYR B 32 -8.94 27.86 23.27
N SER B 33 -8.56 26.58 23.29
CA SER B 33 -7.75 26.02 24.37
C SER B 33 -6.43 25.42 23.94
N SER B 34 -6.08 25.47 22.64
CA SER B 34 -4.91 24.83 22.06
C SER B 34 -5.02 23.31 22.19
N PHE B 35 -5.01 22.61 21.05
CA PHE B 35 -5.32 21.18 21.03
C PHE B 35 -4.12 20.29 20.75
N ILE B 36 -3.13 20.28 21.64
CA ILE B 36 -2.04 19.32 21.53
C ILE B 36 -2.05 18.45 22.77
N PHE B 37 -1.54 17.23 22.61
CA PHE B 37 -1.51 16.27 23.70
C PHE B 37 -0.21 15.49 23.63
N TRP B 38 0.18 14.94 24.77
CA TRP B 38 1.43 14.20 24.90
C TRP B 38 1.11 12.78 25.34
N TYR B 39 1.72 11.81 24.67
CA TYR B 39 1.50 10.42 24.96
C TYR B 39 2.81 9.74 25.28
N GLN B 40 2.73 8.70 26.09
CA GLN B 40 3.86 7.87 26.44
C GLN B 40 3.56 6.44 26.04
N GLN B 41 4.53 5.76 25.46
CA GLN B 41 4.34 4.39 25.00
C GLN B 41 5.59 3.58 25.30
N LYS B 42 5.45 2.60 26.16
CA LYS B 42 6.47 1.61 26.45
C LYS B 42 6.31 0.44 25.50
N PRO B 43 7.34 -0.38 25.30
CA PRO B 43 7.27 -1.39 24.23
C PRO B 43 6.22 -2.46 24.52
N GLY B 44 5.53 -2.88 23.46
CA GLY B 44 4.47 -3.85 23.59
C GLY B 44 3.26 -3.40 24.38
N GLN B 45 3.22 -2.15 24.83
CA GLN B 45 2.11 -1.60 25.60
C GLN B 45 1.37 -0.56 24.79
N ALA B 46 0.10 -0.40 25.11
CA ALA B 46 -0.67 0.67 24.51
C ALA B 46 -0.08 2.01 24.94
N PRO B 47 -0.15 3.03 24.08
CA PRO B 47 0.30 4.36 24.50
C PRO B 47 -0.57 4.89 25.64
N LYS B 48 0.01 5.79 26.43
CA LYS B 48 -0.59 6.25 27.67
C LYS B 48 -0.70 7.76 27.63
N LEU B 49 -1.86 8.28 28.02
CA LEU B 49 -2.11 9.71 27.93
C LEU B 49 -1.50 10.42 29.12
N LEU B 50 -0.57 11.33 28.84
CA LEU B 50 0.12 12.11 29.86
C LEU B 50 -0.53 13.46 30.08
N ILE B 51 -0.78 14.20 29.00
CA ILE B 51 -1.21 15.59 29.09
C ILE B 51 -2.19 15.86 27.95
N TYR B 52 -3.34 16.41 28.29
CA TYR B 52 -4.34 16.80 27.30
C TYR B 52 -4.48 18.32 27.32
N ASP B 53 -4.85 18.88 26.16
CA ASP B 53 -4.96 20.32 25.99
C ASP B 53 -3.68 21.03 26.40
N SER B 54 -2.54 20.43 26.04
CA SER B 54 -1.21 21.01 26.09
C SER B 54 -0.63 21.16 27.50
N SER B 55 -1.45 21.59 28.48
CA SER B 55 -0.93 21.93 29.79
C SER B 55 -1.71 21.36 30.96
N THR B 56 -2.73 20.54 30.73
CA THR B 56 -3.55 20.01 31.81
C THR B 56 -3.21 18.55 32.03
N LEU B 57 -3.06 18.16 33.30
CA LEU B 57 -2.46 16.90 33.66
C LEU B 57 -3.53 15.83 33.91
N GLU B 58 -3.38 14.69 33.24
CA GLU B 58 -4.35 13.62 33.39
C GLU B 58 -4.39 13.12 34.83
N SER B 59 -5.51 12.48 35.18
CA SER B 59 -5.62 11.88 36.49
C SER B 59 -4.78 10.60 36.53
N GLY B 60 -4.06 10.41 37.63
CA GLY B 60 -3.20 9.27 37.81
C GLY B 60 -1.77 9.50 37.35
N ILE B 61 -1.54 10.42 36.43
CA ILE B 61 -0.17 10.68 35.96
C ILE B 61 0.59 11.46 37.03
N PRO B 62 1.86 11.15 37.28
CA PRO B 62 2.59 11.84 38.34
C PRO B 62 2.79 13.31 38.02
N GLY B 63 2.92 14.12 39.07
CA GLY B 63 3.09 15.55 38.91
C GLY B 63 4.39 15.97 38.26
N ARG B 64 5.35 15.05 38.12
CA ARG B 64 6.62 15.40 37.51
C ARG B 64 6.51 15.63 36.02
N PHE B 65 5.35 15.35 35.43
CA PHE B 65 5.09 15.66 34.03
C PHE B 65 4.43 17.03 33.95
N SER B 66 5.02 17.91 33.14
CA SER B 66 4.48 19.25 32.94
C SER B 66 4.38 19.52 31.45
N GLY B 67 3.37 20.30 31.08
CA GLY B 67 3.19 20.69 29.71
C GLY B 67 3.05 22.20 29.64
N SER B 68 3.54 22.76 28.53
CA SER B 68 3.46 24.18 28.29
C SER B 68 3.35 24.40 26.79
N GLY B 69 3.07 25.63 26.41
CA GLY B 69 3.02 25.99 25.02
C GLY B 69 1.61 26.41 24.60
N SER B 70 1.56 27.10 23.46
CA SER B 70 0.30 27.53 22.87
C SER B 70 0.58 27.93 21.43
N GLY B 71 -0.41 27.68 20.57
CA GLY B 71 -0.27 28.07 19.18
C GLY B 71 0.46 27.05 18.33
N ARG B 72 1.77 27.24 18.18
CA ARG B 72 2.58 26.44 17.27
C ARG B 72 3.81 25.81 17.91
N ASP B 73 4.28 26.31 19.04
CA ASP B 73 5.47 25.78 19.71
C ASP B 73 5.07 25.20 21.06
N PHE B 74 5.29 23.91 21.25
CA PHE B 74 4.93 23.20 22.46
C PHE B 74 6.11 22.41 23.00
N SER B 75 6.18 22.30 24.32
CA SER B 75 7.26 21.58 24.97
C SER B 75 6.71 20.75 26.12
N LEU B 76 7.31 19.59 26.33
CA LEU B 76 6.98 18.69 27.44
C LEU B 76 8.22 18.52 28.30
N THR B 77 8.03 18.53 29.61
CA THR B 77 9.13 18.43 30.57
C THR B 77 8.82 17.33 31.56
N ILE B 78 9.82 16.52 31.88
CA ILE B 78 9.73 15.55 32.97
C ILE B 78 10.60 16.09 34.09
N GLY B 79 9.96 16.57 35.16
CA GLY B 79 10.63 17.24 36.26
C GLY B 79 11.89 16.53 36.72
N PRO B 80 11.75 15.61 37.68
CA PRO B 80 12.83 14.66 37.95
C PRO B 80 12.59 13.34 37.22
N ASN B 81 13.65 12.69 36.74
CA ASN B 81 13.49 11.43 36.01
C ASN B 81 13.59 10.23 36.93
N GLN B 82 12.81 9.21 36.62
CA GLN B 82 12.90 7.88 37.19
C GLN B 82 13.07 6.88 36.06
N PRO B 83 13.62 5.70 36.33
CA PRO B 83 13.78 4.70 35.26
C PRO B 83 12.47 4.29 34.62
N ALA B 84 11.33 4.54 35.27
CA ALA B 84 10.05 4.18 34.68
C ALA B 84 9.67 5.08 33.50
N ASP B 85 10.47 6.09 33.20
CA ASP B 85 10.24 7.01 32.11
C ASP B 85 10.91 6.57 30.82
N GLY B 86 11.64 5.47 30.84
CA GLY B 86 12.30 4.98 29.65
C GLY B 86 11.32 4.45 28.62
N ALA B 87 10.94 5.29 27.67
CA ALA B 87 9.98 4.92 26.64
C ALA B 87 10.11 5.90 25.47
N THR B 88 9.13 5.88 24.58
CA THR B 88 9.04 6.81 23.47
C THR B 88 7.81 7.70 23.67
N TYR B 89 7.96 8.99 23.34
CA TYR B 89 6.92 9.98 23.58
C TYR B 89 6.49 10.60 22.26
N GLU B 90 5.18 10.73 22.08
CA GLU B 90 4.59 11.26 20.86
C GLU B 90 3.62 12.37 21.22
N ASP B 91 3.46 13.30 20.30
CA ASP B 91 2.51 14.39 20.45
C ASP B 91 1.45 14.26 19.37
N LEU B 92 0.21 14.61 19.72
CA LEU B 92 -0.94 14.42 18.86
C LEU B 92 -1.70 15.73 18.77
N GLN B 93 -2.28 16.01 17.61
CA GLN B 93 -3.19 17.12 17.45
C GLN B 93 -4.55 16.59 17.04
N TYR B 94 -5.60 17.06 17.71
CA TYR B 94 -6.97 16.67 17.45
C TYR B 94 -7.77 17.86 16.96
N ASN B 95 -7.15 18.69 16.12
CA ASN B 95 -7.73 19.96 15.70
C ASN B 95 -8.15 20.00 14.24
N GLY B 96 -7.47 19.28 13.35
CA GLY B 96 -7.81 19.27 11.95
C GLY B 96 -8.51 17.97 11.58
N GLU B 97 -9.14 17.98 10.40
CA GLU B 97 -9.93 16.83 9.99
C GLU B 97 -9.06 15.60 9.74
N VAL B 98 -7.74 15.78 9.67
CA VAL B 98 -6.80 14.69 9.52
C VAL B 98 -5.84 14.78 10.70
N ARG B 99 -6.11 13.97 11.74
CA ARG B 99 -5.28 13.97 12.93
C ARG B 99 -3.89 13.45 12.62
N THR B 100 -2.88 14.12 13.18
CA THR B 100 -1.50 13.78 12.90
C THR B 100 -0.75 13.55 14.20
N PHE B 101 0.33 12.77 14.10
CA PHE B 101 1.22 12.49 15.23
C PHE B 101 2.61 13.04 14.92
N GLY B 102 3.42 13.15 15.97
CA GLY B 102 4.79 13.54 15.81
C GLY B 102 5.67 12.35 15.47
N GLY B 103 6.94 12.64 15.22
CA GLY B 103 7.87 11.60 14.85
C GLY B 103 8.28 10.71 16.00
N GLY B 104 8.08 11.16 17.23
CA GLY B 104 8.44 10.36 18.38
C GLY B 104 9.77 10.78 18.98
N THR B 105 9.90 10.58 20.28
CA THR B 105 11.11 10.94 21.01
C THR B 105 11.44 9.79 21.94
N LYS B 106 12.60 9.16 21.75
CA LYS B 106 12.98 7.97 22.49
C LYS B 106 13.86 8.38 23.65
N LEU B 107 13.33 8.30 24.87
CA LEU B 107 14.08 8.67 26.05
C LEU B 107 14.92 7.50 26.53
N GLU B 108 16.18 7.77 26.85
CA GLU B 108 17.11 6.77 27.36
C GLU B 108 17.58 7.22 28.73
N ILE B 109 17.37 6.37 29.73
CA ILE B 109 17.80 6.68 31.08
C ILE B 109 19.29 6.37 31.21
N LYS B 110 20.05 7.34 31.72
CA LYS B 110 21.48 7.17 31.89
C LYS B 110 21.76 6.83 33.34
N ARG B 111 22.33 5.66 33.56
CA ARG B 111 22.67 5.15 34.88
C ARG B 111 24.19 4.99 34.97
N ALA B 112 24.65 4.63 36.16
CA ALA B 112 26.05 4.31 36.34
C ALA B 112 26.41 3.11 35.48
N ASP B 113 27.62 3.12 34.91
CA ASP B 113 28.03 2.01 34.05
C ASP B 113 27.97 0.69 34.80
N ALA B 114 27.63 -0.37 34.07
CA ALA B 114 27.44 -1.68 34.68
C ALA B 114 27.85 -2.74 33.69
N ALA B 115 28.71 -3.66 34.14
CA ALA B 115 29.28 -4.69 33.28
C ALA B 115 28.31 -5.84 33.11
N PRO B 116 28.32 -6.50 31.94
CA PRO B 116 27.37 -7.58 31.70
C PRO B 116 27.75 -8.85 32.45
N THR B 117 26.72 -9.64 32.77
CA THR B 117 26.90 -10.98 33.32
C THR B 117 26.73 -11.96 32.18
N VAL B 118 27.80 -12.65 31.81
CA VAL B 118 27.83 -13.49 30.61
C VAL B 118 27.73 -14.95 31.01
N SER B 119 27.05 -15.74 30.17
CA SER B 119 26.91 -17.17 30.38
C SER B 119 26.61 -17.83 29.03
N ILE B 120 27.16 -19.02 28.82
CA ILE B 120 27.17 -19.67 27.52
C ILE B 120 26.52 -21.04 27.66
N PHE B 121 25.87 -21.50 26.59
CA PHE B 121 25.11 -22.74 26.63
C PHE B 121 25.43 -23.58 25.40
N PRO B 122 25.82 -24.84 25.58
CA PRO B 122 26.07 -25.72 24.44
C PRO B 122 24.75 -26.25 23.90
N PRO B 123 24.76 -26.89 22.72
CA PRO B 123 23.51 -27.44 22.19
C PRO B 123 22.90 -28.45 23.15
N SER B 124 21.60 -28.66 22.99
CA SER B 124 20.92 -29.62 23.85
C SER B 124 20.93 -31.00 23.19
N SER B 125 20.60 -32.02 23.99
CA SER B 125 20.57 -33.38 23.46
C SER B 125 19.41 -33.56 22.51
N GLU B 126 18.23 -33.04 22.87
CA GLU B 126 17.08 -33.10 21.99
C GLU B 126 17.36 -32.39 20.67
N GLN B 127 18.22 -31.37 20.72
CA GLN B 127 18.56 -30.63 19.50
C GLN B 127 19.31 -31.52 18.52
N LEU B 128 20.29 -32.27 19.01
CA LEU B 128 21.14 -33.06 18.13
C LEU B 128 20.41 -34.28 17.59
N THR B 129 19.65 -34.98 18.44
CA THR B 129 18.95 -36.18 17.97
C THR B 129 18.01 -35.87 16.82
N SER B 130 17.52 -34.63 16.76
CA SER B 130 16.75 -34.16 15.61
C SER B 130 17.63 -33.50 14.55
N GLY B 131 18.93 -33.39 14.79
CA GLY B 131 19.79 -32.73 13.83
C GLY B 131 19.93 -31.25 14.13
N GLY B 132 21.11 -30.73 13.83
CA GLY B 132 21.42 -29.34 14.08
C GLY B 132 21.88 -29.09 15.51
N ALA B 133 22.52 -27.94 15.70
CA ALA B 133 23.12 -27.60 16.99
C ALA B 133 23.37 -26.09 17.02
N GLU B 134 23.04 -25.46 18.14
CA GLU B 134 23.23 -24.03 18.30
C GLU B 134 23.86 -23.75 19.65
N VAL B 135 24.63 -22.67 19.71
CA VAL B 135 25.33 -22.27 20.92
C VAL B 135 24.79 -20.90 21.31
N VAL B 136 24.26 -20.81 22.52
CA VAL B 136 23.66 -19.59 23.02
C VAL B 136 24.63 -18.94 23.99
N CYS B 137 24.63 -17.61 24.03
CA CYS B 137 25.51 -16.85 24.91
C CYS B 137 24.73 -15.62 25.36
N PHE B 138 24.40 -15.57 26.65
CA PHE B 138 23.58 -14.51 27.21
C PHE B 138 24.45 -13.42 27.80
N LEU B 139 24.07 -12.17 27.53
CA LEU B 139 24.69 -11.00 28.14
C LEU B 139 23.56 -10.24 28.83
N ASN B 140 23.57 -10.24 30.15
CA ASN B 140 22.44 -9.77 30.93
C ASN B 140 22.82 -8.59 31.80
N ASN B 141 21.91 -7.63 31.89
CA ASN B 141 21.96 -6.54 32.87
C ASN B 141 23.28 -5.78 32.80
N PHE B 142 23.46 -5.08 31.68
CA PHE B 142 24.63 -4.23 31.49
C PHE B 142 24.19 -2.85 31.06
N TYR B 143 25.15 -1.91 31.11
CA TYR B 143 24.95 -0.55 30.67
C TYR B 143 26.33 -0.01 30.31
N PRO B 144 26.46 0.77 29.23
CA PRO B 144 25.43 1.22 28.29
C PRO B 144 25.04 0.25 27.19
N LYS B 145 24.18 0.73 26.27
CA LYS B 145 23.60 -0.16 25.25
C LYS B 145 24.66 -0.71 24.31
N ASN B 146 25.69 0.07 24.01
CA ASN B 146 26.68 -0.33 23.00
C ASN B 146 27.50 -1.49 23.52
N ILE B 147 27.50 -2.60 22.77
CA ILE B 147 28.29 -3.77 23.14
C ILE B 147 28.51 -4.59 21.88
N ASN B 148 29.64 -5.30 21.85
CA ASN B 148 29.99 -6.13 20.70
C ASN B 148 30.37 -7.52 21.19
N VAL B 149 30.05 -8.52 20.37
CA VAL B 149 30.26 -9.92 20.72
C VAL B 149 30.78 -10.65 19.49
N ALA B 150 31.90 -11.35 19.64
CA ALA B 150 32.57 -12.07 18.55
C ALA B 150 32.71 -13.53 18.94
N TRP B 151 32.38 -14.42 18.00
CA TRP B 151 32.48 -15.86 18.21
C TRP B 151 33.84 -16.38 17.79
N LYS B 152 34.18 -17.54 18.33
CA LYS B 152 35.41 -18.25 17.97
C LYS B 152 35.14 -19.75 17.98
N ILE B 153 35.50 -20.42 16.90
CA ILE B 153 35.44 -21.87 16.81
C ILE B 153 36.87 -22.35 16.67
N ASP B 154 37.39 -23.00 17.71
CA ASP B 154 38.80 -23.39 17.78
C ASP B 154 39.71 -22.22 17.41
N GLY B 155 39.43 -21.07 18.03
CA GLY B 155 40.17 -19.86 17.74
C GLY B 155 39.83 -19.20 16.43
N GLY B 156 38.96 -19.79 15.62
CA GLY B 156 38.62 -19.21 14.33
C GLY B 156 37.42 -18.29 14.46
N GLU B 157 37.65 -16.98 14.30
CA GLU B 157 36.58 -16.00 14.40
C GLU B 157 35.55 -16.25 13.30
N ARG B 158 34.55 -17.07 13.61
CA ARG B 158 33.50 -17.40 12.67
C ARG B 158 32.37 -16.37 12.78
N GLN B 159 31.89 -15.93 11.61
CA GLN B 159 30.91 -14.86 11.55
C GLN B 159 29.63 -15.21 10.82
N ASN B 160 29.55 -16.40 10.21
CA ASN B 160 28.37 -16.82 9.46
C ASN B 160 27.51 -17.73 10.34
N GLY B 161 26.22 -17.41 10.42
CA GLY B 161 25.30 -18.18 11.21
C GLY B 161 24.96 -17.60 12.58
N VAL B 162 24.94 -16.28 12.71
CA VAL B 162 24.73 -15.63 14.00
C VAL B 162 23.40 -14.89 13.98
N LEU B 163 22.71 -14.88 15.11
CA LEU B 163 21.43 -14.22 15.27
C LEU B 163 21.37 -13.60 16.65
N ASN B 164 21.22 -12.27 16.71
CA ASN B 164 21.22 -11.56 17.98
C ASN B 164 19.84 -10.99 18.25
N SER B 165 19.63 -10.59 19.50
CA SER B 165 18.39 -9.95 19.91
C SER B 165 18.66 -9.13 21.16
N TRP B 166 17.93 -8.02 21.30
CA TRP B 166 18.20 -7.04 22.33
C TRP B 166 16.90 -6.67 23.04
N THR B 167 16.99 -6.56 24.36
CA THR B 167 15.85 -6.11 25.14
C THR B 167 15.84 -4.58 25.19
N ASP B 168 14.63 -4.03 25.25
CA ASP B 168 14.53 -2.60 25.51
C ASP B 168 15.05 -2.31 26.92
N GLN B 169 15.30 -1.03 27.19
CA GLN B 169 15.89 -0.64 28.46
C GLN B 169 14.99 -1.07 29.61
N ASP B 170 15.58 -1.75 30.60
CA ASP B 170 14.82 -2.26 31.73
C ASP B 170 14.22 -1.10 32.51
N SER B 171 12.94 -1.24 32.87
CA SER B 171 12.20 -0.16 33.54
C SER B 171 12.45 -0.10 35.04
N ALA B 172 13.35 -0.93 35.57
CA ALA B 172 13.72 -0.87 36.97
C ALA B 172 15.20 -0.52 37.16
N ASP B 173 16.11 -1.30 36.60
CA ASP B 173 17.54 -1.07 36.73
C ASP B 173 18.15 -0.37 35.51
N SER B 174 17.34 -0.02 34.51
CA SER B 174 17.79 0.75 33.35
C SER B 174 18.96 0.08 32.65
N THR B 175 19.00 -1.24 32.65
CA THR B 175 20.04 -2.00 31.98
C THR B 175 19.52 -2.59 30.68
N TYR B 176 20.44 -3.16 29.91
CA TYR B 176 20.10 -3.84 28.66
C TYR B 176 20.43 -5.33 28.80
N SER B 177 20.14 -6.06 27.73
CA SER B 177 20.43 -7.48 27.68
C SER B 177 20.40 -7.89 26.22
N MET B 178 21.10 -8.99 25.91
CA MET B 178 21.21 -9.44 24.55
C MET B 178 21.40 -10.96 24.54
N SER B 179 20.83 -11.61 23.54
CA SER B 179 21.00 -13.04 23.32
C SER B 179 21.54 -13.25 21.91
N SER B 180 22.75 -13.80 21.82
CA SER B 180 23.34 -14.20 20.55
C SER B 180 23.36 -15.72 20.51
N THR B 181 22.71 -16.29 19.50
CA THR B 181 22.65 -17.73 19.33
C THR B 181 23.35 -18.07 18.02
N LEU B 182 24.44 -18.82 18.11
CA LEU B 182 25.18 -19.24 16.93
C LEU B 182 24.68 -20.61 16.52
N THR B 183 24.21 -20.75 15.28
CA THR B 183 23.55 -21.95 14.80
C THR B 183 24.42 -22.63 13.75
N LEU B 184 24.76 -23.89 13.99
CA LEU B 184 25.49 -24.69 13.02
C LEU B 184 24.69 -25.96 12.70
N THR B 185 25.38 -26.96 12.17
CA THR B 185 24.79 -28.27 11.95
C THR B 185 25.40 -29.24 12.96
N LYS B 186 24.67 -30.31 13.25
CA LYS B 186 25.22 -31.36 14.11
C LYS B 186 26.54 -31.87 13.57
N ASP B 187 26.65 -31.97 12.23
CA ASP B 187 27.85 -32.50 11.60
C ASP B 187 29.00 -31.51 11.60
N GLU B 188 28.71 -30.20 11.52
CA GLU B 188 29.79 -29.22 11.60
C GLU B 188 30.15 -28.91 13.04
N TYR B 189 29.18 -29.06 13.95
CA TYR B 189 29.45 -28.77 15.35
C TYR B 189 30.42 -29.80 15.93
N GLU B 190 30.30 -31.06 15.51
CA GLU B 190 31.17 -32.12 16.01
C GLU B 190 32.56 -32.08 15.41
N ARG B 191 32.81 -31.25 14.40
CA ARG B 191 34.14 -31.16 13.79
C ARG B 191 35.07 -30.25 14.57
N HIS B 192 34.75 -29.95 15.82
CA HIS B 192 35.57 -29.09 16.65
C HIS B 192 35.40 -29.52 18.10
N ALA B 193 36.09 -28.81 19.00
CA ALA B 193 36.01 -29.11 20.42
C ALA B 193 35.74 -27.84 21.23
N SER B 194 36.46 -26.77 20.93
CA SER B 194 36.45 -25.56 21.75
C SER B 194 35.59 -24.50 21.07
N TYR B 195 34.55 -24.05 21.79
CA TYR B 195 33.67 -22.98 21.36
C TYR B 195 33.70 -21.87 22.40
N THR B 196 34.05 -20.66 21.98
CA THR B 196 34.21 -19.54 22.90
C THR B 196 33.31 -18.38 22.50
N CYS B 197 32.93 -17.59 23.49
CA CYS B 197 32.05 -16.43 23.32
C CYS B 197 32.72 -15.22 23.95
N GLU B 198 33.18 -14.28 23.12
CA GLU B 198 33.93 -13.12 23.59
C GLU B 198 33.07 -11.88 23.53
N ALA B 199 33.06 -11.12 24.62
CA ALA B 199 32.23 -9.93 24.75
C ALA B 199 33.07 -8.80 25.31
N THR B 200 33.15 -7.69 24.57
CA THR B 200 33.89 -6.51 24.98
C THR B 200 32.92 -5.35 25.17
N HIS B 201 33.25 -4.47 26.11
CA HIS B 201 32.30 -3.49 26.60
C HIS B 201 33.09 -2.29 27.11
N GLN B 202 32.39 -1.18 27.34
CA GLN B 202 33.05 0.02 27.85
C GLN B 202 33.74 -0.25 29.19
N THR B 203 33.17 -1.13 30.00
CA THR B 203 33.65 -1.34 31.36
C THR B 203 35.01 -2.04 31.40
N SER B 204 35.43 -2.66 30.30
CA SER B 204 36.65 -3.46 30.33
C SER B 204 37.45 -3.26 29.06
N THR B 205 38.74 -2.96 29.22
CA THR B 205 39.68 -3.08 28.11
C THR B 205 39.83 -4.52 27.68
N SER B 206 39.80 -5.44 28.65
CA SER B 206 39.98 -6.86 28.39
C SER B 206 38.62 -7.52 28.19
N PRO B 207 38.32 -8.08 27.03
CA PRO B 207 36.98 -8.60 26.77
C PRO B 207 36.64 -9.80 27.66
N ILE B 208 35.37 -9.89 28.03
CA ILE B 208 34.87 -11.03 28.79
C ILE B 208 34.69 -12.21 27.84
N VAL B 209 35.30 -13.34 28.18
CA VAL B 209 35.26 -14.54 27.35
C VAL B 209 34.69 -15.68 28.18
N LYS B 210 33.70 -16.36 27.62
CA LYS B 210 33.14 -17.57 28.22
C LYS B 210 33.26 -18.69 27.20
N SER B 211 33.92 -19.77 27.57
CA SER B 211 34.25 -20.83 26.64
C SER B 211 33.92 -22.19 27.23
N PHE B 212 33.95 -23.21 26.37
CA PHE B 212 33.74 -24.58 26.79
C PHE B 212 34.33 -25.50 25.73
N ASN B 213 34.60 -26.75 26.16
CA ASN B 213 35.12 -27.79 25.29
C ASN B 213 34.03 -28.83 25.07
N ARG B 214 33.87 -29.27 23.82
CA ARG B 214 32.73 -30.10 23.46
C ARG B 214 32.67 -31.38 24.30
N ASN B 215 33.78 -32.10 24.38
CA ASN B 215 33.82 -33.31 25.20
C ASN B 215 34.19 -32.98 26.64
N ILE C 38 -45.18 49.53 12.36
CA ILE C 38 -45.35 50.51 13.43
C ILE C 38 -44.99 49.92 14.81
N VAL C 39 -45.67 50.45 15.83
CA VAL C 39 -45.62 49.89 17.19
C VAL C 39 -46.14 48.46 17.24
N THR C 40 -47.21 48.16 16.50
CA THR C 40 -47.78 46.82 16.51
C THR C 40 -46.88 45.73 15.93
N ILE C 41 -46.17 45.97 14.82
CA ILE C 41 -45.23 44.94 14.36
C ILE C 41 -44.22 44.65 15.47
N PHE C 42 -43.59 45.69 16.02
CA PHE C 42 -42.60 45.53 17.08
C PHE C 42 -43.21 44.78 18.27
N ALA C 43 -44.44 45.15 18.64
CA ALA C 43 -45.17 44.49 19.72
C ALA C 43 -45.32 43.00 19.46
N ILE C 44 -45.70 42.64 18.23
CA ILE C 44 -45.89 41.24 17.88
C ILE C 44 -44.55 40.52 17.84
N TRP C 45 -43.53 41.19 17.29
CA TRP C 45 -42.21 40.59 17.25
C TRP C 45 -41.67 40.33 18.65
N ASN C 46 -41.82 41.30 19.57
CA ASN C 46 -41.35 41.17 20.94
C ASN C 46 -42.02 40.00 21.70
N THR C 47 -43.35 39.90 21.63
CA THR C 47 -44.07 38.83 22.34
C THR C 47 -43.69 37.45 21.82
N MET C 48 -43.56 37.31 20.50
CA MET C 48 -43.27 36.00 19.91
C MET C 48 -41.92 35.47 20.36
N MET C 49 -40.90 36.32 20.38
CA MET C 49 -39.58 35.92 20.88
C MET C 49 -39.59 35.50 22.35
N GLY C 50 -38.41 35.31 22.92
CA GLY C 50 -38.22 34.99 24.33
C GLY C 50 -37.34 33.76 24.41
N THR C 51 -37.83 32.68 25.03
CA THR C 51 -37.04 31.45 25.09
C THR C 51 -37.06 30.77 23.72
N SER C 52 -38.26 30.62 23.15
CA SER C 52 -38.61 29.90 21.92
C SER C 52 -37.40 29.65 21.03
N ILE C 53 -36.58 30.69 20.90
CA ILE C 53 -35.44 30.73 20.00
C ILE C 53 -34.27 29.88 20.49
N LEU C 54 -33.96 29.97 21.79
CA LEU C 54 -32.84 29.25 22.41
C LEU C 54 -32.71 27.75 22.10
N SER C 55 -33.65 27.24 21.33
CA SER C 55 -33.70 25.84 20.94
C SER C 55 -33.85 25.66 19.42
N ILE C 56 -33.17 26.49 18.63
CA ILE C 56 -33.37 26.50 17.17
C ILE C 56 -32.18 25.80 16.53
N PRO C 57 -30.91 26.16 16.83
CA PRO C 57 -29.80 25.44 16.18
C PRO C 57 -29.96 23.94 16.38
N TRP C 58 -30.42 23.55 17.57
CA TRP C 58 -30.59 22.13 17.87
C TRP C 58 -31.64 21.52 16.96
N GLY C 59 -32.78 22.18 16.81
CA GLY C 59 -33.77 21.73 15.85
C GLY C 59 -33.19 21.57 14.46
N ILE C 60 -32.32 22.50 14.06
CA ILE C 60 -31.67 22.46 12.76
C ILE C 60 -30.69 21.29 12.69
N LYS C 61 -29.92 21.07 13.76
CA LYS C 61 -29.07 19.88 13.82
C LYS C 61 -29.90 18.62 13.64
N GLN C 62 -31.08 18.55 14.27
CA GLN C 62 -31.97 17.41 14.07
C GLN C 62 -32.38 17.28 12.61
N ALA C 63 -32.90 18.36 12.03
CA ALA C 63 -33.42 18.31 10.67
C ALA C 63 -32.28 18.33 9.65
N GLY C 64 -31.33 19.22 9.82
CA GLY C 64 -30.26 19.41 8.86
C GLY C 64 -30.08 20.89 8.57
N PHE C 65 -28.93 21.23 7.98
CA PHE C 65 -28.65 22.62 7.68
C PHE C 65 -29.50 23.13 6.52
N THR C 66 -29.31 22.56 5.31
CA THR C 66 -30.11 23.03 4.18
C THR C 66 -31.57 22.59 4.27
N LEU C 67 -31.89 21.64 5.15
CA LEU C 67 -33.28 21.26 5.29
C LEU C 67 -33.98 22.15 6.30
N GLY C 68 -33.34 22.37 7.45
CA GLY C 68 -33.92 23.23 8.47
C GLY C 68 -34.31 24.59 7.95
N ILE C 69 -33.44 25.21 7.15
CA ILE C 69 -33.78 26.48 6.52
C ILE C 69 -35.08 26.36 5.73
N ILE C 70 -35.27 25.25 5.02
CA ILE C 70 -36.49 25.10 4.25
C ILE C 70 -37.68 24.82 5.16
N ILE C 71 -37.44 24.10 6.27
CA ILE C 71 -38.46 23.90 7.28
C ILE C 71 -38.93 25.21 7.89
N ILE C 72 -37.98 26.05 8.33
CA ILE C 72 -38.34 27.36 8.86
C ILE C 72 -39.11 28.20 7.85
N VAL C 73 -38.69 28.20 6.58
CA VAL C 73 -39.46 28.95 5.59
C VAL C 73 -40.85 28.36 5.44
N LEU C 74 -40.94 27.04 5.21
CA LEU C 74 -42.25 26.41 5.04
C LEU C 74 -43.11 26.54 6.28
N MET C 75 -42.55 26.26 7.45
CA MET C 75 -43.29 26.49 8.69
C MET C 75 -43.66 27.96 8.85
N GLY C 76 -42.79 28.88 8.42
CA GLY C 76 -43.17 30.28 8.54
C GLY C 76 -44.30 30.73 7.63
N LEU C 77 -44.45 30.12 6.44
CA LEU C 77 -45.59 30.53 5.62
C LEU C 77 -46.91 30.01 6.18
N LEU C 78 -46.96 28.71 6.52
CA LEU C 78 -48.13 28.16 7.18
C LEU C 78 -48.49 28.89 8.46
N THR C 79 -47.51 29.23 9.28
CA THR C 79 -47.83 29.89 10.54
C THR C 79 -48.41 31.28 10.28
N LEU C 80 -47.83 32.03 9.35
CA LEU C 80 -48.38 33.33 9.01
C LEU C 80 -49.73 33.18 8.30
N TYR C 81 -49.85 32.16 7.46
CA TYR C 81 -51.12 31.84 6.81
C TYR C 81 -52.20 31.45 7.82
N CYS C 82 -51.85 30.63 8.80
CA CYS C 82 -52.80 30.28 9.84
C CYS C 82 -53.19 31.50 10.65
N CYS C 83 -52.24 32.37 11.00
CA CYS C 83 -52.62 33.56 11.75
C CYS C 83 -53.63 34.38 10.96
N TYR C 84 -53.52 34.43 9.63
CA TYR C 84 -54.53 35.09 8.80
C TYR C 84 -55.93 34.55 9.02
N ARG C 85 -56.07 33.23 9.05
CA ARG C 85 -57.37 32.61 9.31
C ARG C 85 -57.82 32.70 10.76
N VAL C 86 -58.53 33.77 11.06
CA VAL C 86 -59.10 34.04 12.36
C VAL C 86 -60.42 34.72 12.11
N LEU C 87 -60.45 35.62 11.13
CA LEU C 87 -61.66 36.37 10.80
C LEU C 87 -62.64 35.42 10.12
N VAL C 106 -60.27 32.87 18.53
CA VAL C 106 -60.37 32.53 19.95
C VAL C 106 -61.52 31.56 20.21
N CYS C 107 -61.97 31.58 21.46
CA CYS C 107 -63.02 30.69 21.94
C CYS C 107 -64.37 30.96 21.26
N LYS C 108 -64.72 32.24 21.09
CA LYS C 108 -65.98 32.59 20.44
C LYS C 108 -66.05 32.06 19.02
N TYR C 109 -64.92 31.97 18.32
CA TYR C 109 -64.89 31.45 16.96
C TYR C 109 -64.77 29.93 16.97
N TYR C 110 -64.42 29.35 18.12
CA TYR C 110 -64.24 27.91 18.27
C TYR C 110 -65.29 27.37 19.22
N PHE C 111 -66.42 28.08 19.30
CA PHE C 111 -67.55 27.73 20.14
C PHE C 111 -68.63 27.18 19.21
N GLY C 112 -69.22 26.06 19.60
CA GLY C 112 -70.23 25.42 18.78
C GLY C 112 -69.59 24.42 17.83
N GLY C 113 -70.44 23.66 17.16
CA GLY C 113 -69.96 22.65 16.25
C GLY C 113 -69.68 21.30 16.89
N PHE C 114 -70.22 21.06 18.09
CA PHE C 114 -70.09 19.81 18.85
C PHE C 114 -68.77 19.64 19.59
N GLY C 115 -67.69 20.27 19.13
CA GLY C 115 -66.41 20.17 19.81
C GLY C 115 -66.29 20.82 21.18
N LYS C 116 -66.56 22.13 21.26
CA LYS C 116 -66.63 22.90 22.50
C LYS C 116 -65.25 23.20 23.11
N TRP C 117 -65.15 23.11 24.44
CA TRP C 117 -63.90 23.34 25.17
C TRP C 117 -62.72 22.44 24.81
N SER C 118 -62.79 21.70 23.69
CA SER C 118 -61.64 20.87 23.34
C SER C 118 -60.43 21.74 23.04
N SER C 119 -60.68 22.94 22.52
CA SER C 119 -59.63 23.91 22.24
C SER C 119 -59.02 24.51 23.50
N LEU C 120 -59.82 24.68 24.56
CA LEU C 120 -59.27 25.16 25.82
C LEU C 120 -58.27 24.21 26.46
N VAL C 121 -58.54 22.89 26.45
CA VAL C 121 -57.53 21.97 26.95
C VAL C 121 -56.27 22.02 26.10
N PHE C 122 -56.42 22.10 24.78
CA PHE C 122 -55.26 22.20 23.91
C PHE C 122 -54.53 23.52 24.14
N SER C 123 -55.29 24.59 24.33
CA SER C 123 -54.73 25.90 24.68
C SER C 123 -54.03 25.84 26.03
N LEU C 124 -54.63 25.11 26.97
CA LEU C 124 -54.01 24.85 28.26
C LEU C 124 -52.66 24.17 28.14
N VAL C 125 -52.57 23.06 27.41
CA VAL C 125 -51.26 22.42 27.19
C VAL C 125 -50.20 23.43 26.77
N SER C 126 -50.52 24.37 25.88
CA SER C 126 -49.53 25.38 25.53
C SER C 126 -49.09 26.20 26.74
N LEU C 127 -50.04 26.49 27.64
CA LEU C 127 -49.74 27.18 28.90
C LEU C 127 -49.07 26.30 29.95
N ILE C 128 -49.44 25.02 30.04
CA ILE C 128 -48.82 24.13 31.03
C ILE C 128 -47.32 23.97 30.76
N GLY C 129 -46.94 23.77 29.49
CA GLY C 129 -45.55 23.51 29.19
C GLY C 129 -44.64 24.72 29.24
N ALA C 130 -45.17 25.90 28.96
CA ALA C 130 -44.35 27.10 29.14
C ALA C 130 -43.94 27.29 30.60
N MET C 131 -44.83 26.98 31.53
CA MET C 131 -44.45 27.06 32.95
C MET C 131 -43.35 26.07 33.31
N VAL C 132 -43.47 24.84 32.81
CA VAL C 132 -42.42 23.82 32.99
C VAL C 132 -41.08 24.23 32.38
N VAL C 133 -41.07 24.80 31.18
CA VAL C 133 -39.81 25.21 30.55
C VAL C 133 -39.09 26.25 31.40
N TYR C 134 -39.81 27.26 31.89
CA TYR C 134 -39.14 28.27 32.71
C TYR C 134 -38.59 27.66 33.98
N TRP C 135 -39.35 26.79 34.63
CA TRP C 135 -38.81 26.12 35.81
C TRP C 135 -37.51 25.39 35.47
N VAL C 136 -37.53 24.58 34.41
CA VAL C 136 -36.31 23.90 33.97
C VAL C 136 -35.22 24.90 33.62
N LEU C 137 -35.58 25.91 32.83
CA LEU C 137 -34.66 26.97 32.41
C LEU C 137 -34.12 27.80 33.57
N MET C 138 -34.95 28.11 34.57
CA MET C 138 -34.45 28.87 35.70
C MET C 138 -33.34 28.15 36.44
N SER C 139 -33.54 26.88 36.80
CA SER C 139 -32.46 26.17 37.48
C SER C 139 -31.18 26.16 36.65
N ASN C 140 -31.30 25.90 35.34
CA ASN C 140 -30.13 25.95 34.47
C ASN C 140 -29.50 27.34 34.50
N PHE C 141 -30.32 28.38 34.59
CA PHE C 141 -29.79 29.72 34.66
C PHE C 141 -29.50 30.14 36.09
N LEU C 142 -30.22 29.61 37.07
CA LEU C 142 -30.03 30.07 38.44
C LEU C 142 -28.72 29.50 38.95
N PHE C 143 -28.55 28.19 38.77
CA PHE C 143 -27.37 27.47 39.25
C PHE C 143 -26.11 27.99 38.58
N ASN C 144 -26.14 28.21 37.25
CA ASN C 144 -25.00 28.84 36.60
C ASN C 144 -24.74 30.25 37.13
N THR C 145 -25.79 31.01 37.46
CA THR C 145 -25.57 32.34 38.03
C THR C 145 -24.85 32.22 39.36
N GLY C 146 -25.28 31.28 40.20
CA GLY C 146 -24.63 31.07 41.48
C GLY C 146 -23.17 30.67 41.33
N LYS C 147 -22.91 29.60 40.56
CA LYS C 147 -21.55 29.10 40.38
C LYS C 147 -20.56 30.20 40.00
N PHE C 148 -21.04 31.34 39.52
CA PHE C 148 -20.24 32.54 39.35
C PHE C 148 -20.06 33.19 40.71
N ILE C 149 -18.96 32.84 41.40
CA ILE C 149 -18.61 33.42 42.69
C ILE C 149 -17.12 33.74 42.70
N PHE C 150 -16.78 34.85 43.35
CA PHE C 150 -15.39 35.27 43.53
C PHE C 150 -14.86 34.65 44.81
N ASN C 151 -14.34 33.42 44.70
CA ASN C 151 -13.69 32.72 45.80
C ASN C 151 -14.64 32.54 46.99
N THR C 167 -13.43 33.38 29.26
CA THR C 167 -13.38 31.95 28.99
C THR C 167 -14.12 31.66 27.68
N GLU C 168 -13.46 31.91 26.56
CA GLU C 168 -14.07 31.77 25.23
C GLU C 168 -14.10 30.30 24.80
N ARG C 169 -14.72 29.47 25.63
CA ARG C 169 -14.66 28.03 25.47
C ARG C 169 -16.01 27.47 25.06
N VAL C 170 -15.98 26.49 24.16
CA VAL C 170 -17.17 25.79 23.68
C VAL C 170 -17.03 24.33 24.05
N ILE C 171 -18.07 23.76 24.66
CA ILE C 171 -18.00 22.42 25.23
C ILE C 171 -19.17 21.59 24.75
N CYS C 172 -18.92 20.29 24.53
CA CYS C 172 -19.98 19.31 24.38
C CYS C 172 -20.26 18.73 25.77
N PRO C 173 -21.29 19.23 26.46
CA PRO C 173 -21.47 18.85 27.86
C PRO C 173 -21.74 17.36 28.04
N TYR C 174 -21.34 16.85 29.20
CA TYR C 174 -21.62 15.45 29.54
C TYR C 174 -23.05 15.35 30.07
N PRO C 175 -23.87 14.43 29.56
CA PRO C 175 -25.27 14.38 29.98
C PRO C 175 -25.47 13.78 31.37
N ASP C 176 -26.60 13.10 31.57
CA ASP C 176 -26.97 12.50 32.85
C ASP C 176 -26.99 13.55 33.95
N VAL C 177 -28.08 14.33 34.00
CA VAL C 177 -28.28 15.34 35.04
C VAL C 177 -29.74 15.34 35.49
N GLY C 196 -19.01 19.05 48.35
CA GLY C 196 -19.44 20.21 49.11
C GLY C 196 -20.28 21.17 48.30
N LEU C 197 -19.62 21.95 47.44
CA LEU C 197 -20.33 22.83 46.52
C LEU C 197 -21.33 22.05 45.68
N GLU C 198 -20.91 20.89 45.16
CA GLU C 198 -21.82 20.01 44.45
C GLU C 198 -22.90 19.49 45.40
N PHE C 199 -23.82 18.71 44.84
CA PHE C 199 -24.91 18.13 45.62
C PHE C 199 -25.87 19.19 46.11
N ASP C 200 -25.39 20.11 46.96
CA ASP C 200 -26.21 21.19 47.51
C ASP C 200 -26.51 22.37 46.58
N HIS C 201 -25.65 22.74 45.63
CA HIS C 201 -26.04 23.85 44.75
C HIS C 201 -27.20 23.57 43.79
N TRP C 202 -27.17 22.49 43.00
CA TRP C 202 -28.34 22.26 42.14
C TRP C 202 -29.50 21.61 42.88
N TRP C 203 -30.54 22.41 43.20
CA TRP C 203 -31.83 21.93 43.72
C TRP C 203 -33.12 22.27 43.02
N SER C 204 -33.31 23.48 42.44
CA SER C 204 -34.46 23.72 41.55
C SER C 204 -35.65 23.96 42.50
N LYS C 205 -35.57 23.34 43.67
CA LYS C 205 -36.49 23.37 44.81
C LYS C 205 -36.34 24.69 45.58
N THR C 206 -35.10 25.11 45.82
CA THR C 206 -34.84 26.38 46.50
C THR C 206 -35.54 27.49 45.72
N ASN C 207 -35.58 27.32 44.39
CA ASN C 207 -36.32 28.18 43.47
C ASN C 207 -37.82 28.23 43.81
N THR C 208 -38.43 27.07 44.07
CA THR C 208 -39.87 27.00 44.40
C THR C 208 -40.31 27.97 45.51
N ILE C 209 -39.55 28.10 46.61
CA ILE C 209 -40.00 29.01 47.69
C ILE C 209 -40.21 30.43 47.18
N PRO C 210 -39.36 31.04 46.35
CA PRO C 210 -39.63 32.43 45.96
C PRO C 210 -40.81 32.53 45.00
N PHE C 211 -40.93 31.54 44.11
CA PHE C 211 -42.07 31.42 43.19
C PHE C 211 -43.41 31.22 43.88
N TYR C 212 -43.51 30.28 44.83
CA TYR C 212 -44.76 30.11 45.54
C TYR C 212 -45.27 31.42 46.15
N LEU C 213 -44.41 32.17 46.84
CA LEU C 213 -44.84 33.42 47.46
C LEU C 213 -45.41 34.41 46.42
N ILE C 214 -44.73 34.57 45.29
CA ILE C 214 -45.17 35.54 44.28
C ILE C 214 -46.47 35.13 43.60
N LEU C 215 -46.74 33.84 43.47
CA LEU C 215 -47.98 33.41 42.84
C LEU C 215 -49.21 33.72 43.70
N LEU C 216 -49.73 34.94 43.62
CA LEU C 216 -50.91 35.31 44.40
C LEU C 216 -51.99 35.95 43.53
N SER C 225 -50.60 41.18 40.22
CA SER C 225 -50.19 40.86 38.86
C SER C 225 -49.73 42.10 38.11
N ALA C 226 -50.54 43.16 38.20
CA ALA C 226 -50.28 44.41 37.49
C ALA C 226 -48.87 44.93 37.76
N SER C 227 -48.33 44.67 38.95
CA SER C 227 -46.97 45.10 39.27
C SER C 227 -45.95 44.26 38.50
N PHE C 228 -46.22 42.96 38.34
CA PHE C 228 -45.29 42.10 37.62
C PHE C 228 -45.21 42.47 36.15
N PHE C 229 -46.35 42.74 35.51
CA PHE C 229 -46.28 43.23 34.13
C PHE C 229 -45.59 44.58 34.05
N ALA C 230 -45.83 45.47 35.03
CA ALA C 230 -45.10 46.74 35.04
C ALA C 230 -43.59 46.50 35.06
N ARG C 231 -43.14 45.57 35.90
CA ARG C 231 -41.73 45.20 35.98
C ARG C 231 -41.27 44.43 34.74
N PHE C 232 -42.20 43.73 34.08
CA PHE C 232 -41.90 42.97 32.88
C PHE C 232 -41.87 43.82 31.61
N THR C 233 -42.03 43.16 30.46
CA THR C 233 -41.93 43.75 29.12
C THR C 233 -40.59 44.44 28.92
N PHE C 234 -40.19 45.27 29.89
CA PHE C 234 -38.94 46.00 29.82
C PHE C 234 -37.73 45.08 29.72
N LEU C 235 -37.80 43.94 30.41
CA LEU C 235 -36.70 42.97 30.47
C LEU C 235 -36.63 42.04 29.26
N GLY C 236 -37.76 41.74 28.63
CA GLY C 236 -37.71 40.97 27.39
C GLY C 236 -37.02 41.65 26.22
N THR C 237 -37.26 42.95 26.03
CA THR C 237 -36.57 43.65 24.95
C THR C 237 -35.05 43.66 25.14
N ILE C 238 -34.60 43.88 26.38
CA ILE C 238 -33.17 43.86 26.66
C ILE C 238 -32.57 42.48 26.41
N SER C 239 -33.23 41.42 26.89
CA SER C 239 -32.67 40.09 26.74
C SER C 239 -32.55 39.66 25.28
N VAL C 240 -33.63 39.75 24.48
CA VAL C 240 -33.49 39.34 23.09
C VAL C 240 -32.54 40.22 22.28
N ILE C 241 -32.43 41.51 22.62
CA ILE C 241 -31.46 42.36 21.93
C ILE C 241 -30.03 42.04 22.36
N TYR C 242 -29.83 41.72 23.63
CA TYR C 242 -28.51 41.32 24.12
C TYR C 242 -28.12 39.96 23.57
N LEU C 243 -29.05 39.00 23.63
CA LEU C 243 -28.84 37.67 23.09
C LEU C 243 -28.43 37.67 21.62
N ILE C 244 -29.05 38.53 20.80
CA ILE C 244 -28.67 38.58 19.39
C ILE C 244 -27.33 39.30 19.21
N PHE C 245 -26.97 40.21 20.11
CA PHE C 245 -25.61 40.75 20.12
C PHE C 245 -24.58 39.66 20.41
N LEU C 246 -24.87 38.83 21.44
CA LEU C 246 -24.01 37.70 21.76
C LEU C 246 -23.85 36.72 20.61
N VAL C 247 -24.97 36.27 20.01
CA VAL C 247 -24.90 35.33 18.89
C VAL C 247 -23.99 35.88 17.80
N THR C 248 -24.07 37.18 17.56
CA THR C 248 -23.28 37.84 16.52
C THR C 248 -21.82 37.87 16.95
N TYR C 249 -21.56 38.42 18.13
CA TYR C 249 -20.19 38.68 18.55
C TYR C 249 -19.49 37.38 18.89
N LYS C 250 -20.24 36.35 19.29
CA LYS C 250 -19.60 35.06 19.48
C LYS C 250 -19.33 34.41 18.13
N ALA C 251 -20.24 34.53 17.17
CA ALA C 251 -19.97 33.94 15.86
C ALA C 251 -18.76 34.62 15.20
N ILE C 252 -18.59 35.92 15.42
CA ILE C 252 -17.44 36.60 14.81
C ILE C 252 -16.15 36.16 15.48
N GLN C 253 -16.21 35.83 16.77
CA GLN C 253 -15.07 35.34 17.53
C GLN C 253 -14.46 34.05 16.97
N LEU C 254 -15.19 33.28 16.16
CA LEU C 254 -14.60 32.05 15.64
C LEU C 254 -15.33 31.42 14.45
N GLY C 255 -16.50 31.92 14.08
CA GLY C 255 -17.30 31.24 13.08
C GLY C 255 -16.85 31.42 11.64
N PHE C 256 -17.11 30.34 10.88
CA PHE C 256 -16.86 30.02 9.47
C PHE C 256 -17.23 28.54 9.41
N HIS C 257 -16.37 27.69 8.84
CA HIS C 257 -16.55 26.23 8.89
C HIS C 257 -17.43 25.69 7.78
N LEU C 258 -18.25 24.68 8.09
CA LEU C 258 -19.28 24.12 7.22
C LEU C 258 -18.66 23.36 6.04
N GLU C 259 -19.14 22.15 5.78
CA GLU C 259 -18.61 21.39 4.65
C GLU C 259 -19.67 20.69 3.81
N PHE C 260 -20.90 20.63 4.27
CA PHE C 260 -21.95 20.03 3.48
C PHE C 260 -21.50 18.68 3.00
N HIS C 261 -22.42 17.72 2.99
CA HIS C 261 -22.11 16.39 2.54
C HIS C 261 -23.28 15.86 1.74
N SER C 266 -17.96 12.92 7.94
CA SER C 266 -19.31 13.05 8.46
C SER C 266 -19.29 13.08 10.00
N MET C 267 -18.22 12.56 10.61
CA MET C 267 -18.15 12.46 12.07
C MET C 267 -18.20 13.82 12.74
N PHE C 268 -17.51 14.79 12.13
CA PHE C 268 -17.48 16.15 12.63
C PHE C 268 -18.75 16.91 12.27
N PHE C 269 -19.34 16.57 11.12
CA PHE C 269 -20.46 17.31 10.59
C PHE C 269 -21.74 16.51 10.83
N VAL C 270 -22.85 16.98 10.26
CA VAL C 270 -24.11 16.24 10.24
C VAL C 270 -24.76 16.36 8.87
N PRO C 271 -25.37 15.29 8.37
CA PRO C 271 -26.00 15.35 7.05
C PRO C 271 -26.90 16.57 6.93
N GLU C 272 -27.05 17.04 5.71
CA GLU C 272 -27.89 18.20 5.43
C GLU C 272 -29.38 17.86 5.40
N PHE C 273 -29.74 16.63 5.06
CA PHE C 273 -31.14 16.22 5.04
C PHE C 273 -31.35 15.08 6.04
N ARG C 274 -31.26 15.41 7.33
CA ARG C 274 -31.50 14.41 8.35
C ARG C 274 -32.99 14.02 8.39
N THR C 275 -33.24 12.84 8.93
CA THR C 275 -34.59 12.29 9.03
C THR C 275 -35.39 12.94 10.15
N LEU C 276 -34.73 13.43 11.20
CA LEU C 276 -35.40 14.18 12.27
C LEU C 276 -35.96 15.56 11.90
N PHE C 277 -36.42 15.67 10.65
CA PHE C 277 -37.11 16.86 10.18
C PHE C 277 -38.39 17.12 10.99
N PRO C 278 -39.12 16.09 11.48
CA PRO C 278 -40.37 16.36 12.20
C PRO C 278 -40.14 16.95 13.59
N GLN C 279 -39.09 16.58 14.30
CA GLN C 279 -38.88 17.22 15.60
C GLN C 279 -38.68 18.72 15.44
N LEU C 280 -37.93 19.18 14.44
CA LEU C 280 -37.83 20.63 14.29
C LEU C 280 -39.21 21.25 14.04
N SER C 281 -40.03 20.63 13.20
CA SER C 281 -41.37 21.16 12.96
C SER C 281 -42.18 21.24 14.26
N GLY C 282 -42.01 20.23 15.13
CA GLY C 282 -42.68 20.26 16.42
C GLY C 282 -42.20 21.38 17.32
N VAL C 283 -40.87 21.56 17.40
CA VAL C 283 -40.35 22.64 18.21
C VAL C 283 -40.71 23.98 17.61
N LEU C 284 -40.65 24.05 16.28
CA LEU C 284 -40.93 25.27 15.54
C LEU C 284 -42.39 25.73 15.55
N THR C 285 -43.32 24.92 16.07
CA THR C 285 -44.69 25.40 16.04
C THR C 285 -44.87 26.48 17.11
N LEU C 286 -44.27 26.23 18.30
CA LEU C 286 -44.33 27.15 19.43
C LEU C 286 -43.66 28.48 19.14
N ALA C 287 -42.78 28.49 18.13
CA ALA C 287 -42.10 29.69 17.67
C ALA C 287 -43.08 30.77 17.27
N PHE C 288 -44.33 30.37 17.05
CA PHE C 288 -45.43 31.18 16.57
C PHE C 288 -46.50 31.21 17.66
N PHE C 289 -46.00 31.45 18.87
CA PHE C 289 -46.75 31.50 20.12
C PHE C 289 -47.48 32.84 20.21
N ILE C 290 -48.52 32.95 19.39
CA ILE C 290 -49.38 34.13 19.37
C ILE C 290 -50.79 33.77 18.90
N HIS C 291 -50.94 32.61 18.23
CA HIS C 291 -52.24 32.19 17.69
C HIS C 291 -53.28 32.04 18.79
N ASN C 292 -53.46 33.06 19.62
CA ASN C 292 -54.33 32.98 20.78
C ASN C 292 -54.43 34.35 21.43
N CYS C 293 -53.80 35.34 20.80
CA CYS C 293 -53.81 36.71 21.31
C CYS C 293 -53.73 37.73 20.17
N ILE C 294 -53.84 37.29 18.92
CA ILE C 294 -53.81 38.19 17.78
C ILE C 294 -55.10 38.99 17.69
N ILE C 295 -56.24 38.31 17.72
CA ILE C 295 -57.52 38.98 17.52
C ILE C 295 -57.88 39.82 18.74
N THR C 296 -57.48 39.39 19.94
CA THR C 296 -57.60 40.26 21.10
C THR C 296 -56.62 41.43 21.07
N LEU C 297 -55.68 41.44 20.11
CA LEU C 297 -54.76 42.55 19.91
C LEU C 297 -54.92 43.27 18.58
N MET C 298 -55.21 42.55 17.49
CA MET C 298 -55.14 43.15 16.16
C MET C 298 -56.07 44.36 15.99
N LYS C 299 -57.20 44.39 16.69
CA LYS C 299 -58.07 45.56 16.60
C LYS C 299 -57.61 46.72 17.45
N ASN C 300 -56.65 46.52 18.34
CA ASN C 300 -56.17 47.61 19.20
C ASN C 300 -55.37 48.64 18.42
N ASN C 301 -55.05 48.36 17.16
CA ASN C 301 -54.42 49.30 16.25
C ASN C 301 -55.42 49.68 15.17
N LYS C 302 -55.00 50.59 14.29
CA LYS C 302 -55.92 51.35 13.46
C LYS C 302 -56.58 50.50 12.37
N HIS C 303 -56.34 49.18 12.39
CA HIS C 303 -57.07 48.20 11.58
C HIS C 303 -56.93 48.45 10.10
N GLN C 304 -57.62 47.64 9.29
CA GLN C 304 -57.65 47.74 7.83
C GLN C 304 -56.29 47.45 7.21
N GLU C 305 -56.30 46.90 6.00
CA GLU C 305 -55.08 46.60 5.26
C GLU C 305 -54.25 47.84 4.97
N ASN C 307 -53.54 46.29 8.32
CA ASN C 307 -53.58 45.25 9.34
C ASN C 307 -52.88 43.98 8.86
N VAL C 308 -53.28 43.50 7.67
CA VAL C 308 -52.71 42.27 7.12
C VAL C 308 -51.22 42.44 6.83
N ARG C 309 -50.83 43.60 6.29
CA ARG C 309 -49.42 43.84 6.01
C ARG C 309 -48.60 43.88 7.28
N ASP C 310 -49.15 44.47 8.35
CA ASP C 310 -48.43 44.54 9.62
C ASP C 310 -48.25 43.15 10.21
N LEU C 311 -49.22 42.27 10.01
CA LEU C 311 -49.16 40.90 10.52
C LEU C 311 -48.08 40.11 9.79
N SER C 312 -48.04 40.24 8.46
CA SER C 312 -47.06 39.51 7.64
C SER C 312 -45.65 39.98 7.94
N LEU C 313 -45.45 41.29 7.98
CA LEU C 313 -44.13 41.87 8.27
C LEU C 313 -43.58 41.36 9.60
N ALA C 314 -44.40 41.34 10.66
CA ALA C 314 -43.85 40.90 11.94
C ALA C 314 -43.35 39.46 11.86
N TYR C 315 -44.06 38.59 11.13
CA TYR C 315 -43.57 37.24 10.91
C TYR C 315 -42.26 37.23 10.14
N LEU C 316 -42.15 38.04 9.09
CA LEU C 316 -40.91 38.03 8.34
C LEU C 316 -39.77 38.47 9.26
N LEU C 317 -40.01 39.51 10.06
CA LEU C 317 -39.02 39.88 11.07
C LEU C 317 -38.73 38.67 11.95
N VAL C 318 -39.79 38.09 12.57
CA VAL C 318 -39.55 36.99 13.50
C VAL C 318 -39.02 35.77 12.75
N GLY C 319 -39.47 35.56 11.52
CA GLY C 319 -38.87 34.51 10.69
C GLY C 319 -37.38 34.74 10.51
N LEU C 320 -37.02 35.97 10.14
CA LEU C 320 -35.63 36.37 9.96
C LEU C 320 -34.86 36.36 11.28
N THR C 321 -35.45 36.85 12.37
CA THR C 321 -34.73 36.80 13.65
C THR C 321 -34.40 35.36 14.02
N TYR C 322 -35.39 34.46 13.97
CA TYR C 322 -35.08 33.06 14.28
C TYR C 322 -34.05 32.52 13.29
N LEU C 323 -34.26 32.81 12.00
CA LEU C 323 -33.37 32.28 10.98
C LEU C 323 -31.96 32.88 11.12
N TYR C 324 -31.85 34.20 11.35
CA TYR C 324 -30.52 34.72 11.61
C TYR C 324 -29.89 33.99 12.79
N VAL C 325 -30.66 33.75 13.84
CA VAL C 325 -30.12 33.03 14.99
C VAL C 325 -30.06 31.55 14.59
N GLY C 326 -29.26 30.77 15.27
CA GLY C 326 -29.22 29.36 14.95
C GLY C 326 -28.39 29.12 13.70
N VAL C 327 -28.54 29.93 12.64
CA VAL C 327 -27.67 29.74 11.48
C VAL C 327 -26.25 30.05 11.92
N LEU C 328 -26.06 31.24 12.52
CA LEU C 328 -24.74 31.61 13.02
C LEU C 328 -24.26 30.61 14.04
N ILE C 329 -25.12 30.19 14.97
CA ILE C 329 -24.70 29.19 15.93
C ILE C 329 -24.41 27.87 15.22
N PHE C 330 -25.33 27.40 14.36
CA PHE C 330 -25.05 26.12 13.73
C PHE C 330 -23.88 26.21 12.76
N ALA C 331 -23.76 27.34 12.05
CA ALA C 331 -22.67 27.52 11.10
C ALA C 331 -21.35 27.92 11.72
N ALA C 332 -21.28 28.13 13.01
CA ALA C 332 -20.06 28.63 13.63
C ALA C 332 -19.55 27.72 14.72
N PHE C 333 -20.35 26.77 15.17
CA PHE C 333 -19.92 25.86 16.22
C PHE C 333 -18.63 25.22 15.71
N PRO C 334 -17.55 25.17 16.51
CA PRO C 334 -16.33 24.43 16.13
C PRO C 334 -16.47 23.02 15.56
N SER C 335 -17.15 22.85 14.43
CA SER C 335 -17.34 21.50 13.92
C SER C 335 -16.07 20.68 13.66
N PRO C 336 -14.90 21.23 13.32
CA PRO C 336 -13.75 20.33 13.10
C PRO C 336 -12.97 19.97 14.36
N PRO C 337 -13.03 20.75 15.49
CA PRO C 337 -12.42 20.21 16.72
C PRO C 337 -13.49 19.31 17.31
N LEU C 338 -14.52 19.98 17.82
CA LEU C 338 -15.79 19.41 18.23
C LEU C 338 -16.50 18.78 17.02
N SER C 339 -17.82 18.92 16.96
CA SER C 339 -18.67 18.27 15.97
C SER C 339 -20.08 18.77 16.22
N LYS C 340 -20.97 18.52 15.26
CA LYS C 340 -22.36 18.88 15.48
C LYS C 340 -22.91 17.90 16.51
N GLU C 341 -24.21 17.58 16.54
CA GLU C 341 -24.71 16.58 17.50
C GLU C 341 -24.57 17.19 18.90
N CYS C 342 -23.44 17.87 19.07
CA CYS C 342 -22.94 18.42 20.32
C CYS C 342 -23.93 19.44 20.87
N ILE C 343 -24.46 20.28 19.98
CA ILE C 343 -25.38 21.35 20.34
C ILE C 343 -26.61 20.76 20.99
N GLU C 344 -26.52 20.63 22.32
CA GLU C 344 -27.60 20.14 23.17
C GLU C 344 -28.74 21.14 23.00
N PRO C 345 -30.02 20.77 23.22
CA PRO C 345 -31.11 21.67 22.79
C PRO C 345 -30.88 23.12 23.17
N ASN C 346 -30.46 23.41 24.39
CA ASN C 346 -30.35 24.80 24.77
C ASN C 346 -29.03 25.16 24.07
N PHE C 347 -29.01 26.27 23.34
CA PHE C 347 -27.78 26.64 22.65
C PHE C 347 -26.77 27.25 23.60
N LEU C 348 -27.22 28.04 24.59
CA LEU C 348 -26.25 28.50 25.58
C LEU C 348 -25.66 27.35 26.40
N ASP C 349 -26.31 26.19 26.46
CA ASP C 349 -25.73 25.07 27.21
C ASP C 349 -24.32 24.71 26.71
N ASN C 350 -24.02 24.98 25.43
CA ASN C 350 -22.70 24.69 24.83
C ASN C 350 -21.61 25.67 25.29
N PHE C 351 -21.79 26.32 26.41
CA PHE C 351 -20.86 27.25 27.01
C PHE C 351 -20.74 26.75 28.44
N PRO C 352 -19.57 26.78 29.04
CA PRO C 352 -19.50 26.22 30.39
C PRO C 352 -19.97 27.00 31.61
N SER C 353 -19.18 26.79 32.66
CA SER C 353 -19.40 27.35 33.98
C SER C 353 -19.25 28.86 34.07
N SER C 354 -18.38 29.49 33.28
CA SER C 354 -18.27 30.94 33.44
C SER C 354 -17.78 31.68 32.21
N ASP C 355 -18.71 32.31 31.52
CA ASP C 355 -18.48 33.10 30.32
C ASP C 355 -19.10 34.40 30.79
N ILE C 356 -18.39 35.51 30.68
CA ILE C 356 -19.01 36.76 31.09
C ILE C 356 -20.12 37.20 30.12
N LEU C 357 -19.97 36.94 28.82
CA LEU C 357 -21.07 37.21 27.92
C LEU C 357 -22.27 36.28 28.15
N VAL C 358 -22.00 34.97 28.29
CA VAL C 358 -23.03 33.98 28.63
C VAL C 358 -23.73 34.32 29.94
N PHE C 359 -22.96 34.70 30.97
CA PHE C 359 -23.55 34.99 32.28
C PHE C 359 -24.52 36.16 32.22
N VAL C 360 -24.14 37.23 31.53
CA VAL C 360 -25.03 38.39 31.45
C VAL C 360 -26.33 37.98 30.73
N ALA C 361 -26.21 37.29 29.60
CA ALA C 361 -27.41 36.84 28.87
C ALA C 361 -28.29 35.88 29.68
N ARG C 362 -27.71 34.94 30.42
CA ARG C 362 -28.56 34.05 31.23
C ARG C 362 -29.28 34.81 32.32
N THR C 363 -28.61 35.80 32.92
CA THR C 363 -29.22 36.55 34.01
C THR C 363 -30.34 37.44 33.50
N PHE C 364 -30.17 38.11 32.34
CA PHE C 364 -31.29 38.89 31.80
C PHE C 364 -32.49 38.00 31.53
N LEU C 365 -32.27 36.80 30.98
CA LEU C 365 -33.35 35.84 30.77
C LEU C 365 -33.98 35.44 32.10
N LEU C 366 -33.14 35.21 33.11
CA LEU C 366 -33.64 34.79 34.40
C LEU C 366 -34.48 35.90 35.02
N PHE C 367 -34.03 37.14 34.87
CA PHE C 367 -34.85 38.27 35.32
C PHE C 367 -36.11 38.39 34.46
N GLN C 368 -35.96 38.21 33.14
CA GLN C 368 -37.10 38.27 32.23
C GLN C 368 -38.15 37.21 32.55
N MET C 369 -37.72 35.95 32.70
CA MET C 369 -38.67 34.87 32.95
C MET C 369 -39.30 34.98 34.33
N THR C 370 -38.52 35.27 35.35
CA THR C 370 -39.07 35.47 36.69
C THR C 370 -40.24 36.45 36.71
N THR C 371 -40.10 37.64 36.10
CA THR C 371 -41.25 38.55 36.11
C THR C 371 -42.45 38.08 35.27
N VAL C 372 -42.21 37.39 34.15
CA VAL C 372 -43.23 36.82 33.27
C VAL C 372 -43.96 35.60 33.83
N TYR C 373 -43.30 34.76 34.64
CA TYR C 373 -43.96 33.56 35.15
C TYR C 373 -45.09 33.78 36.17
N PRO C 374 -45.02 34.71 37.11
CA PRO C 374 -46.18 34.91 37.98
C PRO C 374 -47.39 35.37 37.19
N LEU C 375 -47.10 36.27 36.25
CA LEU C 375 -48.11 36.82 35.37
C LEU C 375 -48.62 35.76 34.40
N LEU C 376 -47.75 34.82 33.99
CA LEU C 376 -48.21 33.79 33.06
C LEU C 376 -49.07 32.75 33.77
N GLY C 377 -48.69 32.36 34.98
CA GLY C 377 -49.47 31.39 35.75
C GLY C 377 -50.67 31.90 36.52
N TYR C 378 -50.43 32.93 37.33
CA TYR C 378 -51.40 33.56 38.24
C TYR C 378 -51.88 34.86 37.61
N LEU C 379 -52.94 34.76 36.79
CA LEU C 379 -53.49 35.80 35.93
C LEU C 379 -54.02 35.17 34.64
N VAL C 380 -53.39 34.07 34.22
CA VAL C 380 -53.74 33.36 32.98
C VAL C 380 -54.26 31.95 33.28
N ARG C 381 -53.37 31.04 33.70
CA ARG C 381 -53.77 29.64 33.93
C ARG C 381 -54.95 29.53 34.90
N VAL C 382 -54.97 30.35 35.95
CA VAL C 382 -56.07 30.29 36.91
C VAL C 382 -57.40 30.63 36.24
N GLN C 383 -57.41 31.64 35.37
CA GLN C 383 -58.62 32.01 34.63
C GLN C 383 -59.11 30.89 33.71
N LEU C 384 -58.24 30.33 32.86
CA LEU C 384 -58.71 29.35 31.90
C LEU C 384 -59.26 28.10 32.58
N MET C 385 -58.63 27.69 33.67
CA MET C 385 -59.11 26.54 34.44
C MET C 385 -60.50 26.79 35.02
N GLY C 386 -60.69 27.93 35.68
CA GLY C 386 -62.00 28.23 36.28
C GLY C 386 -63.12 28.28 35.25
N GLN C 387 -62.87 28.91 34.10
CA GLN C 387 -63.82 28.97 33.01
C GLN C 387 -65.16 29.56 33.44
N LEU C 397 -57.84 32.03 52.31
CA LEU C 397 -57.26 31.00 51.46
C LEU C 397 -58.37 30.28 50.68
N HIS C 398 -58.45 30.54 49.37
CA HIS C 398 -59.44 29.88 48.51
C HIS C 398 -58.95 28.53 47.99
N VAL C 399 -58.03 28.54 47.03
CA VAL C 399 -57.61 27.28 46.40
C VAL C 399 -56.20 26.88 46.79
N PHE C 400 -55.19 27.53 46.20
CA PHE C 400 -53.78 27.35 46.58
C PHE C 400 -53.34 25.90 46.44
N VAL C 401 -53.91 25.20 45.47
CA VAL C 401 -53.62 23.79 45.23
C VAL C 401 -53.53 23.61 43.73
N LEU C 402 -54.21 24.47 42.95
CA LEU C 402 -53.98 24.43 41.52
C LEU C 402 -52.59 24.96 41.19
N ASN C 403 -52.13 25.96 41.94
CA ASN C 403 -50.76 26.46 41.77
C ASN C 403 -49.75 25.36 42.05
N VAL C 404 -50.09 24.46 42.97
CA VAL C 404 -49.23 23.34 43.36
C VAL C 404 -49.00 22.37 42.22
N PHE C 405 -50.06 22.00 41.48
CA PHE C 405 -49.87 21.07 40.38
C PHE C 405 -49.06 21.64 39.23
N VAL C 406 -49.21 22.93 38.89
CA VAL C 406 -48.37 23.45 37.81
C VAL C 406 -46.92 23.53 38.27
N VAL C 407 -46.71 24.08 39.48
CA VAL C 407 -45.39 24.13 40.10
C VAL C 407 -44.81 22.73 40.28
N GLY C 408 -45.63 21.80 40.76
CA GLY C 408 -45.15 20.45 41.01
C GLY C 408 -44.77 19.69 39.75
N ALA C 409 -45.58 19.79 38.70
CA ALA C 409 -45.25 19.09 37.48
C ALA C 409 -43.92 19.61 36.92
N GLY C 410 -43.78 20.94 36.80
CA GLY C 410 -42.52 21.51 36.37
C GLY C 410 -41.35 21.24 37.29
N VAL C 411 -41.58 21.26 38.61
CA VAL C 411 -40.49 20.92 39.55
C VAL C 411 -39.99 19.50 39.33
N LEU C 412 -40.91 18.54 39.26
CA LEU C 412 -40.51 17.17 38.98
C LEU C 412 -39.85 17.03 37.62
N MET C 413 -40.39 17.71 36.62
CA MET C 413 -39.79 17.69 35.29
C MET C 413 -38.33 18.15 35.33
N ALA C 414 -38.10 19.35 35.85
CA ALA C 414 -36.74 19.87 35.94
C ALA C 414 -35.80 18.98 36.75
N ARG C 415 -36.27 18.41 37.87
CA ARG C 415 -35.34 17.57 38.61
C ARG C 415 -35.04 16.29 37.84
N PHE C 416 -36.05 15.72 37.18
CA PHE C 416 -35.88 14.50 36.39
C PHE C 416 -35.28 14.83 35.04
N TYR C 417 -36.06 14.62 33.97
CA TYR C 417 -35.72 14.78 32.56
C TYR C 417 -35.79 16.24 32.09
N PRO C 418 -34.65 16.91 31.87
CA PRO C 418 -34.72 18.36 31.61
C PRO C 418 -34.19 18.60 30.21
N ASN C 419 -34.69 17.83 29.24
CA ASN C 419 -34.38 18.04 27.83
C ASN C 419 -35.44 18.98 27.28
N ILE C 420 -35.06 20.25 27.14
CA ILE C 420 -36.01 21.27 26.73
C ILE C 420 -36.65 20.92 25.39
N GLY C 421 -35.84 20.61 24.36
CA GLY C 421 -36.50 20.23 23.13
C GLY C 421 -37.40 19.00 23.22
N SER C 422 -37.34 18.23 24.31
CA SER C 422 -38.27 17.11 24.46
C SER C 422 -39.66 17.60 24.82
N ILE C 423 -39.78 18.85 25.25
CA ILE C 423 -41.05 19.45 25.62
C ILE C 423 -41.53 20.44 24.58
N ILE C 424 -40.64 21.06 23.79
CA ILE C 424 -41.10 22.03 22.81
C ILE C 424 -41.61 21.37 21.54
N ARG C 425 -41.53 20.03 21.50
CA ARG C 425 -41.99 19.26 20.35
C ARG C 425 -43.40 18.76 20.63
N TYR C 426 -43.58 18.09 21.76
CA TYR C 426 -44.89 17.57 22.15
C TYR C 426 -45.83 18.75 22.37
N SER C 427 -45.55 19.54 23.41
CA SER C 427 -46.35 20.72 23.70
C SER C 427 -46.62 21.51 22.44
N GLY C 428 -45.59 22.19 21.93
CA GLY C 428 -45.71 23.00 20.74
C GLY C 428 -46.29 22.28 19.55
N ALA C 429 -46.17 20.95 19.51
CA ALA C 429 -46.73 20.20 18.41
C ALA C 429 -48.14 19.71 18.69
N LEU C 430 -48.47 19.32 19.93
CA LEU C 430 -49.85 18.93 20.20
C LEU C 430 -50.77 20.14 20.14
N CYS C 431 -50.29 21.28 20.64
CA CYS C 431 -51.02 22.54 20.59
C CYS C 431 -51.20 22.98 19.14
N GLY C 432 -50.10 22.94 18.39
CA GLY C 432 -50.13 23.34 16.99
C GLY C 432 -51.10 22.54 16.16
N LEU C 433 -51.16 21.22 16.36
CA LEU C 433 -52.13 20.47 15.58
C LEU C 433 -53.53 20.99 15.86
N ALA C 434 -53.83 21.25 17.13
CA ALA C 434 -55.09 21.79 17.58
C ALA C 434 -55.50 23.15 17.04
N LEU C 435 -55.15 24.19 17.80
CA LEU C 435 -55.46 25.58 17.46
C LEU C 435 -54.73 26.10 16.23
N VAL C 436 -53.42 25.87 16.12
CA VAL C 436 -52.69 26.24 14.91
C VAL C 436 -53.30 25.65 13.64
N PHE C 437 -53.55 24.33 13.58
CA PHE C 437 -54.01 23.87 12.27
C PHE C 437 -55.39 23.22 12.16
N VAL C 438 -55.81 22.37 13.10
CA VAL C 438 -57.14 21.75 12.97
C VAL C 438 -58.27 22.78 13.01
N LEU C 439 -58.23 23.70 13.96
CA LEU C 439 -59.31 24.67 14.00
C LEU C 439 -59.43 25.73 12.90
N PRO C 440 -58.36 26.21 12.27
CA PRO C 440 -58.61 27.13 11.15
C PRO C 440 -59.21 26.55 9.88
N SER C 441 -58.67 25.43 9.38
CA SER C 441 -59.28 24.82 8.20
C SER C 441 -60.72 24.39 8.41
N LEU C 442 -61.00 23.67 9.50
CA LEU C 442 -62.38 23.34 9.83
C LEU C 442 -63.30 24.55 9.96
N ILE C 443 -62.85 25.59 10.69
CA ILE C 443 -63.71 26.76 10.84
C ILE C 443 -63.95 27.46 9.50
N HIS C 444 -62.88 27.68 8.72
CA HIS C 444 -63.08 28.22 7.37
C HIS C 444 -64.05 27.35 6.59
N MET C 445 -63.84 26.04 6.60
CA MET C 445 -64.73 25.10 5.91
C MET C 445 -66.16 25.19 6.47
N VAL C 446 -66.29 25.01 7.79
CA VAL C 446 -67.61 25.09 8.45
C VAL C 446 -68.27 26.44 8.18
N SER C 447 -67.50 27.52 8.19
CA SER C 447 -68.06 28.86 8.03
C SER C 447 -67.99 29.32 6.59
N LEU C 448 -67.86 28.39 5.64
CA LEU C 448 -67.67 28.74 4.24
C LEU C 448 -68.89 29.48 3.74
N LYS C 449 -70.06 29.03 4.17
CA LYS C 449 -71.36 29.60 3.88
C LYS C 449 -71.47 31.05 4.33
N ARG C 455 -63.21 23.14 -2.49
CA ARG C 455 -64.15 23.54 -3.54
C ARG C 455 -63.54 23.31 -4.91
N TRP C 456 -63.30 24.42 -5.61
CA TRP C 456 -62.36 24.42 -6.73
C TRP C 456 -61.12 23.61 -6.34
N THR C 457 -60.56 23.89 -5.16
CA THR C 457 -59.42 23.18 -4.62
C THR C 457 -59.14 23.61 -3.19
N SER C 458 -60.01 24.45 -2.62
CA SER C 458 -59.82 24.96 -1.27
C SER C 458 -59.97 23.89 -0.20
N THR C 459 -60.95 22.98 -0.33
CA THR C 459 -61.09 21.90 0.64
C THR C 459 -59.90 20.95 0.59
N LEU C 460 -59.50 20.53 -0.61
CA LEU C 460 -58.30 19.70 -0.75
C LEU C 460 -57.09 20.34 -0.07
N PHE C 461 -56.82 21.61 -0.37
CA PHE C 461 -55.72 22.32 0.27
C PHE C 461 -55.85 22.33 1.79
N HIS C 462 -57.04 22.69 2.28
CA HIS C 462 -57.34 22.76 3.71
C HIS C 462 -57.20 21.41 4.39
N GLY C 463 -57.62 20.33 3.71
CA GLY C 463 -57.57 18.99 4.29
C GLY C 463 -56.14 18.55 4.46
N PHE C 464 -55.30 18.85 3.46
CA PHE C 464 -53.88 18.57 3.51
C PHE C 464 -53.29 19.16 4.80
N LEU C 465 -53.53 20.46 5.04
CA LEU C 465 -52.97 21.12 6.22
C LEU C 465 -53.42 20.42 7.49
N ILE C 466 -54.67 19.98 7.55
CA ILE C 466 -55.14 19.19 8.71
C ILE C 466 -54.29 17.93 8.85
N LEU C 467 -54.08 17.23 7.74
CA LEU C 467 -53.23 16.04 7.72
C LEU C 467 -51.82 16.35 8.22
N LEU C 468 -51.24 17.47 7.80
CA LEU C 468 -49.90 17.85 8.25
C LEU C 468 -49.86 18.08 9.76
N GLY C 469 -50.90 18.68 10.32
CA GLY C 469 -50.93 18.81 11.77
C GLY C 469 -50.83 17.46 12.46
N VAL C 470 -51.66 16.50 12.04
CA VAL C 470 -51.67 15.18 12.64
C VAL C 470 -50.36 14.46 12.36
N ALA C 471 -49.83 14.63 11.14
CA ALA C 471 -48.49 14.13 10.82
C ALA C 471 -47.41 14.65 11.77
N ASN C 472 -47.46 15.93 12.13
CA ASN C 472 -46.47 16.47 13.07
C ASN C 472 -46.54 15.77 14.43
N LEU C 473 -47.74 15.61 15.00
CA LEU C 473 -47.83 14.89 16.28
C LEU C 473 -47.39 13.44 16.11
N LEU C 474 -47.83 12.79 15.03
CA LEU C 474 -47.41 11.43 14.70
C LEU C 474 -45.90 11.38 14.50
N GLY C 475 -45.37 12.34 13.75
CA GLY C 475 -43.95 12.44 13.50
C GLY C 475 -43.09 12.46 14.76
N GLN C 476 -43.54 13.16 15.80
CA GLN C 476 -42.74 13.17 17.03
C GLN C 476 -42.65 11.78 17.66
N PHE C 477 -43.76 11.03 17.71
CA PHE C 477 -43.66 9.69 18.29
C PHE C 477 -42.65 8.82 17.56
N PHE C 478 -42.67 8.87 16.23
CA PHE C 478 -41.78 8.07 15.40
C PHE C 478 -40.42 8.75 15.20
N MET C 479 -39.37 8.05 15.62
CA MET C 479 -38.00 8.48 15.35
C MET C 479 -37.63 8.39 13.86
N GLN D 1 10.89 -1.37 -35.36
CA GLN D 1 10.94 -0.04 -34.75
C GLN D 1 10.76 -0.16 -33.25
N ILE D 2 10.05 -1.24 -32.86
CA ILE D 2 9.69 -1.58 -31.48
C ILE D 2 8.80 -0.49 -30.90
N GLN D 3 7.75 -0.91 -30.20
CA GLN D 3 6.80 0.06 -29.68
C GLN D 3 6.00 -0.62 -28.58
N LEU D 4 6.01 -0.02 -27.40
CA LEU D 4 5.09 -0.41 -26.33
C LEU D 4 4.15 0.77 -26.13
N VAL D 5 2.87 0.54 -26.40
CA VAL D 5 1.86 1.58 -26.30
C VAL D 5 0.86 1.14 -25.23
N GLN D 6 0.64 2.02 -24.26
CA GLN D 6 -0.15 1.68 -23.09
C GLN D 6 -1.55 2.27 -23.19
N SER D 7 -2.41 1.80 -22.29
CA SER D 7 -3.78 2.27 -22.23
C SER D 7 -3.79 3.73 -21.75
N GLY D 8 -4.98 4.31 -21.69
CA GLY D 8 -5.11 5.70 -21.34
C GLY D 8 -5.12 5.91 -19.84
N PRO D 9 -5.15 7.18 -19.44
CA PRO D 9 -5.22 7.48 -18.01
C PRO D 9 -6.53 6.97 -17.42
N LYS D 10 -6.43 6.39 -16.22
CA LYS D 10 -7.57 5.79 -15.55
C LYS D 10 -7.88 6.57 -14.27
N LEU D 11 -9.16 6.78 -14.01
CA LEU D 11 -9.62 7.38 -12.77
C LEU D 11 -10.30 6.28 -11.97
N SER D 12 -9.70 5.90 -10.85
CA SER D 12 -10.19 4.81 -10.03
C SER D 12 -10.82 5.37 -8.76
N LYS D 13 -11.88 4.73 -8.31
CA LYS D 13 -12.45 5.08 -7.03
C LYS D 13 -11.63 4.44 -5.91
N PRO D 14 -11.57 5.06 -4.74
CA PRO D 14 -10.92 4.41 -3.60
C PRO D 14 -11.58 3.08 -3.31
N GLY D 15 -10.76 2.03 -3.19
CA GLY D 15 -11.27 0.68 -3.11
C GLY D 15 -11.53 0.03 -4.45
N GLY D 16 -11.73 0.81 -5.51
CA GLY D 16 -11.95 0.26 -6.82
C GLY D 16 -10.72 -0.47 -7.31
N THR D 17 -10.80 -1.05 -8.51
CA THR D 17 -9.69 -1.80 -9.08
C THR D 17 -9.48 -1.31 -10.51
N ASP D 18 -8.38 -1.75 -11.12
CA ASP D 18 -8.08 -1.29 -12.46
C ASP D 18 -7.17 -2.29 -13.15
N LYS D 19 -7.15 -2.20 -14.48
CA LYS D 19 -6.34 -3.09 -15.32
C LYS D 19 -5.67 -2.23 -16.38
N ILE D 20 -4.34 -2.33 -16.45
CA ILE D 20 -3.52 -1.50 -17.33
C ILE D 20 -2.90 -2.39 -18.39
N SER D 21 -2.91 -1.93 -19.64
CA SER D 21 -2.49 -2.76 -20.76
C SER D 21 -1.29 -2.13 -21.46
N SER D 22 -0.54 -2.97 -22.17
CA SER D 22 0.62 -2.54 -22.93
C SER D 22 0.76 -3.44 -24.14
N LYS D 23 0.69 -2.84 -25.33
CA LYS D 23 0.62 -3.58 -26.57
C LYS D 23 1.99 -3.52 -27.25
N ALA D 24 2.66 -4.67 -27.34
CA ALA D 24 3.99 -4.73 -27.89
C ALA D 24 3.91 -4.94 -29.40
N SER D 25 4.83 -4.30 -30.13
CA SER D 25 4.88 -4.43 -31.58
C SER D 25 6.26 -4.04 -32.09
N GLY D 26 6.84 -4.88 -32.93
CA GLY D 26 8.13 -4.59 -33.51
C GLY D 26 9.18 -5.62 -33.19
N TYR D 27 8.78 -6.70 -32.52
CA TYR D 27 9.72 -7.72 -32.07
C TYR D 27 8.94 -8.95 -31.66
N SER D 28 9.64 -10.09 -31.66
CA SER D 28 9.02 -11.34 -31.23
C SER D 28 8.70 -11.24 -29.74
N PHE D 29 7.41 -11.38 -29.41
CA PHE D 29 6.96 -11.07 -28.06
C PHE D 29 7.52 -12.03 -27.02
N THR D 30 7.71 -13.30 -27.38
CA THR D 30 8.09 -14.33 -26.43
C THR D 30 9.60 -14.42 -26.20
N ASP D 31 10.41 -13.71 -26.98
CA ASP D 31 11.85 -13.73 -26.85
C ASP D 31 12.36 -12.73 -25.82
N TYR D 32 11.48 -11.91 -25.24
CA TYR D 32 11.83 -10.87 -24.29
C TYR D 32 10.91 -10.95 -23.07
N VAL D 33 11.28 -10.20 -22.04
CA VAL D 33 10.58 -10.22 -20.76
C VAL D 33 9.93 -8.87 -20.53
N MET D 34 8.73 -8.88 -19.95
CA MET D 34 7.98 -7.66 -19.67
C MET D 34 8.03 -7.35 -18.19
N ASN D 35 8.41 -6.11 -17.86
CA ASN D 35 8.57 -5.66 -16.50
C ASN D 35 7.70 -4.42 -16.29
N TRP D 36 7.33 -4.18 -15.04
CA TRP D 36 6.48 -3.05 -14.69
C TRP D 36 7.12 -2.23 -13.58
N VAL D 37 6.95 -0.91 -13.65
CA VAL D 37 7.64 0.03 -12.79
C VAL D 37 6.66 1.12 -12.36
N LYS D 38 6.86 1.64 -11.15
CA LYS D 38 6.00 2.66 -10.56
C LYS D 38 6.82 3.90 -10.23
N ALA D 39 6.22 5.06 -10.44
CA ALA D 39 6.89 6.35 -10.22
C ALA D 39 5.96 7.26 -9.41
N GLY D 40 6.16 7.29 -8.09
CA GLY D 40 5.42 8.21 -7.26
C GLY D 40 6.00 9.60 -7.35
N PRO D 41 5.25 10.59 -6.85
CA PRO D 41 5.70 11.98 -6.94
C PRO D 41 6.95 12.19 -6.11
N GLY D 42 8.03 12.67 -6.75
CA GLY D 42 9.27 12.88 -6.04
C GLY D 42 9.96 11.58 -5.65
N LYS D 43 9.19 10.65 -5.11
CA LYS D 43 9.71 9.34 -4.76
C LYS D 43 10.33 8.67 -5.98
N GLY D 44 11.26 7.76 -5.73
CA GLY D 44 11.99 7.15 -6.82
C GLY D 44 11.16 6.17 -7.61
N LEU D 45 11.82 5.35 -8.41
CA LEU D 45 11.14 4.31 -9.16
C LEU D 45 11.08 3.04 -8.34
N GLU D 46 10.04 2.23 -8.59
CA GLU D 46 9.85 0.99 -7.85
C GLU D 46 9.56 -0.12 -8.84
N TRP D 47 10.45 -1.12 -8.89
CA TRP D 47 10.16 -2.33 -9.64
C TRP D 47 8.87 -2.94 -9.08
N ASN D 48 7.96 -3.31 -9.97
CA ASN D 48 6.61 -3.70 -9.59
C ASN D 48 6.30 -5.16 -9.88
N GLY D 49 7.29 -5.93 -10.30
CA GLY D 49 7.04 -7.32 -10.63
C GLY D 49 7.34 -7.53 -12.10
N SER D 50 7.52 -8.78 -12.52
CA SER D 50 7.91 -9.02 -13.90
C SER D 50 7.50 -10.44 -14.28
N ILE D 51 7.36 -10.67 -15.59
CA ILE D 51 6.77 -11.90 -16.10
C ILE D 51 7.51 -12.34 -17.34
N ASN D 52 7.89 -13.62 -17.38
CA ASN D 52 8.35 -14.23 -18.63
C ASN D 52 7.15 -14.69 -19.42
N THR D 53 7.25 -14.61 -20.75
CA THR D 53 6.14 -14.86 -21.63
C THR D 53 6.19 -16.25 -22.28
N SER D 54 7.39 -16.77 -22.55
CA SER D 54 7.50 -18.08 -23.17
C SER D 54 6.95 -19.18 -22.26
N ASN D 55 7.04 -18.99 -20.94
CA ASN D 55 6.60 -20.00 -19.99
C ASN D 55 5.66 -19.46 -18.92
N GLY D 56 5.29 -18.18 -18.98
CA GLY D 56 4.23 -17.67 -18.13
C GLY D 56 4.58 -17.50 -16.68
N TYR D 57 5.88 -17.48 -16.35
CA TYR D 57 6.29 -17.37 -14.97
C TYR D 57 6.46 -15.91 -14.59
N THR D 58 5.90 -15.54 -13.43
CA THR D 58 6.00 -14.18 -12.92
C THR D 58 6.85 -14.18 -11.66
N THR D 59 7.41 -13.02 -11.35
CA THR D 59 8.07 -12.81 -10.06
C THR D 59 7.73 -11.40 -9.60
N TYR D 60 7.26 -11.28 -8.36
CA TYR D 60 6.85 -10.01 -7.80
C TYR D 60 7.88 -9.52 -6.81
N ILE D 61 7.66 -8.30 -6.33
CA ILE D 61 8.38 -7.72 -5.20
C ILE D 61 7.41 -7.69 -4.03
N SER D 62 7.87 -8.16 -2.86
CA SER D 62 6.98 -8.42 -1.74
C SER D 62 6.09 -7.22 -1.41
N ALA D 63 6.57 -6.01 -1.67
CA ALA D 63 5.77 -4.82 -1.38
C ALA D 63 4.52 -4.75 -2.23
N PHE D 64 4.47 -5.47 -3.35
CA PHE D 64 3.32 -5.43 -4.26
C PHE D 64 2.59 -6.75 -4.37
N LYS D 65 3.09 -7.82 -3.76
CA LYS D 65 2.35 -9.08 -3.71
C LYS D 65 1.01 -8.82 -3.02
N GLY D 66 -0.06 -8.78 -3.81
CA GLY D 66 -1.38 -8.46 -3.29
C GLY D 66 -2.04 -7.25 -3.92
N ARG D 67 -1.33 -6.51 -4.79
CA ARG D 67 -1.94 -5.44 -5.57
C ARG D 67 -1.77 -5.67 -7.07
N GLY D 68 -0.54 -5.85 -7.53
CA GLY D 68 -0.32 -6.14 -8.94
C GLY D 68 -0.59 -7.61 -9.21
N SER D 69 -1.33 -7.87 -10.29
CA SER D 69 -1.56 -9.22 -10.79
C SER D 69 -1.28 -9.23 -12.28
N PHE D 70 -0.50 -10.22 -12.73
CA PHE D 70 0.05 -10.19 -14.08
C PHE D 70 -0.66 -11.15 -15.02
N SER D 71 -0.83 -10.68 -16.26
CA SER D 71 -1.34 -11.47 -17.36
C SER D 71 -0.42 -11.27 -18.55
N VAL D 72 -0.56 -12.15 -19.54
CA VAL D 72 0.06 -12.00 -20.85
C VAL D 72 -0.86 -12.65 -21.86
N ASP D 73 -1.16 -11.93 -22.94
CA ASP D 73 -1.99 -12.44 -24.02
C ASP D 73 -1.07 -12.72 -25.19
N SER D 74 -0.59 -13.96 -25.27
CA SER D 74 0.46 -14.30 -26.23
C SER D 74 0.02 -14.08 -27.66
N SER D 75 -1.30 -14.09 -27.93
CA SER D 75 -1.79 -13.90 -29.29
C SER D 75 -1.87 -12.43 -29.65
N ALA D 76 -2.47 -11.61 -28.78
CA ALA D 76 -2.55 -10.18 -29.02
C ALA D 76 -1.21 -9.49 -28.85
N SER D 77 -0.19 -10.20 -28.35
CA SER D 77 1.13 -9.64 -28.09
C SER D 77 1.05 -8.44 -27.15
N THR D 78 0.07 -8.44 -26.25
CA THR D 78 -0.05 -7.42 -25.22
C THR D 78 0.12 -8.05 -23.85
N ALA D 79 0.54 -7.22 -22.90
CA ALA D 79 0.76 -7.63 -21.53
C ALA D 79 -0.01 -6.69 -20.63
N ALA D 80 -0.75 -7.25 -19.67
CA ALA D 80 -1.60 -6.47 -18.80
C ALA D 80 -1.10 -6.53 -17.37
N GLN D 81 -1.60 -5.60 -16.56
CA GLN D 81 -1.34 -5.57 -15.13
C GLN D 81 -2.60 -5.08 -14.42
N GLN D 82 -3.01 -5.81 -13.39
CA GLN D 82 -4.21 -5.49 -12.64
C GLN D 82 -3.83 -4.96 -11.26
N LEU D 83 -4.33 -3.79 -10.93
CA LEU D 83 -4.21 -3.21 -9.60
C LEU D 83 -5.57 -3.28 -8.93
N SER D 84 -5.62 -3.87 -7.74
CA SER D 84 -6.88 -4.15 -7.04
C SER D 84 -6.91 -3.45 -5.70
N VAL D 85 -8.09 -2.94 -5.35
CA VAL D 85 -8.33 -2.16 -4.14
C VAL D 85 -7.26 -1.08 -4.01
N LEU D 86 -7.52 0.06 -4.63
CA LEU D 86 -6.59 1.17 -4.66
C LEU D 86 -6.90 2.14 -3.54
N LYS D 87 -5.88 2.84 -3.06
CA LYS D 87 -6.03 3.91 -2.09
C LYS D 87 -5.28 5.13 -2.59
N ALA D 88 -5.41 6.24 -1.85
CA ALA D 88 -4.80 7.49 -2.26
C ALA D 88 -3.30 7.35 -2.53
N ALA D 89 -2.64 6.40 -1.87
CA ALA D 89 -1.20 6.24 -2.03
C ALA D 89 -0.82 5.62 -3.37
N ALA D 90 -1.75 4.96 -4.06
CA ALA D 90 -1.44 4.24 -5.30
C ALA D 90 -1.52 5.13 -6.53
N THR D 91 -1.78 6.43 -6.37
CA THR D 91 -1.80 7.35 -7.49
C THR D 91 -0.38 7.57 -7.99
N ALA D 92 -0.08 7.15 -9.21
CA ALA D 92 1.25 7.34 -9.75
C ALA D 92 1.21 7.15 -11.26
N VAL D 93 2.39 7.09 -11.87
CA VAL D 93 2.54 6.75 -13.28
C VAL D 93 3.15 5.36 -13.35
N TYR D 94 2.53 4.48 -14.12
CA TYR D 94 2.98 3.09 -14.21
C TYR D 94 3.57 2.87 -15.60
N PHE D 95 4.87 2.56 -15.62
CA PHE D 95 5.58 2.28 -16.85
C PHE D 95 5.73 0.77 -17.01
N ASN D 96 5.78 0.33 -18.25
CA ASN D 96 6.06 -1.05 -18.58
C ASN D 96 7.24 -1.08 -19.55
N ALA D 97 8.06 -2.12 -19.45
CA ALA D 97 9.35 -2.05 -20.11
C ALA D 97 9.83 -3.45 -20.47
N ARG D 98 10.61 -3.51 -21.55
CA ARG D 98 11.16 -4.75 -22.09
C ARG D 98 12.44 -5.13 -21.36
N ASN D 99 12.75 -6.42 -21.37
CA ASN D 99 14.01 -6.88 -20.79
C ASN D 99 14.42 -8.20 -21.41
N PHE D 100 15.65 -8.26 -21.90
CA PHE D 100 16.30 -9.51 -22.29
C PHE D 100 17.26 -9.91 -21.18
N ARG D 101 17.34 -11.20 -20.92
CA ARG D 101 18.06 -11.67 -19.72
C ARG D 101 19.56 -11.42 -19.83
N GLY D 102 20.14 -10.93 -18.74
CA GLY D 102 21.56 -10.72 -18.69
C GLY D 102 22.01 -9.57 -19.57
N ASN D 103 22.46 -9.89 -20.78
CA ASN D 103 22.92 -8.91 -21.76
C ASN D 103 21.81 -7.89 -22.06
N GLY D 104 21.34 -7.21 -21.02
CA GLY D 104 20.23 -6.31 -21.19
C GLY D 104 19.72 -5.73 -19.89
N ALA D 105 19.51 -4.43 -19.90
CA ALA D 105 18.64 -3.76 -18.96
C ALA D 105 17.28 -3.62 -19.64
N MET D 106 16.46 -2.70 -19.13
CA MET D 106 15.18 -2.42 -19.76
C MET D 106 15.45 -1.37 -20.84
N ASP D 107 15.46 -1.81 -22.10
CA ASP D 107 15.94 -0.99 -23.20
C ASP D 107 14.83 -0.21 -23.90
N TYR D 108 13.59 -0.65 -23.82
CA TYR D 108 12.47 0.04 -24.45
C TYR D 108 11.32 0.14 -23.47
N TRP D 109 10.76 1.35 -23.34
CA TRP D 109 9.75 1.65 -22.36
C TRP D 109 8.46 2.14 -23.04
N GLY D 110 7.35 1.96 -22.33
CA GLY D 110 6.10 2.53 -22.79
C GLY D 110 5.96 3.97 -22.34
N GLN D 111 5.01 4.67 -22.97
CA GLN D 111 4.84 6.09 -22.73
C GLN D 111 4.29 6.41 -21.34
N GLY D 112 3.81 5.42 -20.61
CA GLY D 112 3.37 5.67 -19.25
C GLY D 112 1.86 5.77 -19.14
N THR D 113 1.33 5.32 -18.00
CA THR D 113 -0.10 5.35 -17.73
C THR D 113 -0.31 5.97 -16.36
N SER D 114 -1.02 7.10 -16.33
CA SER D 114 -1.25 7.83 -15.10
C SER D 114 -2.54 7.34 -14.44
N VAL D 115 -2.44 6.96 -13.17
CA VAL D 115 -3.58 6.46 -12.41
C VAL D 115 -3.86 7.44 -11.28
N THR D 116 -5.11 7.89 -11.18
CA THR D 116 -5.56 8.83 -10.16
C THR D 116 -6.58 8.12 -9.30
N VAL D 117 -6.33 8.08 -7.99
CA VAL D 117 -7.23 7.44 -7.04
C VAL D 117 -7.91 8.54 -6.24
N SER D 118 -9.19 8.78 -6.53
CA SER D 118 -9.96 9.79 -5.84
C SER D 118 -11.45 9.51 -6.05
N SER D 119 -12.24 9.91 -5.06
CA SER D 119 -13.68 9.78 -5.13
C SER D 119 -14.33 10.99 -5.81
N ALA D 120 -13.53 11.94 -6.27
CA ALA D 120 -14.06 13.15 -6.86
C ALA D 120 -14.78 12.83 -8.17
N LYS D 121 -15.57 13.80 -8.64
CA LYS D 121 -16.40 13.67 -9.83
C LYS D 121 -15.77 14.42 -10.99
N THR D 122 -15.86 13.85 -12.19
CA THR D 122 -15.27 14.48 -13.36
C THR D 122 -16.08 15.71 -13.74
N THR D 123 -15.42 16.86 -13.85
CA THR D 123 -16.04 18.07 -14.33
C THR D 123 -15.36 18.52 -15.62
N ALA D 124 -16.11 19.19 -16.43
CA ALA D 124 -15.57 19.66 -17.69
C ALA D 124 -14.90 21.01 -17.49
N PRO D 125 -13.93 21.37 -18.33
CA PRO D 125 -13.21 22.62 -18.11
C PRO D 125 -13.97 23.81 -18.71
N SER D 126 -13.73 24.97 -18.11
CA SER D 126 -14.22 26.24 -18.63
C SER D 126 -13.01 27.01 -19.14
N VAL D 127 -13.03 27.35 -20.43
CA VAL D 127 -11.88 27.95 -21.10
C VAL D 127 -12.11 29.45 -21.22
N TYR D 128 -11.09 30.24 -20.90
CA TYR D 128 -11.16 31.69 -20.95
C TYR D 128 -9.96 32.19 -21.74
N PRO D 129 -10.16 32.94 -22.82
CA PRO D 129 -9.02 33.46 -23.58
C PRO D 129 -8.48 34.73 -22.96
N LEU D 130 -7.15 34.83 -22.92
CA LEU D 130 -6.48 35.94 -22.26
C LEU D 130 -6.15 37.01 -23.27
N GLU D 131 -7.00 38.04 -23.33
CA GLU D 131 -6.75 39.19 -24.19
C GLU D 131 -5.53 39.96 -23.68
N VAL D 132 -4.84 40.63 -24.61
CA VAL D 132 -3.75 41.51 -24.22
C VAL D 132 -4.35 42.79 -23.66
N SER D 133 -3.65 43.37 -22.67
CA SER D 133 -4.13 44.61 -22.04
C SER D 133 -4.21 45.75 -23.05
N THR D 138 3.01 50.33 -27.70
CA THR D 138 3.93 49.21 -27.54
C THR D 138 4.69 48.95 -28.84
N GLY D 139 5.25 47.73 -28.92
CA GLY D 139 5.97 47.26 -30.08
C GLY D 139 6.50 45.88 -29.80
N SER D 140 7.68 45.56 -30.34
CA SER D 140 8.40 44.32 -30.04
C SER D 140 7.47 43.14 -30.37
N SER D 141 7.32 42.16 -29.49
CA SER D 141 6.38 41.06 -29.68
C SER D 141 5.30 41.08 -28.61
N VAL D 142 4.17 40.46 -28.93
CA VAL D 142 3.02 40.38 -28.04
C VAL D 142 2.84 38.93 -27.62
N THR D 143 2.31 38.73 -26.41
CA THR D 143 2.09 37.41 -25.85
C THR D 143 0.61 37.21 -25.55
N LEU D 144 0.08 36.07 -25.96
CA LEU D 144 -1.31 35.71 -25.74
C LEU D 144 -1.38 34.63 -24.66
N GLY D 145 -2.60 34.25 -24.32
CA GLY D 145 -2.77 33.23 -23.29
C GLY D 145 -4.12 32.56 -23.42
N CYS D 146 -4.22 31.40 -22.78
CA CYS D 146 -5.44 30.62 -22.72
C CYS D 146 -5.51 29.99 -21.34
N LEU D 147 -6.65 30.14 -20.68
CA LEU D 147 -6.79 29.72 -19.29
C LEU D 147 -7.84 28.63 -19.19
N VAL D 148 -7.44 27.49 -18.63
CA VAL D 148 -8.32 26.34 -18.41
C VAL D 148 -8.55 26.23 -16.91
N LYS D 149 -9.81 26.29 -16.49
CA LYS D 149 -10.14 26.38 -15.07
C LYS D 149 -11.28 25.43 -14.70
N GLY D 150 -11.13 24.79 -13.55
CA GLY D 150 -12.20 24.02 -12.95
C GLY D 150 -12.51 22.71 -13.64
N TYR D 151 -11.52 21.82 -13.74
CA TYR D 151 -11.73 20.53 -14.39
C TYR D 151 -11.07 19.44 -13.55
N PHE D 152 -11.44 18.19 -13.86
CA PHE D 152 -10.94 17.00 -13.18
C PHE D 152 -11.39 15.79 -13.98
N PRO D 153 -10.55 14.75 -14.13
CA PRO D 153 -9.17 14.56 -13.67
C PRO D 153 -8.14 15.21 -14.58
N GLU D 154 -6.90 14.70 -14.55
CA GLU D 154 -5.79 15.42 -15.16
C GLU D 154 -5.22 14.74 -16.39
N PRO D 155 -5.92 14.75 -17.54
CA PRO D 155 -5.23 14.62 -18.82
C PRO D 155 -5.77 15.59 -19.86
N VAL D 156 -5.62 16.90 -19.65
CA VAL D 156 -6.13 17.89 -20.59
C VAL D 156 -5.06 18.09 -21.65
N THR D 157 -5.49 18.35 -22.88
CA THR D 157 -4.56 18.55 -23.98
C THR D 157 -4.86 19.89 -24.62
N LEU D 158 -3.82 20.71 -24.76
CA LEU D 158 -3.96 22.11 -25.14
C LEU D 158 -2.97 22.43 -26.24
N THR D 159 -3.48 22.84 -27.40
CA THR D 159 -2.66 23.25 -28.53
C THR D 159 -3.16 24.58 -29.07
N TRP D 160 -2.30 25.22 -29.88
CA TRP D 160 -2.60 26.50 -30.51
C TRP D 160 -2.73 26.32 -32.01
N ASN D 161 -3.85 26.80 -32.56
CA ASN D 161 -4.12 26.73 -33.99
C ASN D 161 -3.91 25.30 -34.51
N SER D 162 -4.44 24.33 -33.76
CA SER D 162 -4.46 22.93 -34.15
C SER D 162 -3.06 22.33 -34.30
N GLY D 163 -2.07 22.94 -33.66
CA GLY D 163 -0.71 22.45 -33.72
C GLY D 163 0.18 23.19 -34.70
N SER D 164 -0.38 24.04 -35.56
CA SER D 164 0.41 24.80 -36.52
C SER D 164 1.15 25.95 -35.88
N LEU D 165 1.22 25.97 -34.55
CA LEU D 165 1.91 27.00 -33.80
C LEU D 165 2.57 26.31 -32.61
N SER D 166 3.80 25.85 -32.81
CA SER D 166 4.52 25.04 -31.83
C SER D 166 5.59 25.82 -31.08
N SER D 167 6.23 26.78 -31.74
CA SER D 167 7.32 27.54 -31.15
C SER D 167 6.78 28.73 -30.38
N GLY D 168 7.51 29.12 -29.33
CA GLY D 168 7.07 30.22 -28.49
C GLY D 168 5.96 29.86 -27.53
N VAL D 169 5.74 28.57 -27.27
CA VAL D 169 4.64 28.11 -26.42
C VAL D 169 5.23 27.63 -25.10
N HIS D 170 4.51 27.90 -24.01
CA HIS D 170 4.86 27.42 -22.68
C HIS D 170 3.58 26.84 -22.09
N THR D 171 3.50 25.53 -21.97
CA THR D 171 2.34 24.87 -21.41
C THR D 171 2.68 24.47 -19.98
N PHE D 172 2.03 25.08 -19.06
CA PHE D 172 2.33 24.95 -17.65
C PHE D 172 1.65 23.72 -17.05
N PRO D 173 2.21 23.16 -15.99
CA PRO D 173 1.60 21.99 -15.38
C PRO D 173 0.39 22.38 -14.55
N ALA D 174 -0.59 21.48 -14.51
CA ALA D 174 -1.82 21.74 -13.78
C ALA D 174 -1.53 21.87 -12.29
N VAL D 175 -2.37 22.62 -11.59
CA VAL D 175 -2.30 22.75 -10.14
C VAL D 175 -3.68 22.43 -9.58
N LEU D 176 -3.71 21.67 -8.49
CA LEU D 176 -4.95 21.25 -7.87
C LEU D 176 -5.27 22.21 -6.72
N ALA D 177 -6.52 22.68 -6.69
CA ALA D 177 -6.98 23.57 -5.62
C ALA D 177 -8.42 23.19 -5.31
N SER D 178 -8.63 22.60 -4.13
CA SER D 178 -9.96 22.20 -3.66
C SER D 178 -10.63 21.26 -4.67
N ASP D 179 -9.93 20.16 -4.96
CA ASP D 179 -10.43 19.08 -5.82
C ASP D 179 -10.84 19.59 -7.20
N LEU D 180 -10.10 20.55 -7.72
CA LEU D 180 -10.27 21.02 -9.09
C LEU D 180 -8.92 21.52 -9.61
N TYR D 181 -8.65 21.28 -10.88
CA TYR D 181 -7.40 21.65 -11.50
C TYR D 181 -7.52 23.00 -12.21
N THR D 182 -6.39 23.67 -12.38
CA THR D 182 -6.33 24.92 -13.12
C THR D 182 -5.05 24.93 -13.94
N LEU D 183 -5.19 25.24 -15.24
CA LEU D 183 -4.09 25.15 -16.17
C LEU D 183 -4.09 26.39 -17.06
N SER D 184 -2.91 26.75 -17.58
CA SER D 184 -2.74 27.94 -18.39
C SER D 184 -1.60 27.73 -19.37
N SER D 185 -1.69 28.42 -20.52
CA SER D 185 -0.70 28.30 -21.57
C SER D 185 -0.54 29.64 -22.27
N SER D 186 0.65 29.88 -22.81
CA SER D 186 0.98 31.15 -23.45
C SER D 186 1.71 30.91 -24.75
N VAL D 187 1.46 31.81 -25.71
CA VAL D 187 2.24 31.92 -26.93
C VAL D 187 2.74 33.35 -27.04
N THR D 188 3.93 33.51 -27.60
CA THR D 188 4.47 34.84 -27.90
C THR D 188 4.78 34.86 -29.38
N VAL D 189 4.01 35.65 -30.13
CA VAL D 189 4.21 35.78 -31.57
C VAL D 189 4.58 37.23 -31.87
N THR D 190 4.85 37.53 -33.14
CA THR D 190 5.32 38.85 -33.49
C THR D 190 4.15 39.84 -33.53
N SER D 191 4.48 41.12 -33.36
CA SER D 191 3.46 42.16 -33.40
C SER D 191 2.79 42.24 -34.76
N SER D 192 3.53 41.91 -35.82
CA SER D 192 2.98 41.89 -37.17
C SER D 192 2.11 40.66 -37.43
N THR D 193 2.13 39.67 -36.54
CA THR D 193 1.34 38.46 -36.71
C THR D 193 -0.05 38.58 -36.11
N TRP D 194 -0.18 39.30 -35.00
CA TRP D 194 -1.44 39.41 -34.30
C TRP D 194 -1.82 40.88 -34.12
N PRO D 195 -3.11 41.25 -34.26
CA PRO D 195 -4.22 40.35 -34.58
C PRO D 195 -4.48 40.22 -36.08
N SER D 196 -3.47 40.48 -36.92
CA SER D 196 -3.66 40.34 -38.36
C SER D 196 -4.09 38.93 -38.72
N GLN D 197 -3.36 37.92 -38.25
CA GLN D 197 -3.83 36.55 -38.36
C GLN D 197 -4.77 36.25 -37.21
N SER D 198 -5.33 35.04 -37.22
CA SER D 198 -6.26 34.59 -36.20
C SER D 198 -5.59 33.49 -35.39
N ILE D 199 -5.54 33.66 -34.07
CA ILE D 199 -4.93 32.70 -33.16
C ILE D 199 -6.01 32.21 -32.21
N THR D 200 -6.26 30.90 -32.23
CA THR D 200 -7.28 30.29 -31.39
C THR D 200 -6.65 29.24 -30.49
N CYS D 201 -7.32 28.99 -29.38
CA CYS D 201 -6.88 28.06 -28.35
C CYS D 201 -7.74 26.80 -28.40
N ASN D 202 -7.09 25.64 -28.48
CA ASN D 202 -7.78 24.35 -28.61
C ASN D 202 -7.59 23.55 -27.32
N VAL D 203 -8.67 23.43 -26.53
CA VAL D 203 -8.65 22.71 -25.27
C VAL D 203 -9.52 21.47 -25.41
N ALA D 204 -9.00 20.32 -24.96
CA ALA D 204 -9.71 19.05 -25.01
C ALA D 204 -9.58 18.36 -23.67
N HIS D 205 -10.69 17.79 -23.18
CA HIS D 205 -10.72 17.10 -21.90
C HIS D 205 -11.49 15.79 -22.10
N PRO D 206 -10.81 14.73 -22.52
CA PRO D 206 -11.53 13.54 -23.01
C PRO D 206 -12.37 12.84 -21.96
N ALA D 207 -12.10 13.05 -20.67
CA ALA D 207 -12.89 12.38 -19.63
C ALA D 207 -14.32 12.93 -19.61
N SER D 208 -14.48 14.23 -19.86
CA SER D 208 -15.78 14.87 -19.87
C SER D 208 -16.34 15.04 -21.27
N SER D 209 -15.72 14.41 -22.26
CA SER D 209 -16.16 14.49 -23.66
C SER D 209 -16.28 15.95 -24.11
N THR D 210 -15.26 16.74 -23.77
CA THR D 210 -15.26 18.18 -24.02
C THR D 210 -14.17 18.52 -25.01
N LYS D 211 -14.53 19.21 -26.09
CA LYS D 211 -13.58 19.80 -27.01
C LYS D 211 -14.02 21.23 -27.28
N VAL D 212 -13.10 22.18 -27.07
CA VAL D 212 -13.42 23.60 -27.09
C VAL D 212 -12.44 24.29 -28.03
N ASP D 213 -12.96 25.25 -28.80
CA ASP D 213 -12.13 26.18 -29.55
C ASP D 213 -12.41 27.58 -29.02
N LYS D 214 -11.35 28.35 -28.82
CA LYS D 214 -11.44 29.66 -28.16
C LYS D 214 -10.50 30.61 -28.88
N LYS D 215 -11.08 31.56 -29.62
CA LYS D 215 -10.31 32.49 -30.42
C LYS D 215 -9.90 33.68 -29.57
N ILE D 216 -8.63 34.06 -29.68
CA ILE D 216 -8.12 35.20 -28.92
C ILE D 216 -8.54 36.47 -29.64
N GLU D 217 -9.30 37.32 -28.95
CA GLU D 217 -9.69 38.58 -29.55
C GLU D 217 -9.24 39.73 -28.66
N PRO D 218 -8.99 40.91 -29.25
CA PRO D 218 -8.57 42.08 -28.45
C PRO D 218 -9.68 42.58 -27.54
N ASP E 1 17.35 -7.60 -0.63
CA ASP E 1 16.98 -6.22 -0.97
C ASP E 1 18.20 -5.31 -0.88
N ILE E 2 18.61 -4.74 -2.02
CA ILE E 2 19.82 -3.94 -2.11
C ILE E 2 19.43 -2.47 -2.09
N LEU E 3 20.10 -1.70 -1.23
CA LEU E 3 19.88 -0.26 -1.17
C LEU E 3 20.91 0.41 -2.08
N MET E 4 20.43 1.27 -2.96
CA MET E 4 21.29 2.01 -3.89
C MET E 4 21.31 3.47 -3.44
N THR E 5 22.42 3.87 -2.81
CA THR E 5 22.57 5.25 -2.37
C THR E 5 23.22 6.03 -3.51
N GLN E 6 22.49 7.01 -4.01
CA GLN E 6 22.91 7.81 -5.16
C GLN E 6 23.23 9.21 -4.70
N SER E 7 24.38 9.72 -5.16
CA SER E 7 24.87 11.02 -4.75
C SER E 7 25.63 11.64 -5.91
N PRO E 8 25.49 12.96 -6.13
CA PRO E 8 24.65 13.84 -5.30
C PRO E 8 23.17 13.74 -5.64
N SER E 9 22.29 14.21 -4.76
CA SER E 9 20.86 14.18 -5.06
C SER E 9 20.47 15.29 -6.03
N SER E 10 21.00 16.49 -5.82
CA SER E 10 20.87 17.57 -6.78
C SER E 10 22.26 17.97 -7.25
N LEU E 11 22.30 18.63 -8.40
CA LEU E 11 23.56 18.95 -9.03
C LEU E 11 23.37 19.93 -10.18
N SER E 12 24.12 21.04 -10.17
CA SER E 12 24.08 22.03 -11.22
C SER E 12 25.43 22.08 -11.91
N VAL E 13 25.41 22.17 -13.23
CA VAL E 13 26.62 22.22 -14.04
C VAL E 13 26.42 23.19 -15.19
N VAL E 14 27.48 23.92 -15.52
CA VAL E 14 27.45 24.84 -16.64
C VAL E 14 27.69 24.07 -17.94
N VAL E 15 27.21 24.63 -19.05
CA VAL E 15 27.32 23.93 -20.33
C VAL E 15 28.79 23.76 -20.71
N GLY E 16 29.11 22.59 -21.25
CA GLY E 16 30.48 22.28 -21.60
C GLY E 16 31.30 21.63 -20.52
N PHE E 17 30.67 20.93 -19.58
CA PHE E 17 31.38 20.52 -18.37
C PHE E 17 30.97 19.11 -17.93
N TYR E 18 31.90 18.46 -17.23
CA TYR E 18 31.64 17.18 -16.61
C TYR E 18 30.47 17.26 -15.65
N VAL E 19 29.78 16.13 -15.47
CA VAL E 19 29.03 15.87 -14.27
C VAL E 19 29.43 14.47 -13.84
N THR E 20 29.62 14.27 -12.55
CA THR E 20 30.03 12.97 -12.02
C THR E 20 28.95 12.55 -11.03
N ILE E 21 28.04 11.71 -11.49
CA ILE E 21 27.00 11.13 -10.65
C ILE E 21 27.49 9.78 -10.19
N THR E 22 27.21 9.44 -8.93
CA THR E 22 27.80 8.26 -8.33
C THR E 22 26.68 7.41 -7.75
N SER E 23 26.91 6.10 -7.77
CA SER E 23 25.99 5.13 -7.18
C SER E 23 26.80 4.17 -6.34
N GLN E 24 26.24 3.78 -5.19
CA GLN E 24 26.93 2.94 -4.22
C GLN E 24 25.95 1.88 -3.74
N ALA E 25 26.27 0.62 -4.01
CA ALA E 25 25.40 -0.49 -3.71
C ALA E 25 25.78 -1.11 -2.36
N SER E 26 24.76 -1.62 -1.66
CA SER E 26 25.00 -2.18 -0.33
C SER E 26 25.69 -3.54 -0.42
N ASN E 27 25.15 -4.44 -1.24
CA ASN E 27 25.84 -5.69 -1.55
C ASN E 27 26.64 -5.53 -2.85
N ASN E 28 26.85 -6.63 -3.55
CA ASN E 28 27.64 -6.64 -4.78
C ASN E 28 26.73 -7.08 -5.92
N ILE E 29 26.65 -6.25 -6.97
CA ILE E 29 25.77 -6.53 -8.10
C ILE E 29 26.54 -7.11 -9.27
N THR E 30 27.76 -7.63 -9.04
CA THR E 30 28.49 -8.35 -10.07
C THR E 30 28.22 -9.84 -9.91
N THR E 31 28.02 -10.51 -11.04
CA THR E 31 27.86 -11.95 -11.06
C THR E 31 28.89 -12.65 -11.94
N TYR E 32 29.23 -12.03 -13.06
CA TYR E 32 30.39 -12.33 -13.89
C TYR E 32 30.65 -11.08 -14.72
N SER E 33 29.58 -10.28 -14.88
CA SER E 33 29.62 -8.92 -15.38
C SER E 33 28.99 -8.04 -14.31
N SER E 34 29.08 -6.73 -14.49
CA SER E 34 28.54 -5.80 -13.51
C SER E 34 27.12 -5.46 -13.94
N PHE E 35 26.16 -5.68 -13.06
CA PHE E 35 24.77 -5.56 -13.47
C PHE E 35 24.15 -4.27 -12.92
N ILE E 36 24.72 -3.14 -13.30
CA ILE E 36 24.13 -1.84 -13.02
C ILE E 36 23.88 -1.15 -14.35
N PHE E 37 22.90 -0.27 -14.36
CA PHE E 37 22.51 0.46 -15.56
C PHE E 37 22.13 1.88 -15.18
N TRP E 38 22.22 2.77 -16.15
CA TRP E 38 21.93 4.19 -15.95
C TRP E 38 20.80 4.61 -16.87
N TYR E 39 19.84 5.33 -16.31
CA TYR E 39 18.67 5.78 -17.04
C TYR E 39 18.55 7.29 -16.93
N GLN E 40 17.93 7.87 -17.95
CA GLN E 40 17.63 9.29 -18.01
C GLN E 40 16.13 9.46 -18.22
N GLN E 41 15.53 10.40 -17.51
CA GLN E 41 14.09 10.61 -17.61
C GLN E 41 13.80 12.11 -17.56
N LYS E 42 13.27 12.63 -18.66
CA LYS E 42 12.77 13.99 -18.78
C LYS E 42 11.31 14.05 -18.37
N PRO E 43 10.79 15.23 -18.03
CA PRO E 43 9.45 15.29 -17.43
C PRO E 43 8.37 14.85 -18.42
N GLY E 44 7.39 14.12 -17.91
CA GLY E 44 6.32 13.58 -18.72
C GLY E 44 6.73 12.56 -19.75
N GLN E 45 8.01 12.18 -19.79
CA GLN E 45 8.51 11.20 -20.74
C GLN E 45 8.93 9.91 -20.04
N ALA E 46 8.88 8.83 -20.79
CA ALA E 46 9.38 7.56 -20.28
C ALA E 46 10.89 7.66 -20.05
N PRO E 47 11.41 6.95 -19.05
CA PRO E 47 12.87 6.91 -18.86
C PRO E 47 13.56 6.26 -20.04
N LYS E 48 14.83 6.62 -20.22
CA LYS E 48 15.60 6.26 -21.41
C LYS E 48 16.88 5.57 -20.99
N LEU E 49 17.22 4.48 -21.66
CA LEU E 49 18.38 3.69 -21.28
C LEU E 49 19.65 4.32 -21.84
N LEU E 50 20.57 4.68 -20.94
CA LEU E 50 21.85 5.30 -21.30
C LEU E 50 22.98 4.30 -21.38
N ILE E 51 23.13 3.46 -20.36
CA ILE E 51 24.30 2.58 -20.23
C ILE E 51 23.84 1.28 -19.58
N TYR E 52 24.18 0.16 -20.20
CA TYR E 52 23.86 -1.15 -19.66
C TYR E 52 25.15 -1.89 -19.32
N ASP E 53 25.05 -2.78 -18.33
CA ASP E 53 26.19 -3.53 -17.81
C ASP E 53 27.32 -2.59 -17.39
N SER E 54 26.93 -1.48 -16.76
CA SER E 54 27.81 -0.58 -16.03
C SER E 54 28.71 0.29 -16.90
N SER E 55 29.29 -0.30 -17.95
CA SER E 55 30.30 0.41 -18.74
C SER E 55 30.09 0.31 -20.25
N THR E 56 29.01 -0.29 -20.71
CA THR E 56 28.76 -0.48 -22.14
C THR E 56 27.67 0.49 -22.59
N LEU E 57 27.90 1.15 -23.72
CA LEU E 57 27.10 2.29 -24.13
C LEU E 57 26.03 1.84 -25.12
N GLU E 58 24.78 2.20 -24.84
CA GLU E 58 23.67 1.80 -25.70
C GLU E 58 23.87 2.36 -27.11
N SER E 59 23.19 1.73 -28.06
CA SER E 59 23.22 2.22 -29.44
C SER E 59 22.40 3.49 -29.55
N GLY E 60 22.94 4.46 -30.29
CA GLY E 60 22.28 5.72 -30.50
C GLY E 60 22.63 6.79 -29.48
N ILE E 61 23.04 6.40 -28.28
CA ILE E 61 23.36 7.39 -27.25
C ILE E 61 24.68 8.06 -27.59
N PRO E 62 24.83 9.36 -27.39
CA PRO E 62 26.07 10.03 -27.80
C PRO E 62 27.26 9.53 -26.99
N GLY E 63 28.45 9.64 -27.60
CA GLY E 63 29.66 9.19 -26.93
C GLY E 63 30.02 10.00 -25.70
N ARG E 64 29.37 11.13 -25.50
CA ARG E 64 29.64 12.00 -24.36
C ARG E 64 29.12 11.40 -23.05
N PHE E 65 28.37 10.31 -23.12
CA PHE E 65 27.97 9.56 -21.93
C PHE E 65 28.97 8.44 -21.69
N SER E 66 29.51 8.40 -20.48
CA SER E 66 30.45 7.34 -20.10
C SER E 66 30.01 6.72 -18.79
N GLY E 67 30.26 5.43 -18.67
CA GLY E 67 29.97 4.71 -17.45
C GLY E 67 31.20 3.93 -17.04
N SER E 68 31.38 3.82 -15.73
CA SER E 68 32.51 3.08 -15.18
C SER E 68 32.07 2.47 -13.85
N GLY E 69 32.92 1.61 -13.33
CA GLY E 69 32.68 1.01 -12.04
C GLY E 69 32.47 -0.49 -12.16
N SER E 70 32.63 -1.16 -11.02
CA SER E 70 32.43 -2.60 -10.92
C SER E 70 32.32 -2.94 -9.44
N GLY E 71 31.51 -3.96 -9.15
CA GLY E 71 31.40 -4.42 -7.79
C GLY E 71 30.39 -3.65 -6.96
N ARG E 72 30.88 -2.63 -6.25
CA ARG E 72 30.08 -1.92 -5.26
C ARG E 72 30.01 -0.40 -5.46
N ASP E 73 30.98 0.20 -6.14
CA ASP E 73 31.01 1.64 -6.38
C ASP E 73 30.93 1.91 -7.87
N PHE E 74 29.90 2.65 -8.30
CA PHE E 74 29.66 2.95 -9.71
C PHE E 74 29.49 4.44 -9.91
N SER E 75 29.94 4.93 -11.07
CA SER E 75 29.87 6.35 -11.39
C SER E 75 29.44 6.53 -12.85
N LEU E 76 28.69 7.61 -13.09
CA LEU E 76 28.22 7.98 -14.42
C LEU E 76 28.79 9.34 -14.78
N THR E 77 29.21 9.50 -16.04
CA THR E 77 29.88 10.72 -16.49
C THR E 77 29.23 11.26 -17.76
N ILE E 78 29.00 12.57 -17.80
CA ILE E 78 28.61 13.29 -19.01
C ILE E 78 29.80 14.15 -19.42
N GLY E 79 30.45 13.78 -20.52
CA GLY E 79 31.66 14.43 -20.98
C GLY E 79 31.52 15.94 -21.07
N PRO E 80 31.04 16.44 -22.20
CA PRO E 80 30.57 17.82 -22.24
C PRO E 80 29.05 17.89 -22.09
N ASN E 81 28.53 18.91 -21.42
CA ASN E 81 27.09 19.02 -21.22
C ASN E 81 26.44 19.83 -22.32
N GLN E 82 25.21 19.45 -22.66
CA GLN E 82 24.33 20.18 -23.53
C GLN E 82 23.03 20.47 -22.78
N PRO E 83 22.29 21.51 -23.16
CA PRO E 83 21.03 21.79 -22.48
C PRO E 83 20.02 20.66 -22.54
N ALA E 84 20.17 19.72 -23.48
CA ALA E 84 19.24 18.61 -23.57
C ALA E 84 19.40 17.59 -22.47
N ASP E 85 20.40 17.76 -21.59
CA ASP E 85 20.66 16.84 -20.50
C ASP E 85 19.95 17.23 -19.21
N GLY E 86 19.20 18.32 -19.23
CA GLY E 86 18.49 18.74 -18.05
C GLY E 86 17.37 17.76 -17.76
N ALA E 87 17.65 16.80 -16.88
CA ALA E 87 16.68 15.77 -16.54
C ALA E 87 17.10 15.15 -15.21
N THR E 88 16.48 14.02 -14.87
CA THR E 88 16.82 13.23 -13.70
C THR E 88 17.41 11.90 -14.13
N TYR E 89 18.44 11.44 -13.42
CA TYR E 89 19.15 10.23 -13.79
C TYR E 89 19.05 9.22 -12.65
N GLU E 90 18.74 7.98 -13.01
CA GLU E 90 18.53 6.91 -12.03
C GLU E 90 19.35 5.70 -12.42
N ASP E 91 19.73 4.93 -11.41
CA ASP E 91 20.49 3.71 -11.58
C ASP E 91 19.66 2.51 -11.13
N LEU E 92 19.86 1.39 -11.84
CA LEU E 92 19.07 0.18 -11.65
C LEU E 92 20.00 -1.00 -11.50
N GLN E 93 19.61 -1.96 -10.67
CA GLN E 93 20.31 -3.24 -10.59
C GLN E 93 19.34 -4.35 -10.99
N TYR E 94 19.79 -5.24 -11.86
CA TYR E 94 19.01 -6.36 -12.35
C TYR E 94 19.65 -7.68 -11.92
N ASN E 95 20.18 -7.71 -10.71
CA ASN E 95 20.94 -8.86 -10.23
C ASN E 95 20.25 -9.62 -9.10
N GLY E 96 19.45 -8.96 -8.27
CA GLY E 96 18.74 -9.62 -7.20
C GLY E 96 17.27 -9.78 -7.52
N GLU E 97 16.61 -10.63 -6.73
CA GLU E 97 15.20 -10.93 -7.00
C GLU E 97 14.30 -9.72 -6.80
N VAL E 98 14.82 -8.65 -6.22
CA VAL E 98 14.07 -7.42 -6.04
C VAL E 98 14.87 -6.30 -6.71
N ARG E 99 14.50 -5.96 -7.95
CA ARG E 99 15.19 -4.89 -8.65
C ARG E 99 14.96 -3.58 -7.91
N THR E 100 16.03 -2.81 -7.76
CA THR E 100 15.98 -1.57 -7.01
C THR E 100 16.53 -0.44 -7.85
N PHE E 101 16.09 0.77 -7.53
CA PHE E 101 16.56 1.97 -8.17
C PHE E 101 17.27 2.87 -7.16
N GLY E 102 18.00 3.85 -7.68
CA GLY E 102 18.59 4.85 -6.84
C GLY E 102 17.58 5.94 -6.55
N GLY E 103 18.00 6.88 -5.70
CA GLY E 103 17.10 7.95 -5.33
C GLY E 103 16.88 8.97 -6.43
N GLY E 104 17.75 8.99 -7.42
CA GLY E 104 17.62 9.94 -8.50
C GLY E 104 18.57 11.11 -8.32
N THR E 105 18.97 11.69 -9.45
CA THR E 105 19.89 12.82 -9.45
C THR E 105 19.34 13.85 -10.43
N LYS E 106 19.02 15.04 -9.93
CA LYS E 106 18.37 16.06 -10.73
C LYS E 106 19.44 17.01 -11.27
N LEU E 107 19.70 16.93 -12.56
CA LEU E 107 20.72 17.75 -13.19
C LEU E 107 20.12 19.10 -13.58
N GLU E 108 20.83 20.17 -13.27
CA GLU E 108 20.42 21.53 -13.61
C GLU E 108 21.48 22.15 -14.49
N ILE E 109 21.08 22.59 -15.68
CA ILE E 109 22.01 23.26 -16.58
C ILE E 109 22.10 24.73 -16.17
N LYS E 110 23.32 25.21 -15.98
CA LYS E 110 23.55 26.59 -15.58
C LYS E 110 23.95 27.40 -16.81
N ARG E 111 23.13 28.39 -17.13
CA ARG E 111 23.33 29.27 -18.27
C ARG E 111 23.55 30.70 -17.77
N ALA E 112 23.84 31.58 -18.72
CA ALA E 112 23.98 32.99 -18.38
C ALA E 112 22.66 33.51 -17.84
N ASP E 113 22.73 34.39 -16.84
CA ASP E 113 21.52 34.93 -16.24
C ASP E 113 20.67 35.64 -17.30
N ALA E 114 19.36 35.55 -17.13
CA ALA E 114 18.44 36.10 -18.12
C ALA E 114 17.19 36.57 -17.40
N ALA E 115 16.79 37.81 -17.67
CA ALA E 115 15.66 38.41 -16.98
C ALA E 115 14.35 37.96 -17.63
N PRO E 116 13.29 37.82 -16.84
CA PRO E 116 12.03 37.37 -17.40
C PRO E 116 11.34 38.46 -18.21
N THR E 117 10.54 38.02 -19.18
CA THR E 117 9.65 38.92 -19.89
C THR E 117 8.27 38.81 -19.26
N VAL E 118 7.81 39.90 -18.66
CA VAL E 118 6.60 39.88 -17.86
C VAL E 118 5.47 40.46 -18.69
N SER E 119 4.28 39.89 -18.53
CA SER E 119 3.09 40.37 -19.22
C SER E 119 1.88 39.97 -18.40
N ILE E 120 0.87 40.83 -18.38
CA ILE E 120 -0.24 40.71 -17.45
C ILE E 120 -1.54 40.68 -18.24
N PHE E 121 -2.53 39.96 -17.71
CA PHE E 121 -3.78 39.77 -18.40
C PHE E 121 -4.95 40.01 -17.45
N PRO E 122 -5.89 40.88 -17.81
CA PRO E 122 -7.09 41.06 -17.00
C PRO E 122 -8.08 39.96 -17.30
N PRO E 123 -9.14 39.82 -16.51
CA PRO E 123 -10.13 38.77 -16.78
C PRO E 123 -10.73 38.89 -18.17
N SER E 124 -11.29 37.78 -18.64
CA SER E 124 -11.92 37.71 -19.95
C SER E 124 -13.41 38.03 -19.82
N SER E 125 -14.06 38.22 -20.97
CA SER E 125 -15.49 38.55 -20.94
C SER E 125 -16.32 37.36 -20.47
N GLU E 126 -16.03 36.16 -20.98
CA GLU E 126 -16.73 34.97 -20.51
C GLU E 126 -16.52 34.75 -19.03
N GLN E 127 -15.37 35.18 -18.49
CA GLN E 127 -15.08 34.96 -17.08
C GLN E 127 -16.06 35.73 -16.20
N LEU E 128 -16.28 37.01 -16.51
CA LEU E 128 -17.13 37.85 -15.66
C LEU E 128 -18.61 37.50 -15.85
N THR E 129 -19.04 37.35 -17.11
CA THR E 129 -20.44 37.04 -17.38
C THR E 129 -20.84 35.72 -16.72
N SER E 130 -19.89 34.83 -16.50
CA SER E 130 -20.11 33.61 -15.74
C SER E 130 -19.86 33.80 -14.25
N GLY E 131 -19.42 34.98 -13.84
CA GLY E 131 -19.13 35.20 -12.44
C GLY E 131 -17.69 34.87 -12.11
N GLY E 132 -17.12 35.64 -11.20
CA GLY E 132 -15.74 35.44 -10.80
C GLY E 132 -14.78 36.09 -11.77
N ALA E 133 -13.55 36.28 -11.30
CA ALA E 133 -12.54 36.99 -12.07
C ALA E 133 -11.17 36.66 -11.51
N GLU E 134 -10.22 36.39 -12.42
CA GLU E 134 -8.85 36.10 -12.04
C GLU E 134 -7.92 36.87 -12.95
N VAL E 135 -6.75 37.22 -12.42
CA VAL E 135 -5.77 38.03 -13.14
C VAL E 135 -4.50 37.19 -13.29
N VAL E 136 -4.06 37.00 -14.54
CA VAL E 136 -2.91 36.17 -14.84
C VAL E 136 -1.72 37.07 -15.14
N CYS E 137 -0.53 36.59 -14.78
CA CYS E 137 0.72 37.32 -15.00
C CYS E 137 1.80 36.30 -15.34
N PHE E 138 2.32 36.37 -16.56
CA PHE E 138 3.30 35.40 -17.05
C PHE E 138 4.72 35.91 -16.87
N LEU E 139 5.59 34.99 -16.46
CA LEU E 139 7.03 35.22 -16.36
C LEU E 139 7.69 34.17 -17.24
N ASN E 140 8.28 34.61 -18.35
CA ASN E 140 8.75 33.69 -19.38
C ASN E 140 10.25 33.83 -19.60
N ASN E 141 10.91 32.70 -19.81
CA ASN E 141 12.29 32.62 -20.30
C ASN E 141 13.23 33.43 -19.43
N PHE E 142 13.41 32.96 -18.19
CA PHE E 142 14.34 33.59 -17.27
C PHE E 142 15.26 32.54 -16.67
N TYR E 143 16.33 33.03 -16.03
CA TYR E 143 17.28 32.18 -15.32
C TYR E 143 17.96 33.05 -14.27
N PRO E 144 18.20 32.54 -13.05
CA PRO E 144 17.92 31.18 -12.57
C PRO E 144 16.50 30.95 -12.06
N LYS E 145 16.28 29.75 -11.53
CA LYS E 145 14.94 29.33 -11.13
C LYS E 145 14.35 30.22 -10.05
N ASN E 146 15.20 30.77 -9.19
CA ASN E 146 14.75 31.52 -8.02
C ASN E 146 14.04 32.80 -8.46
N ILE E 147 12.80 32.97 -8.03
CA ILE E 147 12.02 34.15 -8.36
C ILE E 147 10.92 34.32 -7.33
N ASN E 148 10.51 35.56 -7.09
CA ASN E 148 9.45 35.88 -6.16
C ASN E 148 8.46 36.83 -6.84
N VAL E 149 7.19 36.70 -6.47
CA VAL E 149 6.12 37.46 -7.10
C VAL E 149 5.15 37.92 -6.03
N ALA E 150 4.88 39.22 -6.01
CA ALA E 150 3.97 39.82 -5.04
C ALA E 150 2.88 40.55 -5.80
N TRP E 151 1.63 40.30 -5.42
CA TRP E 151 0.49 40.96 -6.03
C TRP E 151 0.15 42.23 -5.25
N LYS E 152 -0.52 43.15 -5.93
CA LYS E 152 -0.97 44.38 -5.29
C LYS E 152 -2.31 44.80 -5.87
N ILE E 153 -3.28 45.04 -4.98
CA ILE E 153 -4.59 45.57 -5.33
C ILE E 153 -4.71 46.92 -4.65
N ASP E 154 -4.74 48.00 -5.46
CA ASP E 154 -4.75 49.36 -4.95
C ASP E 154 -3.61 49.57 -3.94
N GLY E 155 -2.41 49.13 -4.33
CA GLY E 155 -1.25 49.21 -3.47
C GLY E 155 -1.23 48.23 -2.32
N GLY E 156 -2.26 47.41 -2.16
CA GLY E 156 -2.29 46.47 -1.05
C GLY E 156 -1.71 45.12 -1.41
N GLU E 157 -0.57 44.77 -0.80
CA GLU E 157 0.07 43.49 -1.06
C GLU E 157 -0.84 42.36 -0.61
N ARG E 158 -1.79 41.98 -1.46
CA ARG E 158 -2.70 40.90 -1.14
C ARG E 158 -2.06 39.59 -1.61
N GLN E 159 -2.08 38.59 -0.74
CA GLN E 159 -1.39 37.34 -1.00
C GLN E 159 -2.26 36.10 -0.89
N ASN E 160 -3.53 36.22 -0.52
CA ASN E 160 -4.43 35.08 -0.40
C ASN E 160 -5.24 34.96 -1.68
N GLY E 161 -5.26 33.75 -2.25
CA GLY E 161 -5.94 33.49 -3.49
C GLY E 161 -5.04 33.42 -4.71
N VAL E 162 -3.81 32.92 -4.55
CA VAL E 162 -2.84 32.89 -5.62
C VAL E 162 -2.54 31.44 -5.98
N LEU E 163 -2.27 31.20 -7.26
CA LEU E 163 -1.96 29.86 -7.76
C LEU E 163 -0.85 30.00 -8.77
N ASN E 164 0.29 29.35 -8.49
CA ASN E 164 1.47 29.44 -9.32
C ASN E 164 1.74 28.10 -9.97
N SER E 165 2.57 28.12 -11.02
CA SER E 165 2.99 26.90 -11.68
C SER E 165 4.30 27.19 -12.41
N TRP E 166 5.15 26.16 -12.50
CA TRP E 166 6.51 26.32 -12.97
C TRP E 166 6.82 25.25 -14.02
N THR E 167 7.50 25.66 -15.08
CA THR E 167 7.94 24.71 -16.08
C THR E 167 9.29 24.13 -15.65
N ASP E 168 9.52 22.88 -16.02
CA ASP E 168 10.85 22.34 -15.86
C ASP E 168 11.83 23.08 -16.77
N GLN E 169 13.11 22.91 -16.51
CA GLN E 169 14.11 23.65 -17.26
C GLN E 169 13.98 23.34 -18.75
N ASP E 170 13.92 24.39 -19.56
CA ASP E 170 13.74 24.20 -21.00
C ASP E 170 14.92 23.45 -21.59
N SER E 171 14.62 22.49 -22.46
CA SER E 171 15.65 21.63 -23.04
C SER E 171 16.34 22.27 -24.23
N ALA E 172 16.03 23.53 -24.54
CA ALA E 172 16.72 24.26 -25.60
C ALA E 172 17.48 25.47 -25.07
N ASP E 173 16.79 26.42 -24.40
CA ASP E 173 17.43 27.61 -23.86
C ASP E 173 17.73 27.52 -22.37
N SER E 174 17.41 26.39 -21.74
CA SER E 174 17.74 26.15 -20.33
C SER E 174 17.17 27.25 -19.43
N THR E 175 16.03 27.81 -19.81
CA THR E 175 15.36 28.83 -19.03
C THR E 175 14.16 28.24 -18.29
N TYR E 176 13.59 29.05 -17.41
CA TYR E 176 12.40 28.68 -16.66
C TYR E 176 11.24 29.58 -17.07
N SER E 177 10.08 29.32 -16.48
CA SER E 177 8.88 30.11 -16.72
C SER E 177 7.91 29.82 -15.59
N MET E 178 6.99 30.76 -15.37
CA MET E 178 6.04 30.62 -14.29
C MET E 178 4.76 31.37 -14.65
N SER E 179 3.63 30.82 -14.20
CA SER E 179 2.33 31.46 -14.36
C SER E 179 1.70 31.61 -12.97
N SER E 180 1.48 32.85 -12.56
CA SER E 180 0.77 33.16 -11.32
C SER E 180 -0.59 33.76 -11.68
N THR E 181 -1.66 33.13 -11.20
CA THR E 181 -3.01 33.59 -11.46
C THR E 181 -3.65 33.97 -10.14
N LEU E 182 -4.01 35.24 -9.99
CA LEU E 182 -4.70 35.71 -8.80
C LEU E 182 -6.19 35.66 -9.07
N THR E 183 -6.93 34.94 -8.24
CA THR E 183 -8.34 34.65 -8.49
C THR E 183 -9.20 35.37 -7.45
N LEU E 184 -10.14 36.18 -7.94
CA LEU E 184 -11.10 36.85 -7.08
C LEU E 184 -12.53 36.51 -7.50
N THR E 185 -13.47 37.32 -7.06
CA THR E 185 -14.87 37.24 -7.49
C THR E 185 -15.16 38.45 -8.36
N LYS E 186 -16.19 38.31 -9.21
CA LYS E 186 -16.61 39.45 -10.03
C LYS E 186 -16.96 40.65 -9.14
N ASP E 187 -17.57 40.39 -7.98
CA ASP E 187 -17.99 41.48 -7.11
C ASP E 187 -16.82 42.12 -6.37
N GLU E 188 -15.76 41.38 -6.06
CA GLU E 188 -14.61 41.98 -5.42
C GLU E 188 -13.63 42.61 -6.41
N TYR E 189 -13.59 42.10 -7.64
CA TYR E 189 -12.65 42.62 -8.63
C TYR E 189 -13.02 44.04 -9.05
N GLU E 190 -14.32 44.33 -9.16
CA GLU E 190 -14.78 45.64 -9.61
C GLU E 190 -14.68 46.71 -8.53
N ARG E 191 -14.34 46.35 -7.29
CA ARG E 191 -14.22 47.35 -6.23
C ARG E 191 -12.85 48.02 -6.22
N HIS E 192 -12.11 47.97 -7.33
CA HIS E 192 -10.80 48.58 -7.41
C HIS E 192 -10.56 49.01 -8.86
N ALA E 193 -9.37 49.56 -9.10
CA ALA E 193 -9.00 50.01 -10.44
C ALA E 193 -7.64 49.45 -10.82
N SER E 194 -6.67 49.55 -9.90
CA SER E 194 -5.28 49.24 -10.20
C SER E 194 -4.92 47.85 -9.70
N TYR E 195 -4.51 46.98 -10.61
CA TYR E 195 -3.98 45.65 -10.31
C TYR E 195 -2.58 45.58 -10.90
N THR E 196 -1.60 45.29 -10.04
CA THR E 196 -0.21 45.31 -10.45
C THR E 196 0.41 43.94 -10.21
N CYS E 197 1.43 43.62 -11.01
CA CYS E 197 2.14 42.36 -10.93
C CYS E 197 3.62 42.68 -10.83
N GLU E 198 4.19 42.45 -9.65
CA GLU E 198 5.57 42.80 -9.36
C GLU E 198 6.40 41.53 -9.30
N ALA E 199 7.52 41.53 -10.01
CA ALA E 199 8.40 40.37 -10.11
C ALA E 199 9.82 40.82 -9.90
N THR E 200 10.49 40.26 -8.89
CA THR E 200 11.86 40.59 -8.56
C THR E 200 12.75 39.38 -8.79
N HIS E 201 13.99 39.65 -9.20
CA HIS E 201 14.84 38.60 -9.74
C HIS E 201 16.30 39.00 -9.53
N GLN E 202 17.20 38.03 -9.67
CA GLN E 202 18.63 38.30 -9.51
C GLN E 202 19.11 39.37 -10.49
N THR E 203 18.51 39.42 -11.68
CA THR E 203 18.99 40.32 -12.73
C THR E 203 18.73 41.78 -12.41
N SER E 204 17.84 42.07 -11.46
CA SER E 204 17.45 43.43 -11.18
C SER E 204 17.31 43.66 -9.69
N THR E 205 17.97 44.71 -9.19
CA THR E 205 17.65 45.23 -7.86
C THR E 205 16.24 45.79 -7.84
N SER E 206 15.82 46.40 -8.94
CA SER E 206 14.51 47.03 -9.07
C SER E 206 13.53 46.03 -9.64
N PRO E 207 12.47 45.67 -8.93
CA PRO E 207 11.56 44.63 -9.42
C PRO E 207 10.85 45.07 -10.71
N ILE E 208 10.63 44.10 -11.59
CA ILE E 208 9.87 44.36 -12.81
C ILE E 208 8.39 44.40 -12.45
N VAL E 209 7.72 45.49 -12.82
CA VAL E 209 6.32 45.69 -12.47
C VAL E 209 5.51 45.89 -13.75
N LYS E 210 4.46 45.09 -13.89
CA LYS E 210 3.46 45.24 -14.95
C LYS E 210 2.10 45.42 -14.28
N SER E 211 1.43 46.51 -14.60
CA SER E 211 0.19 46.89 -13.93
C SER E 211 -0.82 47.31 -14.98
N PHE E 212 -2.07 47.43 -14.55
CA PHE E 212 -3.12 47.92 -15.43
C PHE E 212 -4.24 48.48 -14.57
N ASN E 213 -5.04 49.34 -15.17
CA ASN E 213 -6.17 49.96 -14.50
C ASN E 213 -7.46 49.45 -15.13
N ARG E 214 -8.42 49.07 -14.30
CA ARG E 214 -9.64 48.42 -14.79
C ARG E 214 -10.38 49.33 -15.76
N ASN E 215 -10.61 50.58 -15.35
CA ASN E 215 -11.29 51.55 -16.20
C ASN E 215 -10.31 52.24 -17.15
N ILE F 38 36.28 -53.22 -14.06
CA ILE F 38 36.56 -54.12 -15.17
C ILE F 38 36.78 -53.27 -16.44
N VAL F 39 37.56 -53.80 -17.37
CA VAL F 39 37.69 -53.22 -18.71
C VAL F 39 36.33 -53.19 -19.42
N THR F 40 35.53 -54.24 -19.27
CA THR F 40 34.21 -54.28 -19.89
C THR F 40 33.26 -53.23 -19.32
N ILE F 41 33.25 -53.02 -17.99
CA ILE F 41 32.43 -51.94 -17.45
C ILE F 41 32.86 -50.62 -18.08
N PHE F 42 34.16 -50.33 -18.05
CA PHE F 42 34.68 -49.10 -18.62
C PHE F 42 34.28 -48.98 -20.10
N ALA F 43 34.39 -50.09 -20.83
CA ALA F 43 34.02 -50.14 -22.24
C ALA F 43 32.56 -49.73 -22.46
N ILE F 44 31.64 -50.26 -21.64
CA ILE F 44 30.23 -49.92 -21.81
C ILE F 44 29.99 -48.47 -21.41
N TRP F 45 30.63 -48.03 -20.32
CA TRP F 45 30.48 -46.65 -19.91
C TRP F 45 31.03 -45.70 -20.98
N ASN F 46 32.21 -46.01 -21.51
CA ASN F 46 32.84 -45.19 -22.54
C ASN F 46 31.99 -45.05 -23.83
N THR F 47 31.47 -46.17 -24.36
CA THR F 47 30.69 -46.08 -25.59
C THR F 47 29.41 -45.25 -25.43
N MET F 48 28.67 -45.43 -24.33
CA MET F 48 27.43 -44.68 -24.19
C MET F 48 27.70 -43.18 -24.08
N MET F 49 28.67 -42.78 -23.28
CA MET F 49 29.04 -41.37 -23.19
C MET F 49 29.51 -40.85 -24.54
N GLY F 50 29.35 -39.55 -24.72
CA GLY F 50 29.81 -38.83 -25.90
C GLY F 50 29.00 -37.55 -26.05
N THR F 51 28.46 -37.29 -27.25
CA THR F 51 27.63 -36.11 -27.49
C THR F 51 26.23 -36.28 -26.89
N SER F 52 26.13 -37.26 -26.00
CA SER F 52 24.92 -37.79 -25.39
C SER F 52 24.50 -36.92 -24.20
N ILE F 53 25.48 -36.55 -23.40
CA ILE F 53 25.30 -35.82 -22.15
C ILE F 53 24.95 -34.36 -22.40
N LEU F 54 25.65 -33.68 -23.32
CA LEU F 54 25.52 -32.22 -23.43
C LEU F 54 24.07 -31.76 -23.54
N SER F 55 23.13 -32.70 -23.66
CA SER F 55 21.70 -32.41 -23.76
C SER F 55 20.90 -32.91 -22.55
N ILE F 56 21.49 -32.85 -21.35
CA ILE F 56 20.87 -33.46 -20.16
C ILE F 56 20.30 -32.33 -19.31
N PRO F 57 21.05 -31.26 -18.96
CA PRO F 57 20.44 -30.19 -18.14
C PRO F 57 19.15 -29.69 -18.74
N TRP F 58 19.12 -29.59 -20.08
CA TRP F 58 17.95 -29.11 -20.78
C TRP F 58 16.74 -30.02 -20.55
N GLY F 59 16.94 -31.33 -20.69
CA GLY F 59 15.88 -32.27 -20.33
C GLY F 59 15.33 -32.04 -18.93
N ILE F 60 16.21 -31.75 -17.98
CA ILE F 60 15.80 -31.50 -16.60
C ILE F 60 15.04 -30.18 -16.50
N LYS F 61 15.52 -29.14 -17.19
CA LYS F 61 14.78 -27.89 -17.27
C LYS F 61 13.39 -28.10 -17.84
N GLN F 62 13.27 -28.95 -18.87
CA GLN F 62 11.96 -29.27 -19.44
C GLN F 62 11.05 -29.92 -18.40
N ALA F 63 11.54 -30.98 -17.78
CA ALA F 63 10.72 -31.75 -16.83
C ALA F 63 10.64 -31.04 -15.48
N GLY F 64 11.77 -30.56 -14.98
CA GLY F 64 11.82 -29.96 -13.66
C GLY F 64 12.99 -30.56 -12.91
N PHE F 65 13.40 -29.93 -11.80
CA PHE F 65 14.53 -30.45 -11.05
C PHE F 65 14.17 -31.74 -10.32
N THR F 66 13.17 -31.69 -9.43
CA THR F 66 12.80 -32.90 -8.70
C THR F 66 12.11 -33.94 -9.57
N LEU F 67 11.64 -33.57 -10.75
CA LEU F 67 11.01 -34.55 -11.64
C LEU F 67 12.07 -35.24 -12.50
N GLY F 68 12.93 -34.45 -13.14
CA GLY F 68 13.97 -35.00 -13.97
C GLY F 68 14.85 -36.01 -13.25
N ILE F 69 15.23 -35.69 -12.00
CA ILE F 69 15.99 -36.66 -11.20
C ILE F 69 15.25 -37.99 -11.11
N ILE F 70 13.93 -37.95 -10.92
CA ILE F 70 13.18 -39.20 -10.81
C ILE F 70 13.03 -39.89 -12.16
N ILE F 71 12.93 -39.12 -13.25
CA ILE F 71 12.92 -39.71 -14.59
C ILE F 71 14.21 -40.46 -14.90
N ILE F 72 15.37 -39.83 -14.68
CA ILE F 72 16.64 -40.52 -14.90
C ILE F 72 16.74 -41.79 -14.07
N VAL F 73 16.34 -41.73 -12.80
CA VAL F 73 16.39 -42.95 -11.99
C VAL F 73 15.41 -44.00 -12.54
N LEU F 74 14.15 -43.61 -12.75
CA LEU F 74 13.18 -44.58 -13.25
C LEU F 74 13.53 -45.11 -14.63
N MET F 75 13.86 -44.22 -15.56
CA MET F 75 14.33 -44.66 -16.87
C MET F 75 15.62 -45.46 -16.84
N GLY F 76 16.56 -45.14 -15.96
CA GLY F 76 17.77 -45.96 -15.95
C GLY F 76 17.54 -47.38 -15.48
N LEU F 77 16.58 -47.60 -14.59
CA LEU F 77 16.25 -48.96 -14.19
C LEU F 77 15.52 -49.71 -15.30
N LEU F 78 14.51 -49.06 -15.88
CA LEU F 78 13.81 -49.60 -17.03
C LEU F 78 14.75 -49.93 -18.19
N THR F 79 15.71 -49.05 -18.49
CA THR F 79 16.60 -49.27 -19.62
C THR F 79 17.46 -50.50 -19.39
N LEU F 80 17.96 -50.69 -18.16
CA LEU F 80 18.77 -51.86 -17.85
C LEU F 80 17.92 -53.12 -17.91
N TYR F 81 16.66 -53.04 -17.50
CA TYR F 81 15.76 -54.18 -17.65
C TYR F 81 15.56 -54.53 -19.11
N CYS F 82 15.36 -53.53 -19.97
CA CYS F 82 15.27 -53.85 -21.40
C CYS F 82 16.58 -54.43 -21.91
N CYS F 83 17.72 -53.84 -21.53
CA CYS F 83 18.99 -54.43 -21.98
C CYS F 83 19.10 -55.88 -21.50
N TYR F 84 18.56 -56.14 -20.30
CA TYR F 84 18.45 -57.48 -19.73
C TYR F 84 17.73 -58.47 -20.64
N ARG F 85 16.62 -58.04 -21.24
CA ARG F 85 15.87 -58.90 -22.15
C ARG F 85 16.58 -59.11 -23.48
N VAL F 86 17.08 -58.04 -24.10
CA VAL F 86 17.79 -58.22 -25.37
C VAL F 86 18.96 -59.18 -25.19
N LEU F 87 19.69 -59.04 -24.08
CA LEU F 87 20.86 -59.88 -23.84
C LEU F 87 20.45 -61.32 -23.52
N LYS F 88 19.53 -61.50 -22.58
CA LYS F 88 19.16 -62.84 -22.13
C LYS F 88 18.45 -63.64 -23.22
N SER F 89 17.65 -62.98 -24.07
CA SER F 89 16.83 -63.67 -25.07
C SER F 89 17.65 -64.43 -26.13
N THR F 90 18.98 -64.49 -26.02
CA THR F 90 19.79 -65.33 -26.88
C THR F 90 19.82 -66.79 -26.44
N LYS F 91 19.07 -67.14 -25.40
CA LYS F 91 19.12 -68.49 -24.82
C LYS F 91 17.74 -69.12 -24.80
N SER F 92 17.02 -69.06 -25.93
CA SER F 92 15.63 -69.52 -25.97
C SER F 92 15.38 -70.47 -27.13
N ILE F 93 15.71 -70.04 -28.35
CA ILE F 93 15.39 -70.86 -29.53
C ILE F 93 16.11 -72.19 -29.43
N PRO F 94 15.45 -73.31 -29.68
CA PRO F 94 16.14 -74.61 -29.67
C PRO F 94 17.06 -74.78 -30.87
N TYR F 95 18.15 -73.99 -30.91
CA TYR F 95 19.11 -74.06 -32.00
C TYR F 95 20.49 -73.64 -31.48
N VAL F 96 21.03 -72.56 -32.02
CA VAL F 96 22.40 -72.14 -31.76
C VAL F 96 22.40 -70.71 -31.22
N ASP F 97 23.30 -70.44 -30.27
CA ASP F 97 23.52 -69.09 -29.77
C ASP F 97 24.30 -68.29 -30.81
N THR F 98 25.31 -67.54 -30.37
CA THR F 98 26.25 -66.83 -31.25
C THR F 98 25.53 -65.75 -32.08
N SER F 99 26.30 -64.87 -32.71
CA SER F 99 25.75 -63.79 -33.56
C SER F 99 25.03 -64.30 -34.82
N ASP F 100 24.76 -65.60 -34.92
CA ASP F 100 24.14 -66.20 -36.11
C ASP F 100 23.77 -67.66 -35.85
N ASP F 105 23.14 -60.26 -34.82
CA ASP F 105 23.42 -59.96 -33.42
C ASP F 105 22.14 -59.68 -32.63
N VAL F 106 21.12 -59.19 -33.34
CA VAL F 106 19.87 -58.75 -32.73
C VAL F 106 18.74 -59.04 -33.72
N CYS F 107 18.97 -58.75 -35.00
CA CYS F 107 17.94 -58.94 -36.01
C CYS F 107 17.62 -60.42 -36.16
N LYS F 108 18.66 -61.25 -36.18
CA LYS F 108 18.47 -62.69 -36.28
C LYS F 108 17.71 -63.21 -35.07
N TYR F 109 17.70 -62.42 -33.99
CA TYR F 109 17.03 -62.69 -32.72
C TYR F 109 15.59 -62.20 -32.76
N TYR F 110 15.25 -61.39 -33.75
CA TYR F 110 13.92 -60.82 -33.93
C TYR F 110 13.32 -61.40 -35.21
N PHE F 111 13.82 -62.58 -35.57
CA PHE F 111 13.44 -63.38 -36.73
C PHE F 111 12.86 -64.71 -36.29
N GLY F 112 13.39 -65.28 -35.20
CA GLY F 112 12.92 -66.56 -34.68
C GLY F 112 11.45 -66.33 -34.41
N GLY F 113 11.16 -65.50 -33.40
CA GLY F 113 9.77 -65.24 -33.10
C GLY F 113 9.10 -64.46 -34.21
N PHE F 114 9.90 -63.95 -35.14
CA PHE F 114 9.54 -63.19 -36.33
C PHE F 114 8.82 -61.88 -36.05
N GLY F 115 9.02 -60.92 -36.95
CA GLY F 115 8.39 -59.62 -36.89
C GLY F 115 8.72 -58.79 -38.12
N LYS F 116 8.92 -59.46 -39.25
CA LYS F 116 9.12 -58.81 -40.56
C LYS F 116 10.25 -57.79 -40.50
N TRP F 117 11.36 -58.19 -39.85
CA TRP F 117 12.58 -57.41 -39.68
C TRP F 117 12.27 -55.91 -39.52
N SER F 118 11.24 -55.65 -38.70
CA SER F 118 10.79 -54.30 -38.40
C SER F 118 11.88 -53.53 -37.66
N SER F 119 12.71 -54.26 -36.94
CA SER F 119 13.81 -53.70 -36.18
C SER F 119 14.93 -53.15 -37.06
N LEU F 120 15.18 -53.73 -38.24
CA LEU F 120 16.20 -53.14 -39.11
C LEU F 120 15.83 -51.72 -39.58
N VAL F 121 14.58 -51.48 -39.97
CA VAL F 121 14.20 -50.11 -40.33
C VAL F 121 14.26 -49.17 -39.12
N PHE F 122 13.76 -49.62 -37.96
CA PHE F 122 13.79 -48.79 -36.75
C PHE F 122 15.20 -48.54 -36.24
N SER F 123 16.07 -49.56 -36.30
CA SER F 123 17.47 -49.41 -35.94
C SER F 123 18.18 -48.41 -36.85
N LEU F 124 17.85 -48.44 -38.13
CA LEU F 124 18.35 -47.45 -39.08
C LEU F 124 18.04 -46.00 -38.71
N VAL F 125 16.79 -45.64 -38.44
CA VAL F 125 16.52 -44.27 -37.99
C VAL F 125 17.44 -43.85 -36.84
N SER F 126 17.71 -44.74 -35.88
CA SER F 126 18.66 -44.38 -34.81
C SER F 126 20.05 -44.04 -35.34
N LEU F 127 20.51 -44.74 -36.37
CA LEU F 127 21.80 -44.41 -37.00
C LEU F 127 21.78 -43.16 -37.89
N ILE F 128 20.69 -42.93 -38.63
CA ILE F 128 20.63 -41.73 -39.47
C ILE F 128 20.69 -40.47 -38.61
N GLY F 129 19.92 -40.44 -37.52
CA GLY F 129 19.85 -39.23 -36.72
C GLY F 129 21.06 -38.97 -35.86
N ALA F 130 21.76 -40.03 -35.43
CA ALA F 130 23.02 -39.79 -34.74
C ALA F 130 24.02 -39.11 -35.68
N MET F 131 24.01 -39.50 -36.95
CA MET F 131 24.87 -38.82 -37.93
C MET F 131 24.50 -37.36 -38.12
N VAL F 132 23.19 -37.05 -38.20
CA VAL F 132 22.72 -35.66 -38.27
C VAL F 132 23.14 -34.84 -37.04
N VAL F 133 23.01 -35.41 -35.84
CA VAL F 133 23.40 -34.68 -34.64
C VAL F 133 24.88 -34.32 -34.70
N TYR F 134 25.74 -35.26 -35.10
CA TYR F 134 27.15 -34.96 -35.19
C TYR F 134 27.39 -33.88 -36.24
N TRP F 135 26.72 -33.99 -37.38
CA TRP F 135 26.83 -32.95 -38.39
C TRP F 135 26.45 -31.57 -37.86
N VAL F 136 25.29 -31.46 -37.20
CA VAL F 136 24.87 -30.20 -36.59
C VAL F 136 25.87 -29.70 -35.54
N LEU F 137 26.31 -30.61 -34.67
CA LEU F 137 27.28 -30.27 -33.63
C LEU F 137 28.62 -29.81 -34.19
N MET F 138 29.09 -30.41 -35.28
CA MET F 138 30.34 -29.96 -35.85
C MET F 138 30.29 -28.50 -36.27
N SER F 139 29.27 -28.10 -37.04
CA SER F 139 29.21 -26.68 -37.42
C SER F 139 29.19 -25.78 -36.17
N ASN F 140 28.37 -26.14 -35.17
CA ASN F 140 28.34 -25.37 -33.93
C ASN F 140 29.71 -25.34 -33.26
N PHE F 141 30.45 -26.44 -33.34
CA PHE F 141 31.77 -26.46 -32.74
C PHE F 141 32.81 -25.96 -33.71
N LEU F 142 32.59 -26.11 -35.02
CA LEU F 142 33.63 -25.73 -35.96
C LEU F 142 33.68 -24.21 -36.03
N PHE F 143 32.51 -23.60 -36.20
CA PHE F 143 32.41 -22.16 -36.35
C PHE F 143 32.91 -21.42 -35.12
N ASN F 144 32.49 -21.85 -33.92
CA ASN F 144 33.06 -21.29 -32.70
C ASN F 144 34.57 -21.54 -32.58
N THR F 145 35.06 -22.71 -33.02
CA THR F 145 36.50 -22.93 -32.97
C THR F 145 37.23 -21.94 -33.86
N GLY F 146 36.66 -21.65 -35.03
CA GLY F 146 37.22 -20.62 -35.89
C GLY F 146 37.15 -19.24 -35.27
N LYS F 147 35.99 -18.88 -34.71
CA LYS F 147 35.80 -17.56 -34.11
C LYS F 147 36.90 -17.21 -33.11
N PHE F 148 37.50 -18.20 -32.47
CA PHE F 148 38.66 -17.98 -31.60
C PHE F 148 39.87 -17.73 -32.50
N ILE F 149 40.08 -16.46 -32.86
CA ILE F 149 41.27 -16.04 -33.58
C ILE F 149 41.79 -14.74 -32.96
N PHE F 150 43.10 -14.54 -33.07
CA PHE F 150 43.77 -13.37 -32.49
C PHE F 150 43.88 -12.32 -33.60
N ASN F 151 43.02 -11.30 -33.53
CA ASN F 151 43.03 -10.18 -34.45
C ASN F 151 42.82 -10.61 -35.90
N GLY F 166 39.44 -15.01 -19.45
CA GLY F 166 38.74 -14.34 -20.53
C GLY F 166 37.30 -14.79 -20.71
N THR F 167 36.37 -13.87 -20.46
CA THR F 167 34.93 -14.08 -20.63
C THR F 167 34.44 -15.29 -19.85
N GLU F 168 34.29 -15.14 -18.53
CA GLU F 168 33.73 -16.19 -17.68
C GLU F 168 32.22 -16.08 -17.53
N ARG F 169 31.52 -15.50 -18.50
CA ARG F 169 30.11 -15.20 -18.33
C ARG F 169 29.23 -16.34 -18.85
N VAL F 170 27.91 -16.14 -18.78
CA VAL F 170 26.92 -17.08 -19.30
C VAL F 170 25.94 -16.25 -20.14
N ILE F 171 25.15 -16.94 -20.97
CA ILE F 171 24.43 -16.30 -22.07
C ILE F 171 23.07 -16.96 -22.26
N CYS F 172 22.03 -16.13 -22.46
CA CYS F 172 20.78 -16.54 -23.09
C CYS F 172 20.90 -16.25 -24.59
N PRO F 173 21.39 -17.20 -25.39
CA PRO F 173 21.57 -16.92 -26.82
C PRO F 173 20.24 -16.63 -27.51
N TYR F 174 20.32 -15.85 -28.60
CA TYR F 174 19.15 -15.42 -29.33
C TYR F 174 18.76 -16.46 -30.37
N PRO F 175 17.48 -16.79 -30.52
CA PRO F 175 17.09 -17.92 -31.38
C PRO F 175 17.16 -17.54 -32.85
N ASP F 176 17.92 -18.31 -33.61
CA ASP F 176 17.96 -18.18 -35.07
C ASP F 176 17.92 -19.56 -35.71
N GLY F 196 29.85 -8.48 -42.79
CA GLY F 196 30.64 -9.18 -43.79
C GLY F 196 31.13 -10.53 -43.32
N LEU F 197 31.74 -10.56 -42.13
CA LEU F 197 32.25 -11.81 -41.59
C LEU F 197 31.13 -12.81 -41.33
N GLU F 198 29.93 -12.33 -40.94
CA GLU F 198 28.80 -13.23 -40.71
C GLU F 198 28.28 -13.86 -42.00
N PHE F 199 28.99 -13.68 -43.11
CA PHE F 199 28.58 -14.23 -44.40
C PHE F 199 29.62 -15.21 -44.92
N ASP F 200 30.53 -15.68 -44.04
CA ASP F 200 31.54 -16.66 -44.41
C ASP F 200 31.48 -17.83 -43.43
N HIS F 201 31.83 -17.64 -42.16
CA HIS F 201 31.68 -18.72 -41.19
C HIS F 201 30.21 -19.05 -40.95
N TRP F 202 30.00 -20.33 -40.61
CA TRP F 202 28.75 -20.99 -40.23
C TRP F 202 28.27 -21.80 -41.43
N TRP F 203 29.09 -22.69 -41.97
CA TRP F 203 28.51 -23.56 -42.98
C TRP F 203 28.60 -25.03 -42.62
N SER F 204 27.71 -25.77 -43.27
CA SER F 204 27.68 -27.21 -43.39
C SER F 204 28.32 -27.66 -44.69
N LYS F 205 28.26 -26.80 -45.72
CA LYS F 205 28.82 -27.06 -47.03
C LYS F 205 30.33 -26.92 -47.04
N THR F 206 30.87 -25.84 -46.48
CA THR F 206 32.33 -25.73 -46.42
C THR F 206 32.89 -26.89 -45.63
N ASN F 207 32.21 -27.28 -44.55
CA ASN F 207 32.56 -28.48 -43.78
C ASN F 207 32.43 -29.77 -44.60
N THR F 208 31.26 -29.97 -45.22
CA THR F 208 30.97 -31.18 -45.99
C THR F 208 31.96 -31.55 -47.09
N ILE F 209 32.38 -30.61 -47.94
CA ILE F 209 33.29 -30.99 -49.03
C ILE F 209 34.61 -31.60 -48.53
N PRO F 210 35.30 -31.03 -47.53
CA PRO F 210 36.58 -31.67 -47.16
C PRO F 210 36.44 -32.96 -46.39
N PHE F 211 35.48 -32.98 -45.46
CA PHE F 211 35.13 -34.14 -44.65
C PHE F 211 34.53 -35.33 -45.43
N TYR F 212 33.51 -35.08 -46.26
CA TYR F 212 32.94 -36.17 -47.06
C TYR F 212 34.00 -36.88 -47.90
N LEU F 213 34.86 -36.11 -48.56
CA LEU F 213 35.88 -36.69 -49.42
C LEU F 213 36.75 -37.69 -48.65
N ILE F 214 37.17 -37.34 -47.44
CA ILE F 214 38.04 -38.25 -46.69
C ILE F 214 37.29 -39.52 -46.30
N LEU F 215 35.98 -39.41 -46.00
CA LEU F 215 35.15 -40.57 -45.67
C LEU F 215 35.53 -41.79 -46.50
N LEU F 216 36.35 -42.67 -45.93
CA LEU F 216 36.76 -43.96 -46.48
C LEU F 216 37.77 -43.78 -47.61
N ALA F 226 38.35 -48.36 -41.27
CA ALA F 226 38.84 -49.18 -40.17
C ALA F 226 39.95 -48.45 -39.41
N SER F 227 40.71 -47.64 -40.15
CA SER F 227 41.77 -46.83 -39.54
C SER F 227 41.19 -45.68 -38.72
N PHE F 228 40.10 -45.08 -39.21
CA PHE F 228 39.46 -43.97 -38.52
C PHE F 228 38.87 -44.39 -37.18
N PHE F 229 38.20 -45.54 -37.12
CA PHE F 229 37.73 -46.03 -35.84
C PHE F 229 38.87 -46.33 -34.88
N ALA F 230 39.99 -46.87 -35.37
CA ALA F 230 41.13 -47.08 -34.49
C ALA F 230 41.56 -45.79 -33.79
N ARG F 231 41.64 -44.68 -34.53
CA ARG F 231 41.99 -43.39 -33.96
C ARG F 231 40.91 -42.78 -33.05
N PHE F 232 39.64 -43.12 -33.24
CA PHE F 232 38.60 -42.53 -32.38
C PHE F 232 38.41 -43.16 -31.01
N THR F 233 38.87 -44.39 -30.78
CA THR F 233 38.61 -45.02 -29.49
C THR F 233 39.14 -44.15 -28.35
N PHE F 234 40.37 -43.66 -28.50
CA PHE F 234 41.14 -42.85 -27.57
C PHE F 234 40.49 -41.51 -27.23
N LEU F 235 40.79 -40.46 -27.99
CA LEU F 235 40.34 -39.08 -27.81
C LEU F 235 38.94 -38.86 -27.21
N GLY F 236 38.02 -39.80 -27.44
CA GLY F 236 36.72 -39.70 -26.77
C GLY F 236 36.79 -39.85 -25.27
N THR F 237 37.61 -40.77 -24.77
CA THR F 237 37.76 -40.90 -23.32
C THR F 237 38.34 -39.61 -22.72
N ILE F 238 39.31 -39.02 -23.40
CA ILE F 238 39.89 -37.75 -22.96
C ILE F 238 38.84 -36.66 -22.96
N SER F 239 38.05 -36.57 -24.03
CA SER F 239 37.05 -35.52 -24.13
C SER F 239 36.03 -35.61 -23.01
N VAL F 240 35.45 -36.80 -22.78
CA VAL F 240 34.48 -36.91 -21.70
C VAL F 240 35.11 -36.64 -20.33
N ILE F 241 36.40 -36.96 -20.15
CA ILE F 241 37.07 -36.63 -18.90
C ILE F 241 37.31 -35.13 -18.77
N TYR F 242 37.64 -34.45 -19.88
CA TYR F 242 37.81 -33.00 -19.87
C TYR F 242 36.49 -32.27 -19.65
N LEU F 243 35.45 -32.68 -20.36
CA LEU F 243 34.13 -32.09 -20.20
C LEU F 243 33.66 -32.14 -18.75
N ILE F 244 33.91 -33.25 -18.05
CA ILE F 244 33.51 -33.32 -16.65
C ILE F 244 34.43 -32.49 -15.76
N PHE F 245 35.68 -32.27 -16.16
CA PHE F 245 36.51 -31.28 -15.46
C PHE F 245 35.91 -29.88 -15.59
N LEU F 246 35.53 -29.50 -16.81
CA LEU F 246 34.88 -28.21 -17.05
C LEU F 246 33.59 -28.07 -16.27
N VAL F 247 32.69 -29.06 -16.37
CA VAL F 247 31.40 -29.02 -15.67
C VAL F 247 31.63 -28.82 -14.17
N THR F 248 32.65 -29.46 -13.62
CA THR F 248 32.95 -29.37 -12.19
C THR F 248 33.46 -27.97 -11.87
N TYR F 249 34.51 -27.54 -12.57
CA TYR F 249 35.19 -26.30 -12.20
C TYR F 249 34.34 -25.10 -12.56
N LYS F 250 33.48 -25.21 -13.57
CA LYS F 250 32.58 -24.09 -13.81
C LYS F 250 31.45 -24.08 -12.78
N ALA F 251 30.91 -25.24 -12.40
CA ALA F 251 29.86 -25.21 -11.39
C ALA F 251 30.39 -24.70 -10.06
N ILE F 252 31.64 -25.01 -9.71
CA ILE F 252 32.18 -24.52 -8.44
C ILE F 252 32.42 -23.02 -8.53
N GLN F 253 32.72 -22.54 -9.74
CA GLN F 253 32.91 -21.12 -10.02
C GLN F 253 31.70 -20.24 -9.72
N LEU F 254 30.50 -20.80 -9.56
CA LEU F 254 29.37 -19.91 -9.28
C LEU F 254 28.08 -20.52 -8.71
N GLY F 255 27.96 -21.83 -8.64
CA GLY F 255 26.68 -22.43 -8.28
C GLY F 255 26.34 -22.39 -6.80
N PHE F 256 25.04 -22.58 -6.54
CA PHE F 256 24.31 -22.60 -5.26
C PHE F 256 22.94 -21.96 -5.50
N HIS F 257 22.73 -21.51 -6.73
CA HIS F 257 21.47 -20.96 -7.24
C HIS F 257 20.21 -21.81 -7.32
N LEU F 258 19.97 -22.73 -6.40
CA LEU F 258 18.63 -23.31 -6.49
C LEU F 258 17.64 -22.48 -5.67
N GLU F 259 16.36 -22.85 -5.81
CA GLU F 259 15.18 -22.27 -5.16
C GLU F 259 13.91 -22.99 -5.63
N PHE F 260 13.51 -24.00 -4.85
CA PHE F 260 12.30 -24.76 -5.07
C PHE F 260 11.08 -23.83 -5.12
N HIS F 261 9.96 -24.38 -5.62
CA HIS F 261 8.72 -23.69 -5.96
C HIS F 261 7.74 -24.71 -6.52
N TRP F 262 8.25 -25.87 -6.94
CA TRP F 262 7.42 -27.04 -7.21
C TRP F 262 6.27 -26.76 -8.18
N SER F 266 9.33 -17.08 -9.53
CA SER F 266 9.07 -18.09 -10.56
C SER F 266 9.67 -17.66 -11.90
N MET F 267 9.76 -16.35 -12.14
CA MET F 267 10.22 -15.86 -13.43
C MET F 267 11.65 -16.29 -13.71
N PHE F 268 12.48 -16.27 -12.67
CA PHE F 268 13.87 -16.69 -12.77
C PHE F 268 14.02 -18.20 -12.75
N PHE F 269 13.14 -18.90 -12.05
CA PHE F 269 13.27 -20.34 -11.85
C PHE F 269 12.27 -21.09 -12.73
N VAL F 270 12.35 -22.43 -12.65
CA VAL F 270 11.37 -23.29 -13.30
C VAL F 270 10.78 -24.27 -12.29
N PRO F 271 9.47 -24.54 -12.37
CA PRO F 271 8.82 -25.45 -11.42
C PRO F 271 9.55 -26.79 -11.29
N GLU F 272 9.31 -27.50 -10.19
CA GLU F 272 9.93 -28.80 -10.02
C GLU F 272 9.23 -29.89 -10.82
N PHE F 273 7.94 -29.73 -11.08
CA PHE F 273 7.17 -30.67 -11.88
C PHE F 273 6.64 -29.94 -13.11
N ARG F 274 7.14 -30.30 -14.29
CA ARG F 274 6.68 -29.69 -15.52
C ARG F 274 6.08 -30.74 -16.45
N THR F 275 5.26 -30.26 -17.38
CA THR F 275 4.55 -31.10 -18.34
C THR F 275 5.46 -31.61 -19.45
N LEU F 276 6.53 -30.90 -19.78
CA LEU F 276 7.51 -31.39 -20.73
C LEU F 276 8.35 -32.58 -20.23
N PHE F 277 7.73 -33.37 -19.34
CA PHE F 277 8.33 -34.62 -18.85
C PHE F 277 8.59 -35.62 -19.97
N PRO F 278 7.76 -35.70 -21.04
CA PRO F 278 8.00 -36.72 -22.08
C PRO F 278 9.18 -36.41 -22.96
N GLN F 279 9.48 -35.14 -23.24
CA GLN F 279 10.67 -34.87 -24.04
C GLN F 279 11.92 -35.40 -23.35
N LEU F 280 12.05 -35.24 -22.03
CA LEU F 280 13.24 -35.84 -21.43
C LEU F 280 13.22 -37.35 -21.62
N SER F 281 12.05 -37.99 -21.44
CA SER F 281 11.96 -39.43 -21.67
C SER F 281 12.36 -39.76 -23.10
N GLY F 282 11.96 -38.89 -24.03
CA GLY F 282 12.34 -39.07 -25.43
C GLY F 282 13.83 -38.90 -25.61
N VAL F 283 14.40 -37.88 -24.99
CA VAL F 283 15.84 -37.71 -25.08
C VAL F 283 16.67 -38.81 -24.45
N LEU F 284 16.25 -39.24 -23.27
CA LEU F 284 16.96 -40.27 -22.53
C LEU F 284 16.75 -41.71 -23.00
N THR F 285 16.00 -41.94 -24.07
CA THR F 285 15.88 -43.34 -24.44
C THR F 285 17.20 -43.58 -25.16
N LEU F 286 17.56 -42.64 -26.04
CA LEU F 286 18.81 -42.72 -26.78
C LEU F 286 20.03 -42.60 -25.87
N ALA F 287 19.86 -42.00 -24.68
CA ALA F 287 20.95 -41.88 -23.75
C ALA F 287 21.51 -43.24 -23.35
N PHE F 288 20.71 -44.29 -23.50
CA PHE F 288 21.15 -45.60 -23.08
C PHE F 288 21.16 -46.54 -24.27
N PHE F 289 21.62 -46.06 -25.42
CA PHE F 289 21.63 -46.90 -26.60
C PHE F 289 22.85 -47.80 -26.55
N ILE F 290 22.61 -49.08 -26.31
CA ILE F 290 23.64 -50.11 -26.29
C ILE F 290 22.86 -51.37 -26.62
N HIS F 291 21.54 -51.29 -26.46
CA HIS F 291 20.57 -52.37 -26.67
C HIS F 291 20.67 -52.85 -28.11
N ASN F 292 21.85 -52.75 -28.72
CA ASN F 292 22.06 -53.02 -30.13
C ASN F 292 23.49 -53.47 -30.44
N CYS F 293 24.38 -53.49 -29.43
CA CYS F 293 25.78 -53.90 -29.59
C CYS F 293 26.28 -54.57 -28.32
N ILE F 294 25.35 -55.00 -27.46
CA ILE F 294 25.69 -55.69 -26.21
C ILE F 294 26.16 -57.10 -26.48
N ILE F 295 25.39 -57.87 -27.25
CA ILE F 295 25.68 -59.28 -27.46
C ILE F 295 26.89 -59.46 -28.36
N THR F 296 27.11 -58.56 -29.32
CA THR F 296 28.36 -58.56 -30.06
C THR F 296 29.53 -58.12 -29.19
N LEU F 297 29.28 -57.66 -27.97
CA LEU F 297 30.30 -57.28 -27.01
C LEU F 297 30.33 -58.16 -25.76
N MET F 298 29.18 -58.55 -25.22
CA MET F 298 29.10 -59.23 -23.91
C MET F 298 29.88 -60.55 -23.87
N LYS F 299 30.02 -61.23 -25.01
CA LYS F 299 30.79 -62.48 -25.03
C LYS F 299 32.29 -62.26 -25.06
N ASN F 300 32.77 -61.03 -25.25
CA ASN F 300 34.20 -60.78 -25.28
C ASN F 300 34.89 -60.94 -23.92
N ASN F 301 34.15 -61.09 -22.82
CA ASN F 301 34.79 -61.40 -21.54
C ASN F 301 34.48 -62.81 -21.02
N LYS F 302 33.44 -63.46 -21.53
CA LYS F 302 32.83 -64.62 -20.86
C LYS F 302 32.51 -64.34 -19.38
N ASN F 306 29.60 -64.62 -15.45
CA ASN F 306 29.11 -63.39 -14.86
C ASN F 306 28.86 -62.31 -15.91
N ASN F 307 27.66 -61.73 -15.89
CA ASN F 307 27.30 -60.66 -16.82
C ASN F 307 26.39 -59.64 -16.16
N VAL F 308 25.27 -60.09 -15.58
CA VAL F 308 24.25 -59.20 -15.03
C VAL F 308 24.87 -58.13 -14.15
N ARG F 309 25.86 -58.50 -13.34
CA ARG F 309 26.52 -57.52 -12.49
C ARG F 309 27.29 -56.48 -13.31
N ASP F 310 27.94 -56.93 -14.40
CA ASP F 310 28.68 -55.99 -15.25
C ASP F 310 27.74 -55.04 -15.97
N LEU F 311 26.55 -55.52 -16.34
CA LEU F 311 25.56 -54.68 -17.02
C LEU F 311 25.00 -53.62 -16.08
N SER F 312 24.65 -54.05 -14.86
CA SER F 312 24.06 -53.14 -13.88
C SER F 312 25.06 -52.08 -13.43
N LEU F 313 26.27 -52.50 -13.08
CA LEU F 313 27.28 -51.55 -12.64
C LEU F 313 27.56 -50.47 -13.70
N ALA F 314 27.71 -50.87 -14.97
CA ALA F 314 28.02 -49.86 -15.99
C ALA F 314 26.89 -48.84 -16.10
N TYR F 315 25.64 -49.29 -15.96
CA TYR F 315 24.51 -48.36 -15.96
C TYR F 315 24.56 -47.43 -14.76
N LEU F 316 24.88 -47.95 -13.57
CA LEU F 316 24.92 -47.06 -12.42
C LEU F 316 25.98 -45.99 -12.63
N LEU F 317 27.16 -46.36 -13.13
CA LEU F 317 28.12 -45.34 -13.51
C LEU F 317 27.48 -44.36 -14.49
N VAL F 318 26.95 -44.88 -15.60
CA VAL F 318 26.41 -43.99 -16.62
C VAL F 318 25.17 -43.27 -16.10
N GLY F 319 24.37 -43.92 -15.26
CA GLY F 319 23.28 -43.22 -14.61
C GLY F 319 23.77 -42.05 -13.78
N LEU F 320 24.80 -42.30 -12.96
CA LEU F 320 25.43 -41.29 -12.13
C LEU F 320 26.16 -40.21 -12.93
N THR F 321 26.88 -40.58 -14.00
CA THR F 321 27.55 -39.54 -14.78
C THR F 321 26.54 -38.54 -15.35
N TYR F 322 25.47 -39.02 -15.98
CA TYR F 322 24.48 -38.07 -16.50
C TYR F 322 23.88 -37.24 -15.37
N LEU F 323 23.53 -37.90 -14.28
CA LEU F 323 22.89 -37.23 -13.15
C LEU F 323 23.84 -36.23 -12.48
N TYR F 324 25.09 -36.61 -12.26
CA TYR F 324 26.07 -35.65 -11.73
C TYR F 324 26.22 -34.41 -12.62
N VAL F 325 26.27 -34.58 -13.94
CA VAL F 325 26.46 -33.42 -14.80
C VAL F 325 25.19 -32.59 -14.92
N GLY F 326 24.03 -33.26 -15.04
CA GLY F 326 22.78 -32.52 -15.11
C GLY F 326 22.45 -31.72 -13.87
N VAL F 327 22.67 -32.29 -12.68
CA VAL F 327 22.41 -31.55 -11.44
C VAL F 327 23.32 -30.33 -11.29
N LEU F 328 24.64 -30.52 -11.41
CA LEU F 328 25.54 -29.38 -11.25
C LEU F 328 25.28 -28.25 -12.24
N ILE F 329 25.08 -28.57 -13.51
CA ILE F 329 24.78 -27.50 -14.46
C ILE F 329 23.46 -26.85 -14.13
N PHE F 330 22.42 -27.64 -13.91
CA PHE F 330 21.13 -27.01 -13.64
C PHE F 330 21.15 -26.27 -12.31
N ALA F 331 21.86 -26.79 -11.31
CA ALA F 331 21.95 -26.14 -10.00
C ALA F 331 22.97 -25.00 -9.94
N ALA F 332 23.71 -24.73 -11.01
CA ALA F 332 24.77 -23.74 -10.96
C ALA F 332 24.59 -22.65 -11.99
N PHE F 333 23.71 -22.85 -12.97
CA PHE F 333 23.48 -21.83 -13.97
C PHE F 333 23.01 -20.62 -13.16
N PRO F 334 23.54 -19.43 -13.42
CA PRO F 334 22.97 -18.24 -12.75
C PRO F 334 21.45 -18.27 -12.83
N SER F 335 20.80 -18.10 -11.68
CA SER F 335 19.35 -18.21 -11.81
C SER F 335 18.63 -16.91 -11.46
N PRO F 336 19.12 -16.05 -10.56
CA PRO F 336 18.35 -14.84 -10.31
C PRO F 336 18.66 -13.73 -11.32
N PRO F 337 19.83 -13.74 -12.04
CA PRO F 337 19.94 -12.78 -13.16
C PRO F 337 19.25 -13.41 -14.35
N LEU F 338 20.05 -14.22 -15.04
CA LEU F 338 19.64 -15.12 -16.11
C LEU F 338 18.63 -16.18 -15.63
N SER F 339 17.54 -16.37 -16.38
CA SER F 339 16.49 -17.30 -15.93
C SER F 339 16.93 -18.75 -16.15
N LYS F 340 16.16 -19.67 -15.58
CA LYS F 340 16.41 -21.10 -15.77
C LYS F 340 16.05 -21.60 -17.16
N GLU F 341 15.03 -21.04 -17.81
CA GLU F 341 14.70 -21.42 -19.18
C GLU F 341 15.93 -21.51 -20.07
N CYS F 342 16.78 -20.48 -20.05
CA CYS F 342 17.89 -20.33 -20.98
C CYS F 342 18.93 -21.45 -20.95
N ILE F 343 18.61 -22.62 -20.39
CA ILE F 343 19.61 -23.67 -20.32
C ILE F 343 20.02 -24.13 -21.72
N GLU F 344 19.13 -23.92 -22.71
CA GLU F 344 19.28 -24.22 -24.14
C GLU F 344 20.26 -25.32 -24.52
N PRO F 345 19.76 -26.48 -25.03
CA PRO F 345 20.61 -27.68 -25.21
C PRO F 345 21.93 -27.41 -25.94
N ASN F 346 22.75 -28.44 -26.15
CA ASN F 346 24.11 -28.31 -26.67
C ASN F 346 24.99 -27.84 -25.53
N PHE F 347 24.37 -27.26 -24.51
CA PHE F 347 25.07 -26.79 -23.33
C PHE F 347 26.26 -25.85 -23.51
N LEU F 348 27.15 -26.10 -24.46
CA LEU F 348 28.16 -25.11 -24.77
C LEU F 348 27.53 -23.89 -25.46
N ASP F 349 26.36 -24.12 -26.05
CA ASP F 349 25.53 -23.16 -26.77
C ASP F 349 25.17 -21.92 -25.97
N ASN F 350 25.16 -22.00 -24.65
CA ASN F 350 24.78 -20.86 -23.82
C ASN F 350 25.94 -20.36 -22.98
N PHE F 351 27.13 -20.63 -23.44
CA PHE F 351 28.41 -20.25 -22.90
C PHE F 351 28.98 -19.26 -23.92
N PRO F 352 29.67 -18.21 -23.46
CA PRO F 352 30.26 -17.19 -24.36
C PRO F 352 30.76 -17.61 -25.73
N SER F 353 30.98 -16.58 -26.55
CA SER F 353 31.43 -16.76 -27.91
C SER F 353 32.83 -17.36 -27.94
N SER F 354 33.66 -17.06 -26.92
CA SER F 354 34.99 -17.64 -26.92
C SER F 354 35.55 -17.78 -25.50
N ASP F 355 35.15 -18.86 -24.83
CA ASP F 355 35.59 -19.15 -23.48
C ASP F 355 36.82 -20.02 -23.75
N ILE F 356 37.91 -19.82 -23.01
CA ILE F 356 39.05 -20.69 -23.25
C ILE F 356 38.83 -22.12 -22.77
N LEU F 357 38.13 -22.32 -21.65
CA LEU F 357 37.78 -23.69 -21.26
C LEU F 357 36.78 -24.32 -22.22
N VAL F 358 35.73 -23.57 -22.58
CA VAL F 358 34.74 -23.99 -23.57
C VAL F 358 35.41 -24.32 -24.91
N PHE F 359 36.35 -23.48 -25.35
CA PHE F 359 37.02 -23.70 -26.63
C PHE F 359 37.75 -25.03 -26.63
N VAL F 360 38.49 -25.31 -25.56
CA VAL F 360 39.23 -26.56 -25.50
C VAL F 360 38.22 -27.72 -25.54
N ALA F 361 37.17 -27.63 -24.72
CA ALA F 361 36.12 -28.64 -24.73
C ALA F 361 35.42 -28.78 -26.08
N ARG F 362 35.16 -27.67 -26.76
CA ARG F 362 34.53 -27.76 -28.09
C ARG F 362 35.42 -28.45 -29.10
N THR F 363 36.72 -28.19 -29.06
CA THR F 363 37.63 -28.78 -30.03
C THR F 363 37.82 -30.28 -29.82
N PHE F 364 37.94 -30.74 -28.57
CA PHE F 364 38.05 -32.19 -28.36
C PHE F 364 36.83 -32.95 -28.89
N LEU F 365 35.63 -32.41 -28.70
CA LEU F 365 34.43 -33.03 -29.27
C LEU F 365 34.50 -33.06 -30.80
N LEU F 366 34.94 -31.97 -31.41
CA LEU F 366 34.97 -31.89 -32.87
C LEU F 366 35.96 -32.89 -33.45
N PHE F 367 37.13 -33.06 -32.84
CA PHE F 367 38.04 -34.10 -33.31
C PHE F 367 37.46 -35.49 -33.02
N GLN F 368 36.85 -35.64 -31.85
CA GLN F 368 36.24 -36.91 -31.49
C GLN F 368 35.13 -37.31 -32.46
N MET F 369 34.29 -36.35 -32.83
CA MET F 369 33.18 -36.60 -33.75
C MET F 369 33.67 -36.82 -35.18
N THR F 370 34.59 -36.01 -35.67
CA THR F 370 35.15 -36.25 -37.00
C THR F 370 35.62 -37.69 -37.17
N THR F 371 36.43 -38.21 -36.25
CA THR F 371 36.89 -39.60 -36.35
C THR F 371 35.78 -40.64 -36.14
N VAL F 372 34.79 -40.35 -35.29
CA VAL F 372 33.63 -41.22 -35.01
C VAL F 372 32.58 -41.34 -36.12
N TYR F 373 32.36 -40.29 -36.92
CA TYR F 373 31.33 -40.33 -37.96
C TYR F 373 31.61 -41.26 -39.15
N PRO F 374 32.85 -41.40 -39.66
CA PRO F 374 33.05 -42.36 -40.75
C PRO F 374 32.77 -43.79 -40.34
N LEU F 375 33.21 -44.18 -39.14
CA LEU F 375 32.90 -45.51 -38.62
C LEU F 375 31.39 -45.70 -38.44
N LEU F 376 30.67 -44.65 -38.05
CA LEU F 376 29.24 -44.83 -37.85
C LEU F 376 28.51 -44.95 -39.19
N GLY F 377 28.90 -44.16 -40.18
CA GLY F 377 28.30 -44.23 -41.50
C GLY F 377 28.81 -45.32 -42.44
N TYR F 378 30.13 -45.35 -42.58
CA TYR F 378 30.88 -46.25 -43.47
C TYR F 378 31.48 -47.40 -42.66
N LEU F 379 30.69 -48.47 -42.51
CA LEU F 379 30.92 -49.62 -41.64
C LEU F 379 29.58 -50.09 -41.09
N VAL F 380 28.64 -49.16 -40.93
CA VAL F 380 27.34 -49.50 -40.38
C VAL F 380 26.24 -49.25 -41.42
N ARG F 381 25.92 -47.99 -41.72
CA ARG F 381 24.84 -47.74 -42.67
C ARG F 381 25.10 -48.41 -44.03
N VAL F 382 26.33 -48.37 -44.52
CA VAL F 382 26.64 -49.00 -45.81
C VAL F 382 26.44 -50.52 -45.75
N GLN F 383 26.91 -51.13 -44.66
CA GLN F 383 26.72 -52.57 -44.44
C GLN F 383 25.24 -52.92 -44.31
N LEU F 384 24.49 -52.18 -43.48
CA LEU F 384 23.11 -52.53 -43.22
C LEU F 384 22.28 -52.46 -44.49
N MET F 385 22.41 -53.51 -45.30
CA MET F 385 21.67 -53.71 -46.54
C MET F 385 21.26 -55.18 -46.59
N GLY F 386 22.23 -56.06 -46.36
CA GLY F 386 22.02 -57.49 -46.37
C GLY F 386 21.03 -58.04 -45.35
N GLN F 387 19.84 -58.40 -45.83
CA GLN F 387 18.79 -59.02 -45.02
C GLN F 387 18.02 -59.96 -45.96
N ILE F 388 18.35 -59.86 -47.24
CA ILE F 388 17.74 -60.56 -48.36
C ILE F 388 18.33 -59.88 -49.59
N PHE F 389 19.05 -58.79 -49.34
CA PHE F 389 19.51 -57.86 -50.37
C PHE F 389 20.82 -58.31 -51.00
N GLY F 390 21.93 -57.86 -50.44
CA GLY F 390 23.22 -58.14 -51.04
C GLY F 390 24.38 -58.15 -50.08
N ASN F 391 25.59 -57.96 -50.61
CA ASN F 391 26.81 -58.05 -49.84
C ASN F 391 26.97 -56.83 -48.94
N HIS F 392 27.91 -56.95 -47.99
CA HIS F 392 28.27 -55.83 -47.13
C HIS F 392 29.29 -54.90 -47.77
N TYR F 393 29.40 -54.91 -49.10
CA TYR F 393 30.25 -54.00 -49.86
C TYR F 393 30.05 -54.22 -51.35
N PRO F 394 28.81 -53.98 -51.89
CA PRO F 394 28.55 -54.23 -53.32
C PRO F 394 29.09 -53.16 -54.25
N GLY F 395 30.40 -52.87 -54.13
CA GLY F 395 31.06 -51.92 -55.00
C GLY F 395 32.02 -51.01 -54.27
N PHE F 396 33.16 -50.69 -54.91
CA PHE F 396 34.14 -49.80 -54.30
C PHE F 396 33.82 -48.33 -54.53
N LEU F 397 33.02 -48.01 -55.56
CA LEU F 397 32.50 -46.67 -55.77
C LEU F 397 30.98 -46.72 -55.94
N HIS F 398 30.36 -47.81 -55.49
CA HIS F 398 28.92 -48.01 -55.50
C HIS F 398 28.25 -47.42 -54.27
N VAL F 399 29.03 -46.87 -53.34
CA VAL F 399 28.52 -46.38 -52.07
C VAL F 399 28.64 -44.86 -52.19
N PHE F 400 27.98 -44.34 -53.22
CA PHE F 400 27.83 -42.92 -53.45
C PHE F 400 26.39 -42.45 -53.36
N VAL F 401 25.42 -43.35 -53.40
CA VAL F 401 24.03 -42.93 -53.38
C VAL F 401 23.45 -42.88 -51.98
N LEU F 402 23.94 -43.69 -51.04
CA LEU F 402 23.45 -43.45 -49.69
C LEU F 402 24.32 -42.46 -48.92
N ASN F 403 25.64 -42.47 -49.14
CA ASN F 403 26.46 -41.47 -48.46
C ASN F 403 26.06 -40.05 -48.84
N VAL F 404 25.61 -39.86 -50.08
CA VAL F 404 25.16 -38.54 -50.52
C VAL F 404 23.90 -38.12 -49.78
N PHE F 405 22.96 -39.05 -49.64
CA PHE F 405 21.71 -38.77 -48.93
C PHE F 405 21.88 -38.57 -47.43
N VAL F 406 22.78 -39.30 -46.77
CA VAL F 406 22.94 -39.06 -45.33
C VAL F 406 23.58 -37.71 -45.07
N VAL F 407 24.67 -37.41 -45.81
CA VAL F 407 25.32 -36.10 -45.69
C VAL F 407 24.36 -34.97 -46.05
N GLY F 408 23.59 -35.13 -47.12
CA GLY F 408 22.68 -34.08 -47.54
C GLY F 408 21.56 -33.83 -46.56
N ALA F 409 20.96 -34.88 -46.02
CA ALA F 409 19.88 -34.68 -45.05
C ALA F 409 20.40 -33.93 -43.83
N GLY F 410 21.52 -34.40 -43.25
CA GLY F 410 22.12 -33.69 -42.14
C GLY F 410 22.61 -32.29 -42.47
N VAL F 411 23.16 -32.09 -43.67
CA VAL F 411 23.59 -30.76 -44.10
C VAL F 411 22.42 -29.77 -44.15
N LEU F 412 21.32 -30.16 -44.78
CA LEU F 412 20.16 -29.27 -44.82
C LEU F 412 19.60 -28.97 -43.44
N MET F 413 19.52 -29.98 -42.56
CA MET F 413 19.06 -29.73 -41.21
C MET F 413 19.91 -28.69 -40.50
N ALA F 414 21.23 -28.92 -40.43
CA ALA F 414 22.09 -27.94 -39.78
C ALA F 414 21.99 -26.56 -40.40
N ARG F 415 21.92 -26.46 -41.74
CA ARG F 415 21.79 -25.12 -42.28
C ARG F 415 20.42 -24.54 -41.93
N PHE F 416 19.39 -25.40 -41.97
CA PHE F 416 18.02 -25.00 -41.63
C PHE F 416 17.87 -24.99 -40.13
N TYR F 417 16.89 -25.79 -39.61
CA TYR F 417 16.48 -25.92 -38.22
C TYR F 417 17.42 -26.78 -37.36
N PRO F 418 18.22 -26.14 -36.49
CA PRO F 418 19.16 -26.82 -35.60
C PRO F 418 18.58 -26.96 -34.20
N ASN F 419 18.41 -28.20 -33.75
CA ASN F 419 17.86 -28.46 -32.42
C ASN F 419 18.50 -29.67 -31.77
N ILE F 420 19.40 -29.41 -30.82
CA ILE F 420 20.09 -30.48 -30.11
C ILE F 420 19.08 -31.43 -29.48
N GLY F 421 17.86 -30.95 -29.30
CA GLY F 421 16.79 -31.75 -28.72
C GLY F 421 15.59 -31.99 -29.60
N SER F 422 15.47 -31.27 -30.73
CA SER F 422 14.39 -31.58 -31.65
C SER F 422 14.62 -32.87 -32.42
N ILE F 423 15.86 -33.38 -32.41
CA ILE F 423 16.17 -34.61 -33.10
C ILE F 423 16.51 -35.76 -32.16
N ILE F 424 17.00 -35.47 -30.96
CA ILE F 424 17.36 -36.54 -30.02
C ILE F 424 16.17 -37.09 -29.26
N ARG F 425 14.95 -36.62 -29.53
CA ARG F 425 13.81 -37.17 -28.83
C ARG F 425 12.67 -37.53 -29.77
N TYR F 426 12.84 -37.34 -31.08
CA TYR F 426 12.15 -38.19 -32.05
C TYR F 426 12.94 -39.46 -32.27
N SER F 427 14.19 -39.33 -32.72
CA SER F 427 15.10 -40.44 -32.95
C SER F 427 14.98 -41.43 -31.81
N GLY F 428 15.51 -41.05 -30.64
CA GLY F 428 15.46 -41.93 -29.48
C GLY F 428 14.06 -42.35 -29.06
N ALA F 429 13.03 -41.71 -29.60
CA ALA F 429 11.66 -42.12 -29.28
C ALA F 429 11.14 -43.13 -30.29
N LEU F 430 11.32 -42.88 -31.59
CA LEU F 430 10.90 -43.88 -32.56
C LEU F 430 11.80 -45.10 -32.48
N CYS F 431 13.10 -44.87 -32.28
CA CYS F 431 14.07 -45.94 -32.10
C CYS F 431 13.77 -46.70 -30.80
N GLY F 432 13.59 -45.94 -29.72
CA GLY F 432 13.31 -46.51 -28.42
C GLY F 432 12.05 -47.35 -28.36
N LEU F 433 10.97 -46.89 -28.98
CA LEU F 433 9.75 -47.69 -28.96
C LEU F 433 10.04 -49.06 -29.57
N ALA F 434 10.76 -49.07 -30.68
CA ALA F 434 11.17 -50.27 -31.38
C ALA F 434 12.01 -51.28 -30.61
N LEU F 435 13.33 -51.12 -30.75
CA LEU F 435 14.32 -51.99 -30.12
C LEU F 435 14.36 -51.89 -28.59
N VAL F 436 14.36 -50.68 -28.04
CA VAL F 436 14.27 -50.52 -26.59
C VAL F 436 13.07 -51.23 -25.96
N PHE F 437 11.84 -50.99 -26.45
CA PHE F 437 10.80 -51.66 -25.66
C PHE F 437 9.85 -52.65 -26.33
N VAL F 438 9.37 -52.40 -27.55
CA VAL F 438 8.46 -53.38 -28.16
C VAL F 438 9.12 -54.72 -28.43
N LEU F 439 10.30 -54.71 -29.02
CA LEU F 439 10.96 -56.00 -29.28
C LEU F 439 11.50 -56.81 -28.12
N PRO F 440 11.94 -56.24 -27.02
CA PRO F 440 12.33 -57.10 -25.89
C PRO F 440 11.13 -57.78 -25.24
N SER F 441 10.11 -56.98 -24.97
CA SER F 441 8.88 -57.54 -24.40
C SER F 441 8.26 -58.59 -25.31
N LEU F 442 8.10 -58.27 -26.61
CA LEU F 442 7.63 -59.25 -27.57
C LEU F 442 8.47 -60.53 -27.63
N ILE F 443 9.80 -60.40 -27.66
CA ILE F 443 10.63 -61.61 -27.73
C ILE F 443 10.49 -62.48 -26.50
N HIS F 444 10.56 -61.90 -25.30
CA HIS F 444 10.29 -62.69 -24.10
C HIS F 444 8.93 -63.38 -24.17
N MET F 445 7.89 -62.62 -24.52
CA MET F 445 6.55 -63.17 -24.65
C MET F 445 6.47 -64.26 -25.72
N VAL F 446 6.92 -63.93 -26.94
CA VAL F 446 6.92 -64.86 -28.06
C VAL F 446 7.71 -66.13 -27.75
N SER F 447 8.84 -66.01 -27.07
CA SER F 447 9.70 -67.17 -26.81
C SER F 447 9.43 -67.80 -25.45
N LEU F 448 8.24 -67.57 -24.89
CA LEU F 448 7.86 -67.98 -23.55
C LEU F 448 7.82 -69.50 -23.44
N LYS F 449 8.24 -70.21 -24.49
CA LYS F 449 8.26 -71.67 -24.51
C LYS F 449 9.18 -72.20 -23.40
N ARG F 455 4.14 -66.22 -16.80
CA ARG F 455 3.20 -66.30 -17.92
C ARG F 455 1.94 -65.51 -17.59
N TRP F 456 1.48 -65.64 -16.34
CA TRP F 456 0.43 -64.81 -15.77
C TRP F 456 0.73 -63.31 -15.79
N THR F 457 1.13 -62.78 -14.63
CA THR F 457 1.50 -61.38 -14.42
C THR F 457 2.69 -60.89 -15.25
N SER F 458 3.48 -61.78 -15.86
CA SER F 458 4.64 -61.34 -16.62
C SER F 458 4.26 -60.54 -17.85
N THR F 459 3.23 -60.98 -18.58
CA THR F 459 2.77 -60.23 -19.75
C THR F 459 2.21 -58.87 -19.35
N LEU F 460 1.37 -58.82 -18.31
CA LEU F 460 0.86 -57.54 -17.84
C LEU F 460 2.00 -56.55 -17.57
N PHE F 461 3.02 -56.97 -16.81
CA PHE F 461 4.17 -56.09 -16.62
C PHE F 461 4.78 -55.71 -17.97
N HIS F 462 4.98 -56.72 -18.82
CA HIS F 462 5.54 -56.53 -20.16
C HIS F 462 4.65 -55.63 -20.99
N GLY F 463 3.33 -55.79 -20.85
CA GLY F 463 2.39 -54.99 -21.61
C GLY F 463 2.52 -53.56 -21.17
N PHE F 464 2.63 -53.35 -19.86
CA PHE F 464 2.88 -52.03 -19.32
C PHE F 464 4.11 -51.42 -20.00
N LEU F 465 5.25 -52.13 -19.97
CA LEU F 465 6.49 -51.59 -20.54
C LEU F 465 6.36 -51.27 -22.04
N ILE F 466 5.71 -52.13 -22.83
CA ILE F 466 5.48 -51.78 -24.23
C ILE F 466 4.63 -50.51 -24.31
N LEU F 467 3.58 -50.46 -23.50
CA LEU F 467 2.72 -49.28 -23.40
C LEU F 467 3.54 -48.03 -23.07
N LEU F 468 4.48 -48.13 -22.13
CA LEU F 468 5.32 -46.98 -21.81
C LEU F 468 6.19 -46.57 -23.00
N GLY F 469 6.70 -47.54 -23.76
CA GLY F 469 7.47 -47.23 -24.96
C GLY F 469 6.71 -46.41 -25.99
N VAL F 470 5.49 -46.84 -26.33
CA VAL F 470 4.65 -46.18 -27.33
C VAL F 470 4.26 -44.77 -26.87
N ALA F 471 4.01 -44.61 -25.56
CA ALA F 471 3.78 -43.30 -24.97
C ALA F 471 4.88 -42.29 -25.30
N ASN F 472 6.15 -42.70 -25.27
CA ASN F 472 7.21 -41.74 -25.62
C ASN F 472 7.06 -41.21 -27.05
N LEU F 473 6.80 -42.07 -28.03
CA LEU F 473 6.60 -41.56 -29.38
C LEU F 473 5.36 -40.67 -29.46
N LEU F 474 4.27 -41.11 -28.83
CA LEU F 474 3.05 -40.30 -28.74
C LEU F 474 3.30 -39.00 -28.00
N GLY F 475 3.96 -39.09 -26.85
CA GLY F 475 4.29 -37.94 -26.04
C GLY F 475 5.04 -36.84 -26.76
N GLN F 476 6.00 -37.21 -27.62
CA GLN F 476 6.72 -36.18 -28.35
C GLN F 476 5.82 -35.42 -29.31
N PHE F 477 4.93 -36.12 -30.02
CA PHE F 477 4.04 -35.43 -30.95
C PHE F 477 3.18 -34.39 -30.26
N PHE F 478 2.63 -34.72 -29.09
CA PHE F 478 1.78 -33.81 -28.34
C PHE F 478 2.61 -32.87 -27.46
N MET F 479 2.40 -31.57 -27.64
CA MET F 479 3.04 -30.56 -26.80
C MET F 479 2.17 -29.31 -26.73
#